data_7EGR
#
_entry.id   7EGR
#
_cell.length_a   206.271
_cell.length_b   135.955
_cell.length_c   132.067
_cell.angle_alpha   90.000
_cell.angle_beta   101.160
_cell.angle_gamma   90.000
#
_symmetry.space_group_name_H-M   'C 1 2 1'
#
loop_
_entity.id
_entity.type
_entity.pdbx_description
1 polymer 'Soluble acetylcholine receptor'
2 polymer 'Soluble acetylcholine receptor'
3 polymer 'Soluble acetylcholine receptor'
4 polymer RgIA
5 non-polymer 'MAGNESIUM ION'
6 water water
#
loop_
_entity_poly.entity_id
_entity_poly.type
_entity_poly.pdbx_seq_one_letter_code
_entity_poly.pdbx_strand_id
1 'polypeptide(L)'
;SQANLMRLKSDLFNRSPMYPGPTKDDPLTVTLGFTLQDIVKVDSSTNEVDLVYYEQQRWKLNSLMWDPNEYGNITDFRTS
AADIWTPDITAYSSTRPVQVLSPQIAVVTHDGSVMFIPAQRLSFMCDPTGVDSEEGVTCAVKFGSWVYSGFEIDLKTDTD
QVDLSSYYASSKYEILSATQTRQVQHYSCCPEPYIDVNLVVKFRER
;
A,D,G,H,I,J
2 'polypeptide(L)'
;QANLMRLKSDLFNRSPMYPGPTKDDPLTVTLGFTLQDIVKVDSSTNEVDLVYYEQQRWKLNSLMWDPNEYGNITDFRTSA
ADIWTPDITAYSSTRPVQVLSPQIAVVTHDGSVMFIPAQRLSFMCDPTGVDSEEGVTCAVKFGSWVYSGFEIDLKTDTDQ
VDLSSYYASSKYEILSATQTRQVQHYSCCPEPYIDVNLVVKFRE
;
B,C
3 'polypeptide(L)'
;SQANLMRLKSDLFNRSPMYPGPTKDDPLTVTLGFTLQDIVKVDSSTNEVDLVYYEQQRWKLNSLMWDPNEYGNITDFRTS
AADIWTPDITAYSSTRPVQVLSPQIAVVTHDGSVMFIPAQRLSFMCDPTGVDSEEGVTCAVKFGSWVYSGFEIDLKTDTD
QVDLSSYYASSKYEILSATQTRQVQHYSCCPEPYIDVNLVVKFRE
;
E,F
4 'polypeptide(L)' GCCSDPRCRYRCR K,L,M,N,O,P,R,Q
#
# COMPACT_ATOMS: atom_id res chain seq x y z
N SER A 1 24.14 52.13 25.68
CA SER A 1 22.84 51.54 25.96
C SER A 1 22.94 50.03 26.01
N GLN A 2 24.13 49.53 26.31
CA GLN A 2 24.32 48.11 26.63
C GLN A 2 24.55 47.87 28.11
N ALA A 3 25.37 48.72 28.75
CA ALA A 3 25.33 48.82 30.20
C ALA A 3 23.96 49.26 30.69
N ASN A 4 23.25 50.09 29.91
CA ASN A 4 21.92 50.52 30.30
C ASN A 4 20.92 49.38 30.21
N LEU A 5 21.01 48.54 29.17
CA LEU A 5 20.08 47.43 29.08
C LEU A 5 20.32 46.40 30.19
N MET A 6 21.59 46.17 30.56
CA MET A 6 21.85 45.30 31.70
C MET A 6 21.24 45.87 32.98
N ARG A 7 21.40 47.18 33.16
CA ARG A 7 20.77 47.86 34.28
C ARG A 7 19.25 47.70 34.24
N LEU A 8 18.65 47.97 33.08
CA LEU A 8 17.20 47.89 32.95
C LEU A 8 16.69 46.51 33.30
N LYS A 9 17.29 45.46 32.72
CA LYS A 9 16.81 44.12 33.01
C LYS A 9 17.04 43.75 34.47
N SER A 10 18.18 44.19 35.03
CA SER A 10 18.43 43.93 36.45
C SER A 10 17.36 44.58 37.31
N ASP A 11 16.99 45.82 37.03
CA ASP A 11 15.95 46.49 37.82
C ASP A 11 14.59 45.82 37.63
N LEU A 12 14.26 45.41 36.41
CA LEU A 12 12.94 44.85 36.19
C LEU A 12 12.80 43.43 36.70
N PHE A 13 13.87 42.65 36.70
CA PHE A 13 13.75 41.22 36.97
C PHE A 13 14.35 40.82 38.32
N ASN A 14 15.64 41.08 38.53
CA ASN A 14 16.30 40.58 39.73
C ASN A 14 15.82 41.29 40.99
N ARG A 15 15.27 42.49 40.84
CA ARG A 15 15.03 43.39 41.98
C ARG A 15 13.56 43.43 42.37
N SER A 16 12.88 42.32 42.16
CA SER A 16 11.44 42.35 42.34
C SER A 16 10.94 40.93 42.52
N PRO A 17 9.86 40.72 43.26
CA PRO A 17 9.23 39.40 43.27
C PRO A 17 8.48 39.18 41.97
N MET A 18 8.35 37.90 41.61
CA MET A 18 7.75 37.55 40.33
C MET A 18 6.28 37.96 40.29
N TYR A 19 5.85 38.45 39.12
CA TYR A 19 4.46 38.79 38.90
C TYR A 19 3.59 37.53 38.95
N PRO A 20 2.51 37.50 39.78
CA PRO A 20 1.83 36.22 40.05
C PRO A 20 0.67 35.90 39.13
N GLY A 21 0.57 36.60 38.00
CA GLY A 21 -0.54 36.43 37.10
C GLY A 21 -1.66 37.40 37.45
N PRO A 22 -2.60 37.57 36.54
CA PRO A 22 -3.70 38.50 36.79
C PRO A 22 -4.65 38.01 37.87
N THR A 23 -5.42 38.94 38.44
CA THR A 23 -6.40 38.64 39.47
C THR A 23 -7.76 39.18 39.07
N LYS A 24 -8.81 38.71 39.76
CA LYS A 24 -10.14 39.29 39.56
C LYS A 24 -10.11 40.79 39.80
N ASP A 25 -9.22 41.25 40.69
CA ASP A 25 -9.11 42.66 41.03
C ASP A 25 -8.33 43.44 40.00
N ASP A 26 -7.24 42.85 39.46
CA ASP A 26 -6.35 43.51 38.51
C ASP A 26 -6.34 42.68 37.23
N PRO A 27 -7.40 42.80 36.42
CA PRO A 27 -7.51 41.92 35.26
C PRO A 27 -6.50 42.29 34.19
N LEU A 28 -6.47 41.45 33.17
CA LEU A 28 -5.50 41.62 32.10
C LEU A 28 -6.20 41.30 30.79
N THR A 29 -5.97 42.14 29.77
CA THR A 29 -6.48 41.88 28.44
C THR A 29 -5.35 41.36 27.56
N VAL A 30 -5.60 40.21 26.91
CA VAL A 30 -4.65 39.63 25.98
C VAL A 30 -5.23 39.75 24.57
N THR A 31 -4.45 40.31 23.65
CA THR A 31 -4.86 40.49 22.27
C THR A 31 -4.26 39.37 21.44
N LEU A 32 -5.10 38.68 20.68
CA LEU A 32 -4.64 37.56 19.89
C LEU A 32 -4.82 37.90 18.42
N GLY A 33 -3.84 37.50 17.62
CA GLY A 33 -3.97 37.56 16.17
C GLY A 33 -3.26 36.38 15.57
N PHE A 34 -3.80 35.90 14.47
CA PHE A 34 -3.21 34.75 13.80
C PHE A 34 -2.69 35.16 12.44
N THR A 35 -1.53 34.61 12.09
CA THR A 35 -0.98 34.68 10.74
C THR A 35 -0.83 33.24 10.26
N LEU A 36 -1.69 32.83 9.34
CA LEU A 36 -1.74 31.45 8.88
C LEU A 36 -0.76 31.25 7.73
N GLN A 37 0.21 30.36 7.93
CA GLN A 37 1.24 30.06 6.93
C GLN A 37 0.92 28.87 6.05
N ASP A 38 0.29 27.84 6.60
CA ASP A 38 0.11 26.61 5.84
C ASP A 38 -0.84 25.65 6.52
N ILE A 39 -1.74 25.07 5.73
CA ILE A 39 -2.42 23.84 6.11
C ILE A 39 -1.55 22.74 5.53
N VAL A 40 -0.68 22.17 6.36
CA VAL A 40 0.32 21.25 5.82
C VAL A 40 -0.23 19.83 5.66
N LYS A 41 -1.31 19.48 6.36
CA LYS A 41 -1.78 18.10 6.32
C LYS A 41 -3.20 17.94 6.84
N VAL A 42 -4.05 17.27 6.06
CA VAL A 42 -5.35 16.76 6.50
C VAL A 42 -5.28 15.24 6.56
N ASP A 43 -5.82 14.65 7.62
CA ASP A 43 -5.86 13.18 7.76
C ASP A 43 -7.31 12.73 7.84
N SER A 44 -7.82 12.12 6.74
CA SER A 44 -9.20 11.69 6.67
C SER A 44 -9.49 10.44 7.49
N SER A 45 -8.48 9.67 7.86
CA SER A 45 -8.74 8.48 8.64
C SER A 45 -8.85 8.76 10.14
N THR A 46 -8.38 9.92 10.62
CA THR A 46 -8.50 10.27 12.03
C THR A 46 -9.21 11.58 12.29
N ASN A 47 -9.56 12.32 11.24
CA ASN A 47 -10.19 13.63 11.37
C ASN A 47 -9.33 14.57 12.20
N GLU A 48 -8.06 14.67 11.79
CA GLU A 48 -7.11 15.65 12.30
C GLU A 48 -6.60 16.49 11.13
N VAL A 49 -6.39 17.77 11.38
CA VAL A 49 -5.77 18.66 10.42
C VAL A 49 -4.60 19.36 11.11
N ASP A 50 -3.53 19.63 10.35
CA ASP A 50 -2.33 20.25 10.88
C ASP A 50 -2.17 21.64 10.28
N LEU A 51 -2.06 22.67 11.15
CA LEU A 51 -1.78 24.04 10.74
C LEU A 51 -0.40 24.47 11.20
N VAL A 52 0.19 25.41 10.45
CA VAL A 52 1.40 26.10 10.84
C VAL A 52 1.05 27.60 10.81
N TYR A 53 1.29 28.29 11.91
CA TYR A 53 0.83 29.67 12.03
C TYR A 53 1.71 30.42 13.02
N TYR A 54 1.64 31.76 12.94
CA TYR A 54 2.16 32.67 13.96
C TYR A 54 1.01 33.15 14.82
N GLU A 55 1.14 32.99 16.12
CA GLU A 55 0.15 33.46 17.06
C GLU A 55 0.70 34.72 17.74
N GLN A 56 0.23 35.89 17.32
CA GLN A 56 0.64 37.13 17.98
C GLN A 56 -0.14 37.31 19.29
N GLN A 57 0.59 37.43 20.40
CA GLN A 57 0.01 37.69 21.71
C GLN A 57 0.53 39.02 22.24
N ARG A 58 -0.37 39.86 22.71
CA ARG A 58 0.02 41.17 23.23
C ARG A 58 -0.75 41.44 24.51
N TRP A 59 -0.03 41.86 25.54
CA TRP A 59 -0.63 42.30 26.80
C TRP A 59 0.28 43.36 27.42
N LYS A 60 -0.13 43.87 28.58
CA LYS A 60 0.52 45.02 29.18
C LYS A 60 0.51 44.85 30.70
N LEU A 61 1.67 45.05 31.33
CA LEU A 61 1.83 44.98 32.79
C LEU A 61 2.47 46.27 33.30
N ASN A 62 1.93 46.79 34.41
CA ASN A 62 2.48 48.01 35.01
C ASN A 62 3.86 47.79 35.61
N SER A 63 4.14 46.59 36.10
CA SER A 63 5.44 46.24 36.66
C SER A 63 6.55 46.12 35.61
N LEU A 64 6.25 46.25 34.31
CA LEU A 64 7.28 46.22 33.27
C LEU A 64 7.54 47.58 32.64
N MET A 65 6.91 48.64 33.15
CA MET A 65 7.17 49.98 32.61
C MET A 65 8.50 50.54 33.13
N TRP A 66 9.03 51.50 32.38
CA TRP A 66 10.23 52.21 32.79
C TRP A 66 10.34 53.50 31.98
N ASP A 67 11.08 54.45 32.55
CA ASP A 67 11.32 55.74 31.93
C ASP A 67 12.53 55.62 31.02
N PRO A 68 12.36 55.72 29.70
CA PRO A 68 13.52 55.62 28.80
C PRO A 68 14.66 56.56 29.14
N ASN A 69 14.36 57.75 29.68
CA ASN A 69 15.42 58.70 30.00
C ASN A 69 16.35 58.19 31.09
N GLU A 70 15.85 57.36 31.99
CA GLU A 70 16.69 56.79 33.02
C GLU A 70 17.51 55.59 32.55
N TYR A 71 17.44 55.22 31.27
CA TYR A 71 18.07 53.99 30.79
C TYR A 71 18.58 54.17 29.36
N GLY A 72 19.32 55.25 29.12
CA GLY A 72 19.95 55.45 27.82
C GLY A 72 18.97 55.58 26.67
N ASN A 73 17.75 56.04 26.96
CA ASN A 73 16.68 56.19 25.96
C ASN A 73 16.36 54.85 25.27
N ILE A 74 16.46 53.76 26.04
CA ILE A 74 15.94 52.48 25.57
C ILE A 74 14.42 52.50 25.66
N THR A 75 13.75 52.21 24.53
CA THR A 75 12.30 52.15 24.52
C THR A 75 11.73 50.73 24.42
N ASP A 76 12.55 49.73 24.11
CA ASP A 76 12.09 48.36 24.10
C ASP A 76 13.28 47.43 24.24
N PHE A 77 13.01 46.16 24.53
CA PHE A 77 14.10 45.19 24.58
C PHE A 77 13.56 43.80 24.36
N ARG A 78 14.44 42.92 23.88
CA ARG A 78 14.13 41.53 23.64
C ARG A 78 14.60 40.73 24.84
N THR A 79 13.80 39.77 25.27
CA THR A 79 14.20 38.95 26.40
C THR A 79 13.55 37.57 26.31
N SER A 80 14.27 36.57 26.83
CA SER A 80 13.75 35.22 26.92
C SER A 80 12.35 35.22 27.53
N ALA A 81 11.45 34.43 26.92
CA ALA A 81 10.08 34.34 27.41
C ALA A 81 10.00 33.80 28.82
N ALA A 82 11.02 33.05 29.26
CA ALA A 82 11.04 32.53 30.62
C ALA A 82 11.28 33.62 31.67
N ASP A 83 11.87 34.76 31.29
CA ASP A 83 12.08 35.85 32.26
C ASP A 83 10.78 36.55 32.66
N ILE A 84 9.70 36.36 31.92
CA ILE A 84 8.46 37.09 32.16
C ILE A 84 7.31 36.10 32.28
N TRP A 85 6.20 36.60 32.81
CA TRP A 85 4.95 35.87 32.79
C TRP A 85 4.37 35.90 31.39
N THR A 86 3.76 34.79 30.98
CA THR A 86 3.08 34.70 29.68
C THR A 86 1.70 34.08 29.89
N PRO A 87 0.72 34.45 29.07
CA PRO A 87 -0.61 33.86 29.21
C PRO A 87 -0.62 32.41 28.74
N ASP A 88 -1.45 31.61 29.39
CA ASP A 88 -1.60 30.17 29.10
C ASP A 88 -2.64 29.91 28.01
N ILE A 89 -2.49 30.58 26.88
CA ILE A 89 -3.45 30.43 25.79
C ILE A 89 -3.30 29.06 25.14
N THR A 90 -4.41 28.34 25.03
CA THR A 90 -4.42 26.95 24.61
C THR A 90 -5.48 26.76 23.54
N ALA A 91 -5.19 25.88 22.57
CA ALA A 91 -6.24 25.36 21.71
C ALA A 91 -7.10 24.37 22.49
N TYR A 92 -8.41 24.49 22.39
CA TYR A 92 -9.25 23.59 23.17
C TYR A 92 -9.46 22.24 22.50
N SER A 93 -9.12 22.06 21.22
CA SER A 93 -9.40 20.80 20.54
C SER A 93 -8.17 20.25 19.84
N SER A 94 -6.98 20.50 20.39
CA SER A 94 -5.77 19.88 19.88
C SER A 94 -5.78 18.37 20.12
N THR A 95 -5.04 17.64 19.29
CA THR A 95 -4.89 16.20 19.46
C THR A 95 -3.45 15.75 19.66
N ARG A 96 -2.49 16.66 19.64
CA ARG A 96 -1.09 16.39 19.89
C ARG A 96 -0.56 17.61 20.64
N PRO A 97 0.52 17.47 21.40
CA PRO A 97 1.13 18.68 21.97
C PRO A 97 1.61 19.58 20.85
N VAL A 98 1.39 20.88 21.03
CA VAL A 98 1.79 21.87 20.04
C VAL A 98 3.31 21.81 19.86
N GLN A 99 3.76 21.94 18.61
CA GLN A 99 5.18 22.01 18.31
C GLN A 99 5.58 23.46 18.09
N VAL A 100 6.61 23.90 18.82
CA VAL A 100 7.09 25.28 18.74
C VAL A 100 8.19 25.38 17.70
N LEU A 101 8.01 26.29 16.75
CA LEU A 101 8.90 26.41 15.59
C LEU A 101 9.81 27.61 15.62
N SER A 102 9.68 28.48 16.61
CA SER A 102 10.41 29.72 16.70
C SER A 102 11.02 29.85 18.09
N PRO A 103 12.03 30.69 18.26
CA PRO A 103 12.62 30.84 19.59
C PRO A 103 11.66 31.54 20.54
N GLN A 104 11.78 31.21 21.82
CA GLN A 104 10.83 31.68 22.83
C GLN A 104 11.32 33.03 23.38
N ILE A 105 11.17 34.06 22.57
CA ILE A 105 11.67 35.39 22.92
C ILE A 105 10.57 36.42 22.70
N ALA A 106 10.47 37.36 23.63
CA ALA A 106 9.44 38.39 23.58
C ALA A 106 10.09 39.77 23.50
N VAL A 107 9.28 40.76 23.13
CA VAL A 107 9.72 42.14 23.07
C VAL A 107 8.88 42.90 24.07
N VAL A 108 9.55 43.60 25.00
CA VAL A 108 8.91 44.38 26.06
C VAL A 108 9.15 45.86 25.77
N THR A 109 8.09 46.65 25.84
CA THR A 109 8.15 48.07 25.52
C THR A 109 7.93 48.88 26.79
N HIS A 110 8.47 50.12 26.79
CA HIS A 110 8.61 50.87 28.05
C HIS A 110 7.28 51.22 28.69
N ASP A 111 6.17 51.20 27.94
CA ASP A 111 4.85 51.38 28.55
C ASP A 111 4.35 50.13 29.30
N GLY A 112 5.17 49.08 29.39
CA GLY A 112 4.74 47.82 29.96
C GLY A 112 4.13 46.83 28.98
N SER A 113 4.06 47.16 27.70
CA SER A 113 3.42 46.26 26.76
C SER A 113 4.40 45.18 26.32
N VAL A 114 3.88 43.96 26.17
CA VAL A 114 4.67 42.82 25.77
C VAL A 114 4.11 42.30 24.46
N MET A 115 5.00 41.98 23.52
CA MET A 115 4.62 41.26 22.32
C MET A 115 5.38 39.95 22.26
N PHE A 116 4.63 38.86 22.06
CA PHE A 116 5.18 37.52 22.00
C PHE A 116 4.55 36.79 20.82
N ILE A 117 5.36 36.30 19.89
CA ILE A 117 4.84 35.73 18.65
C ILE A 117 5.37 34.34 18.38
N PRO A 118 4.80 33.31 19.03
CA PRO A 118 5.24 31.92 18.79
C PRO A 118 4.72 31.35 17.47
N ALA A 119 5.62 30.75 16.71
CA ALA A 119 5.25 29.96 15.55
C ALA A 119 5.00 28.54 16.00
N GLN A 120 3.84 28.00 15.65
CA GLN A 120 3.43 26.69 16.12
C GLN A 120 2.98 25.83 14.96
N ARG A 121 3.09 24.53 15.18
CA ARG A 121 2.38 23.54 14.38
C ARG A 121 1.39 22.83 15.29
N LEU A 122 0.13 22.80 14.86
CA LEU A 122 -0.98 22.35 15.68
C LEU A 122 -1.75 21.28 14.93
N SER A 123 -2.04 20.16 15.62
CA SER A 123 -2.96 19.14 15.14
C SER A 123 -4.28 19.30 15.92
N PHE A 124 -5.39 19.51 15.21
CA PHE A 124 -6.65 19.69 15.91
C PHE A 124 -7.75 18.90 15.22
N MET A 125 -8.86 18.73 15.94
CA MET A 125 -9.99 17.94 15.46
C MET A 125 -10.68 18.65 14.31
N CYS A 126 -10.73 18.00 13.15
CA CYS A 126 -11.39 18.59 12.00
C CYS A 126 -11.70 17.48 10.99
N ASP A 127 -12.96 17.41 10.55
CA ASP A 127 -13.36 16.42 9.58
C ASP A 127 -13.12 16.98 8.18
N PRO A 128 -12.13 16.50 7.44
CA PRO A 128 -11.81 17.11 6.12
C PRO A 128 -12.55 16.50 4.94
N THR A 129 -13.53 15.64 5.19
CA THR A 129 -14.36 15.11 4.11
C THR A 129 -14.96 16.26 3.31
N GLY A 130 -14.72 16.24 2.00
CA GLY A 130 -15.20 17.27 1.11
C GLY A 130 -14.16 18.31 0.72
N VAL A 131 -12.95 18.21 1.27
CA VAL A 131 -11.91 19.21 0.97
C VAL A 131 -11.64 19.28 -0.53
N ASP A 132 -11.82 18.17 -1.26
CA ASP A 132 -11.52 18.12 -2.69
C ASP A 132 -12.69 18.52 -3.56
N SER A 133 -13.64 19.25 -3.02
CA SER A 133 -14.77 19.76 -3.77
C SER A 133 -14.58 21.26 -4.03
N GLU A 134 -15.51 21.84 -4.77
CA GLU A 134 -15.43 23.29 -4.97
C GLU A 134 -15.84 24.03 -3.72
N GLU A 135 -16.68 23.39 -2.88
CA GLU A 135 -17.16 24.02 -1.66
C GLU A 135 -16.14 23.93 -0.53
N GLY A 136 -15.30 22.90 -0.54
CA GLY A 136 -14.30 22.78 0.50
C GLY A 136 -14.96 22.45 1.83
N VAL A 137 -14.14 22.39 2.87
CA VAL A 137 -14.59 22.09 4.22
C VAL A 137 -14.36 23.30 5.11
N THR A 138 -14.97 23.29 6.28
CA THR A 138 -14.79 24.36 7.24
C THR A 138 -14.26 23.75 8.52
N CYS A 139 -13.20 24.32 9.08
CA CYS A 139 -12.73 23.86 10.37
C CYS A 139 -12.55 25.03 11.32
N ALA A 140 -12.58 24.68 12.60
CA ALA A 140 -12.66 25.66 13.66
C ALA A 140 -11.98 25.10 14.90
N VAL A 141 -11.27 25.97 15.60
CA VAL A 141 -10.66 25.61 16.87
C VAL A 141 -10.70 26.85 17.74
N LYS A 142 -11.16 26.69 18.97
CA LYS A 142 -11.21 27.78 19.92
C LYS A 142 -9.91 27.88 20.71
N PHE A 143 -9.49 29.11 20.96
CA PHE A 143 -8.31 29.39 21.78
C PHE A 143 -8.73 30.18 23.01
N GLY A 144 -8.14 29.83 24.14
CA GLY A 144 -8.38 30.61 25.34
C GLY A 144 -7.43 30.18 26.44
N SER A 145 -7.58 30.85 27.59
CA SER A 145 -6.85 30.45 28.77
C SER A 145 -7.37 29.12 29.28
N TRP A 146 -6.48 28.32 29.85
CA TRP A 146 -6.91 27.04 30.40
C TRP A 146 -7.49 27.18 31.80
N VAL A 147 -6.99 28.08 32.63
CA VAL A 147 -7.39 28.15 34.04
C VAL A 147 -8.01 29.49 34.42
N TYR A 148 -7.97 30.51 33.59
CA TYR A 148 -8.48 31.81 33.96
C TYR A 148 -9.81 32.06 33.28
N SER A 149 -10.80 32.53 34.05
CA SER A 149 -12.05 33.03 33.51
C SER A 149 -11.85 34.42 32.92
N GLY A 150 -12.92 34.96 32.33
CA GLY A 150 -12.90 36.31 31.80
C GLY A 150 -12.79 37.39 32.85
N PHE A 151 -13.00 37.05 34.13
CA PHE A 151 -12.76 38.03 35.19
C PHE A 151 -11.29 38.33 35.37
N GLU A 152 -10.41 37.42 34.95
CA GLU A 152 -8.98 37.61 35.13
C GLU A 152 -8.23 37.85 33.84
N ILE A 153 -8.61 37.16 32.76
CA ILE A 153 -7.99 37.31 31.45
C ILE A 153 -9.12 37.55 30.44
N ASP A 154 -9.15 38.74 29.86
CA ASP A 154 -10.04 39.05 28.76
C ASP A 154 -9.27 38.91 27.45
N LEU A 155 -9.97 38.46 26.42
CA LEU A 155 -9.38 38.27 25.11
C LEU A 155 -10.01 39.24 24.13
N LYS A 156 -9.22 39.72 23.18
CA LYS A 156 -9.73 40.51 22.09
C LYS A 156 -8.85 40.25 20.88
N THR A 157 -9.33 40.65 19.71
CA THR A 157 -8.56 40.61 18.48
C THR A 157 -8.59 42.00 17.88
N ASP A 158 -7.49 42.39 17.22
CA ASP A 158 -7.47 43.71 16.58
C ASP A 158 -8.27 43.71 15.30
N THR A 159 -8.61 42.53 14.79
CA THR A 159 -9.34 42.39 13.54
C THR A 159 -9.88 40.97 13.50
N ASP A 160 -11.01 40.81 12.85
CA ASP A 160 -11.60 39.48 12.69
C ASP A 160 -11.04 38.73 11.49
N GLN A 161 -10.17 39.36 10.70
CA GLN A 161 -9.55 38.75 9.53
C GLN A 161 -8.20 38.11 9.89
N VAL A 162 -8.06 36.82 9.60
CA VAL A 162 -6.77 36.18 9.77
C VAL A 162 -5.79 36.74 8.75
N ASP A 163 -4.56 36.98 9.18
CA ASP A 163 -3.53 37.43 8.27
C ASP A 163 -3.13 36.28 7.34
N LEU A 164 -3.50 36.41 6.06
CA LEU A 164 -3.21 35.43 5.03
C LEU A 164 -2.06 35.84 4.12
N SER A 165 -1.41 36.96 4.41
CA SER A 165 -0.41 37.50 3.49
C SER A 165 0.92 36.76 3.53
N SER A 166 1.09 35.78 4.43
CA SER A 166 2.25 34.90 4.41
C SER A 166 1.87 33.47 4.07
N TYR A 167 0.65 33.25 3.60
CA TYR A 167 0.22 31.88 3.35
C TYR A 167 1.00 31.30 2.19
N TYR A 168 1.63 30.15 2.43
CA TYR A 168 2.36 29.40 1.43
C TYR A 168 1.58 29.30 0.14
N ALA A 169 2.04 29.97 -0.92
CA ALA A 169 1.27 30.00 -2.16
C ALA A 169 1.28 28.68 -2.91
N SER A 170 2.12 27.72 -2.52
CA SER A 170 2.11 26.41 -3.16
C SER A 170 1.62 25.32 -2.21
N SER A 171 0.91 25.69 -1.15
CA SER A 171 0.22 24.72 -0.31
C SER A 171 -0.67 23.79 -1.13
N LYS A 172 -0.80 22.55 -0.66
CA LYS A 172 -1.81 21.65 -1.22
C LYS A 172 -3.21 22.22 -1.03
N TYR A 173 -3.38 23.15 -0.09
CA TYR A 173 -4.70 23.67 0.24
C TYR A 173 -4.75 25.18 0.00
N GLU A 174 -5.90 25.62 -0.49
CA GLU A 174 -6.19 27.03 -0.72
C GLU A 174 -7.20 27.53 0.31
N ILE A 175 -6.95 28.70 0.89
CA ILE A 175 -7.81 29.23 1.93
C ILE A 175 -8.94 30.00 1.27
N LEU A 176 -10.19 29.62 1.57
CA LEU A 176 -11.33 30.37 1.05
C LEU A 176 -11.73 31.50 1.98
N SER A 177 -11.63 31.28 3.29
CA SER A 177 -11.85 32.34 4.26
C SER A 177 -11.25 31.91 5.58
N ALA A 178 -10.85 32.90 6.37
CA ALA A 178 -10.18 32.65 7.65
C ALA A 178 -10.50 33.82 8.56
N THR A 179 -11.26 33.55 9.61
CA THR A 179 -11.62 34.59 10.57
C THR A 179 -11.19 34.16 11.97
N GLN A 180 -10.98 35.17 12.81
CA GLN A 180 -10.65 35.01 14.23
C GLN A 180 -11.65 35.88 15.00
N THR A 181 -12.50 35.27 15.82
CA THR A 181 -13.62 35.99 16.42
C THR A 181 -13.69 35.75 17.93
N ARG A 182 -13.88 36.81 18.69
CA ARG A 182 -14.04 36.70 20.13
C ARG A 182 -15.43 36.18 20.47
N GLN A 183 -15.49 35.26 21.42
CA GLN A 183 -16.73 34.61 21.86
C GLN A 183 -16.85 34.67 23.38
N VAL A 184 -18.07 34.93 23.85
CA VAL A 184 -18.37 35.01 25.27
C VAL A 184 -19.42 33.96 25.57
N GLN A 185 -19.10 33.03 26.44
CA GLN A 185 -20.09 32.12 27.00
C GLN A 185 -20.40 32.54 28.43
N HIS A 186 -21.62 32.31 28.84
CA HIS A 186 -22.01 32.40 30.23
C HIS A 186 -22.64 31.08 30.66
N TYR A 187 -22.63 30.84 31.97
CA TYR A 187 -23.32 29.70 32.55
C TYR A 187 -24.27 30.20 33.63
N SER A 188 -25.23 29.33 33.99
CA SER A 188 -26.31 29.74 34.88
C SER A 188 -25.83 30.01 36.31
N CYS A 189 -24.82 29.26 36.78
CA CYS A 189 -24.50 29.28 38.20
C CYS A 189 -23.75 30.54 38.57
N CYS A 190 -23.04 31.08 37.58
CA CYS A 190 -21.69 31.62 37.66
C CYS A 190 -21.62 32.97 36.95
N PRO A 191 -21.22 34.03 37.64
CA PRO A 191 -21.29 35.35 36.99
C PRO A 191 -20.21 35.61 35.96
N GLU A 192 -19.15 34.82 35.91
CA GLU A 192 -18.04 35.14 35.05
C GLU A 192 -18.40 34.88 33.59
N PRO A 193 -17.94 35.73 32.68
CA PRO A 193 -17.88 35.35 31.28
C PRO A 193 -16.69 34.43 31.05
N TYR A 194 -16.85 33.53 30.10
CA TYR A 194 -15.76 32.68 29.65
C TYR A 194 -15.50 33.04 28.20
N ILE A 195 -14.28 33.45 27.91
CA ILE A 195 -13.91 34.09 26.65
C ILE A 195 -13.03 33.14 25.85
N ASP A 196 -13.25 33.10 24.54
CA ASP A 196 -12.34 32.41 23.65
C ASP A 196 -12.23 33.19 22.35
N VAL A 197 -11.20 32.89 21.56
CA VAL A 197 -11.10 33.36 20.19
C VAL A 197 -11.32 32.16 19.30
N ASN A 198 -12.33 32.24 18.44
CA ASN A 198 -12.70 31.15 17.54
C ASN A 198 -12.02 31.36 16.19
N LEU A 199 -11.08 30.48 15.85
CA LEU A 199 -10.42 30.49 14.55
C LEU A 199 -11.22 29.59 13.61
N VAL A 200 -11.65 30.13 12.48
CA VAL A 200 -12.52 29.42 11.53
C VAL A 200 -11.91 29.54 10.14
N VAL A 201 -11.50 28.41 9.57
CA VAL A 201 -10.81 28.39 8.29
C VAL A 201 -11.61 27.52 7.33
N LYS A 202 -12.02 28.10 6.20
CA LYS A 202 -12.65 27.39 5.10
C LYS A 202 -11.62 27.19 3.99
N PHE A 203 -11.47 25.95 3.54
CA PHE A 203 -10.37 25.62 2.63
C PHE A 203 -10.75 24.44 1.75
N ARG A 204 -10.00 24.30 0.66
CA ARG A 204 -10.21 23.22 -0.30
C ARG A 204 -8.87 22.93 -0.96
N GLU A 205 -8.81 21.83 -1.70
CA GLU A 205 -7.59 21.50 -2.43
C GLU A 205 -7.35 22.50 -3.56
N ARG A 206 -6.08 22.81 -3.82
CA ARG A 206 -5.74 23.86 -4.78
C ARG A 206 -6.05 23.39 -6.20
N GLN B 1 -1.89 42.18 42.86
CA GLN B 1 -0.60 41.51 42.86
C GLN B 1 -0.02 41.45 44.25
N ALA B 2 -0.08 42.59 44.96
CA ALA B 2 0.60 42.70 46.24
C ALA B 2 0.12 41.64 47.22
N ASN B 3 -1.20 41.51 47.37
CA ASN B 3 -1.72 40.49 48.27
C ASN B 3 -1.38 39.09 47.77
N LEU B 4 -1.59 38.85 46.47
CA LEU B 4 -1.36 37.51 45.95
C LEU B 4 0.11 37.13 46.09
N MET B 5 1.02 38.06 45.80
CA MET B 5 2.44 37.79 45.96
C MET B 5 2.78 37.41 47.40
N ARG B 6 2.19 38.14 48.36
CA ARG B 6 2.35 37.80 49.78
C ARG B 6 1.89 36.38 50.07
N LEU B 7 0.64 36.06 49.71
CA LEU B 7 0.09 34.72 49.94
C LEU B 7 0.99 33.64 49.37
N LYS B 8 1.34 33.76 48.09
CA LYS B 8 2.15 32.72 47.45
C LYS B 8 3.46 32.54 48.18
N SER B 9 4.10 33.65 48.56
CA SER B 9 5.35 33.55 49.31
C SER B 9 5.12 32.92 50.69
N ASP B 10 4.00 33.23 51.34
CA ASP B 10 3.71 32.59 52.62
C ASP B 10 3.47 31.08 52.47
N LEU B 11 2.78 30.66 51.41
CA LEU B 11 2.47 29.24 51.26
C LEU B 11 3.64 28.42 50.71
N PHE B 12 4.50 29.01 49.89
CA PHE B 12 5.47 28.26 49.09
C PHE B 12 6.93 28.52 49.45
N ASN B 13 7.27 29.68 50.00
CA ASN B 13 8.66 29.96 50.33
C ASN B 13 8.96 29.79 51.81
N ARG B 14 7.93 29.74 52.64
CA ARG B 14 8.09 29.73 54.08
C ARG B 14 8.16 28.36 54.67
N SER B 15 7.84 27.36 53.87
CA SER B 15 7.48 26.07 54.40
C SER B 15 8.30 25.01 53.68
N PRO B 16 8.51 23.86 54.30
CA PRO B 16 8.99 22.70 53.56
C PRO B 16 7.87 22.18 52.67
N MET B 17 8.25 21.65 51.51
CA MET B 17 7.25 21.10 50.60
C MET B 17 6.50 19.97 51.29
N TYR B 18 5.22 19.86 50.98
CA TYR B 18 4.42 18.73 51.42
C TYR B 18 5.08 17.45 50.91
N PRO B 19 5.31 16.45 51.78
CA PRO B 19 6.05 15.25 51.35
C PRO B 19 5.18 14.16 50.75
N GLY B 20 3.92 14.45 50.42
CA GLY B 20 3.03 13.43 49.95
C GLY B 20 2.26 12.87 51.13
N PRO B 21 1.22 12.09 50.85
CA PRO B 21 0.39 11.57 51.92
C PRO B 21 1.09 10.45 52.69
N THR B 22 0.59 10.20 53.90
CA THR B 22 1.11 9.14 54.76
C THR B 22 -0.06 8.35 55.35
N LYS B 23 0.27 7.22 55.99
CA LYS B 23 -0.76 6.42 56.64
C LYS B 23 -1.47 7.19 57.74
N ASP B 24 -0.76 8.09 58.43
CA ASP B 24 -1.37 8.89 59.49
C ASP B 24 -1.96 10.20 58.99
N ASP B 25 -1.58 10.67 57.81
CA ASP B 25 -2.21 11.81 57.15
C ASP B 25 -2.61 11.41 55.74
N PRO B 26 -3.65 10.59 55.61
CA PRO B 26 -4.03 10.10 54.28
C PRO B 26 -4.78 11.16 53.49
N LEU B 27 -5.04 10.82 52.23
CA LEU B 27 -5.49 11.81 51.28
C LEU B 27 -6.48 11.16 50.31
N THR B 28 -7.61 11.84 50.04
CA THR B 28 -8.56 11.39 49.01
C THR B 28 -8.42 12.25 47.76
N VAL B 29 -8.22 11.60 46.61
CA VAL B 29 -8.23 12.25 45.30
C VAL B 29 -9.53 11.91 44.58
N THR B 30 -10.25 12.94 44.14
CA THR B 30 -11.44 12.80 43.32
C THR B 30 -11.07 12.92 41.84
N LEU B 31 -11.48 11.93 41.04
CA LEU B 31 -11.20 11.92 39.61
C LEU B 31 -12.50 11.95 38.82
N GLY B 32 -12.46 12.63 37.68
CA GLY B 32 -13.50 12.52 36.68
C GLY B 32 -12.90 12.73 35.32
N PHE B 33 -13.55 12.19 34.29
CA PHE B 33 -13.05 12.30 32.93
C PHE B 33 -14.04 13.03 32.03
N THR B 34 -13.49 13.90 31.19
CA THR B 34 -14.23 14.56 30.12
C THR B 34 -13.62 14.03 28.82
N LEU B 35 -14.33 13.14 28.16
CA LEU B 35 -13.83 12.51 26.95
C LEU B 35 -14.10 13.45 25.77
N GLN B 36 -13.03 13.80 25.03
CA GLN B 36 -13.09 14.71 23.88
C GLN B 36 -13.14 13.99 22.54
N ASP B 37 -12.43 12.88 22.40
CA ASP B 37 -12.29 12.26 21.07
C ASP B 37 -11.60 10.91 21.16
N ILE B 38 -12.17 9.90 20.52
CA ILE B 38 -11.43 8.69 20.19
C ILE B 38 -10.78 8.99 18.85
N VAL B 39 -9.47 9.21 18.85
CA VAL B 39 -8.79 9.78 17.70
C VAL B 39 -8.36 8.73 16.69
N LYS B 40 -7.94 7.56 17.16
CA LYS B 40 -7.35 6.58 16.27
C LYS B 40 -7.48 5.19 16.90
N VAL B 41 -7.82 4.21 16.07
CA VAL B 41 -7.78 2.79 16.41
C VAL B 41 -6.70 2.16 15.55
N ASP B 42 -6.02 1.15 16.10
CA ASP B 42 -4.96 0.47 15.37
C ASP B 42 -5.17 -1.03 15.58
N SER B 43 -5.63 -1.72 14.54
CA SER B 43 -5.92 -3.13 14.68
C SER B 43 -4.72 -4.02 14.36
N SER B 44 -3.59 -3.46 13.92
CA SER B 44 -2.37 -4.26 13.85
C SER B 44 -1.74 -4.48 15.22
N THR B 45 -2.03 -3.61 16.19
CA THR B 45 -1.36 -3.65 17.48
C THR B 45 -2.33 -3.60 18.67
N ASN B 46 -3.63 -3.47 18.42
CA ASN B 46 -4.66 -3.34 19.46
C ASN B 46 -4.33 -2.20 20.43
N GLU B 47 -4.18 -1.00 19.86
CA GLU B 47 -4.02 0.26 20.58
C GLU B 47 -5.08 1.23 20.09
N VAL B 48 -5.70 1.94 21.03
CA VAL B 48 -6.64 3.02 20.74
C VAL B 48 -6.11 4.29 21.39
N ASP B 49 -6.30 5.43 20.73
CA ASP B 49 -5.87 6.73 21.24
C ASP B 49 -7.07 7.57 21.65
N LEU B 50 -7.11 7.97 22.91
CA LEU B 50 -8.14 8.88 23.41
C LEU B 50 -7.56 10.27 23.68
N VAL B 51 -8.42 11.28 23.61
CA VAL B 51 -8.11 12.61 24.10
C VAL B 51 -9.15 12.97 25.13
N TYR B 52 -8.71 13.37 26.33
CA TYR B 52 -9.66 13.66 27.39
C TYR B 52 -9.09 14.72 28.32
N TYR B 53 -9.98 15.34 29.08
CA TYR B 53 -9.58 16.09 30.26
C TYR B 53 -9.76 15.17 31.45
N GLU B 54 -8.76 15.16 32.33
CA GLU B 54 -8.80 14.40 33.58
C GLU B 54 -8.83 15.42 34.73
N GLN B 55 -9.96 15.50 35.40
CA GLN B 55 -10.13 16.40 36.54
C GLN B 55 -9.68 15.68 37.80
N GLN B 56 -8.70 16.27 38.51
CA GLN B 56 -8.25 15.79 39.80
C GLN B 56 -8.49 16.85 40.87
N ARG B 57 -8.97 16.41 42.03
CA ARG B 57 -9.25 17.31 43.13
C ARG B 57 -8.81 16.68 44.44
N TRP B 58 -8.29 17.51 45.35
CA TRP B 58 -7.85 17.04 46.66
C TRP B 58 -7.63 18.26 47.56
N LYS B 59 -7.35 17.99 48.81
CA LYS B 59 -7.38 19.04 49.82
C LYS B 59 -6.19 18.85 50.76
N LEU B 60 -5.42 19.92 50.97
CA LEU B 60 -4.25 19.90 51.82
C LEU B 60 -4.41 20.97 52.89
N ASN B 61 -4.18 20.59 54.15
CA ASN B 61 -4.23 21.58 55.22
C ASN B 61 -3.17 22.68 54.99
N SER B 62 -1.95 22.27 54.64
CA SER B 62 -0.85 23.19 54.38
C SER B 62 -1.16 24.24 53.29
N LEU B 63 -2.27 24.14 52.58
CA LEU B 63 -2.61 25.15 51.58
C LEU B 63 -3.77 26.04 51.99
N MET B 64 -4.28 25.87 53.22
CA MET B 64 -5.34 26.74 53.70
C MET B 64 -4.81 28.14 53.99
N TRP B 65 -5.72 29.12 53.92
CA TRP B 65 -5.41 30.47 54.36
C TRP B 65 -6.71 31.18 54.65
N ASP B 66 -6.58 32.22 55.48
CA ASP B 66 -7.68 33.09 55.87
C ASP B 66 -7.77 34.22 54.84
N PRO B 67 -8.85 34.32 54.06
CA PRO B 67 -8.90 35.37 53.03
C PRO B 67 -8.84 36.79 53.60
N ASN B 68 -9.19 36.98 54.87
CA ASN B 68 -9.16 38.32 55.44
C ASN B 68 -7.73 38.86 55.60
N GLU B 69 -6.77 37.95 55.81
CA GLU B 69 -5.37 38.32 55.94
C GLU B 69 -4.70 38.56 54.59
N TYR B 70 -5.44 38.45 53.47
CA TYR B 70 -4.81 38.44 52.15
C TYR B 70 -5.72 39.13 51.13
N GLY B 71 -6.28 40.27 51.52
CA GLY B 71 -7.04 41.08 50.60
C GLY B 71 -8.28 40.42 50.05
N ASN B 72 -8.90 39.52 50.83
CA ASN B 72 -10.11 38.83 50.44
C ASN B 72 -9.91 37.87 49.28
N ILE B 73 -8.66 37.47 49.00
CA ILE B 73 -8.40 36.47 47.97
C ILE B 73 -8.94 35.10 48.43
N THR B 74 -9.75 34.47 47.59
CA THR B 74 -10.36 33.18 47.90
C THR B 74 -9.79 32.03 47.11
N ASP B 75 -9.00 32.31 46.09
CA ASP B 75 -8.41 31.31 45.23
C ASP B 75 -7.34 31.98 44.38
N PHE B 76 -6.43 31.17 43.87
CA PHE B 76 -5.46 31.69 42.93
C PHE B 76 -5.02 30.55 42.03
N ARG B 77 -4.46 30.94 40.89
CA ARG B 77 -3.89 30.01 39.93
C ARG B 77 -2.38 29.97 40.14
N THR B 78 -1.81 28.79 39.90
CA THR B 78 -0.39 28.60 40.14
C THR B 78 0.10 27.39 39.35
N SER B 79 1.39 27.42 39.00
CA SER B 79 1.99 26.32 38.28
C SER B 79 1.96 25.05 39.13
N ALA B 80 1.60 23.93 38.48
CA ALA B 80 1.60 22.63 39.14
C ALA B 80 2.98 22.23 39.66
N ALA B 81 4.08 22.77 39.12
CA ALA B 81 5.39 22.56 39.73
C ALA B 81 5.51 23.18 41.12
N ASP B 82 4.67 24.16 41.46
CA ASP B 82 4.74 24.78 42.78
C ASP B 82 4.19 23.89 43.88
N ILE B 83 3.41 22.86 43.54
CA ILE B 83 2.69 22.10 44.55
C ILE B 83 2.91 20.62 44.30
N TRP B 84 2.51 19.82 45.27
CA TRP B 84 2.49 18.38 45.10
C TRP B 84 1.28 18.00 44.24
N THR B 85 1.47 17.02 43.34
CA THR B 85 0.34 16.48 42.60
C THR B 85 0.36 14.96 42.70
N PRO B 86 -0.81 14.31 42.66
CA PRO B 86 -0.82 12.85 42.77
C PRO B 86 -0.37 12.19 41.48
N ASP B 87 0.30 11.05 41.63
CA ASP B 87 0.83 10.25 40.52
C ASP B 87 -0.22 9.33 39.90
N ILE B 88 -1.35 9.90 39.48
CA ILE B 88 -2.41 9.08 38.88
C ILE B 88 -1.92 8.60 37.51
N THR B 89 -1.93 7.29 37.30
CA THR B 89 -1.38 6.69 36.09
C THR B 89 -2.40 5.75 35.47
N ALA B 90 -2.48 5.77 34.15
CA ALA B 90 -3.16 4.69 33.43
C ALA B 90 -2.32 3.40 33.51
N TYR B 91 -2.96 2.28 33.84
CA TYR B 91 -2.24 1.02 34.07
C TYR B 91 -2.01 0.21 32.80
N SER B 92 -2.61 0.55 31.67
CA SER B 92 -2.36 -0.25 30.48
C SER B 92 -2.07 0.64 29.28
N SER B 93 -1.38 1.75 29.51
CA SER B 93 -0.92 2.58 28.39
C SER B 93 0.22 1.88 27.66
N THR B 94 0.37 2.23 26.38
CA THR B 94 1.42 1.66 25.55
C THR B 94 2.41 2.69 25.02
N ARG B 95 2.24 3.97 25.35
CA ARG B 95 3.15 5.07 25.03
C ARG B 95 3.09 6.06 26.18
N PRO B 96 4.14 6.84 26.40
CA PRO B 96 4.03 7.91 27.41
C PRO B 96 2.88 8.84 27.07
N VAL B 97 2.13 9.23 28.10
CA VAL B 97 0.98 10.10 27.85
C VAL B 97 1.45 11.46 27.33
N GLN B 98 0.73 12.01 26.38
CA GLN B 98 1.03 13.34 25.87
C GLN B 98 0.17 14.38 26.57
N VAL B 99 0.81 15.39 27.13
CA VAL B 99 0.12 16.47 27.82
C VAL B 99 -0.25 17.56 26.84
N LEU B 100 -1.52 17.92 26.82
CA LEU B 100 -2.00 18.90 25.84
C LEU B 100 -2.31 20.26 26.44
N SER B 101 -2.16 20.45 27.74
CA SER B 101 -2.65 21.65 28.37
C SER B 101 -1.58 22.21 29.30
N PRO B 102 -1.64 23.52 29.59
CA PRO B 102 -0.65 24.11 30.49
C PRO B 102 -0.75 23.50 31.87
N GLN B 103 0.40 23.25 32.48
CA GLN B 103 0.45 22.59 33.79
C GLN B 103 0.16 23.60 34.90
N ILE B 104 -1.11 24.00 35.00
CA ILE B 104 -1.53 24.99 35.97
C ILE B 104 -2.74 24.48 36.76
N ALA B 105 -2.75 24.75 38.06
CA ALA B 105 -3.79 24.32 38.99
C ALA B 105 -4.46 25.51 39.66
N VAL B 106 -5.62 25.27 40.28
CA VAL B 106 -6.34 26.30 41.02
C VAL B 106 -6.45 25.88 42.47
N VAL B 107 -6.03 26.76 43.38
CA VAL B 107 -6.02 26.50 44.81
C VAL B 107 -7.03 27.44 45.46
N THR B 108 -7.82 26.90 46.38
CA THR B 108 -8.84 27.62 47.12
C THR B 108 -8.45 27.70 48.60
N HIS B 109 -8.97 28.71 49.30
CA HIS B 109 -8.48 29.05 50.62
C HIS B 109 -8.69 27.95 51.67
N ASP B 110 -9.58 26.99 51.41
CA ASP B 110 -9.76 25.86 52.31
C ASP B 110 -8.80 24.71 52.04
N GLY B 111 -7.84 24.88 51.14
CA GLY B 111 -6.84 23.87 50.85
C GLY B 111 -7.14 23.00 49.66
N SER B 112 -8.21 23.30 48.92
CA SER B 112 -8.62 22.47 47.80
C SER B 112 -7.81 22.84 46.57
N VAL B 113 -7.34 21.81 45.88
CA VAL B 113 -6.63 21.97 44.63
C VAL B 113 -7.47 21.34 43.53
N MET B 114 -7.56 22.03 42.41
CA MET B 114 -8.22 21.53 41.21
C MET B 114 -7.18 21.57 40.11
N PHE B 115 -6.95 20.43 39.48
CA PHE B 115 -5.93 20.28 38.46
C PHE B 115 -6.54 19.46 37.32
N ILE B 116 -6.50 20.00 36.10
CA ILE B 116 -7.21 19.39 34.98
C ILE B 116 -6.29 19.24 33.76
N PRO B 117 -5.37 18.28 33.78
CA PRO B 117 -4.54 18.04 32.59
C PRO B 117 -5.32 17.41 31.46
N ALA B 118 -5.19 17.99 30.26
CA ALA B 118 -5.66 17.36 29.04
C ALA B 118 -4.59 16.40 28.51
N GLN B 119 -5.01 15.21 28.10
CA GLN B 119 -4.05 14.19 27.68
C GLN B 119 -4.52 13.44 26.45
N ARG B 120 -3.55 13.03 25.64
CA ARG B 120 -3.75 11.99 24.62
C ARG B 120 -3.09 10.71 25.11
N LEU B 121 -3.89 9.65 25.25
CA LEU B 121 -3.44 8.36 25.77
C LEU B 121 -3.55 7.27 24.70
N SER B 122 -2.49 6.49 24.55
CA SER B 122 -2.50 5.24 23.80
C SER B 122 -2.56 4.08 24.78
N PHE B 123 -3.57 3.22 24.66
CA PHE B 123 -3.69 2.12 25.60
C PHE B 123 -4.19 0.87 24.88
N MET B 124 -4.08 -0.26 25.59
CA MET B 124 -4.38 -1.57 25.01
C MET B 124 -5.88 -1.73 24.85
N CYS B 125 -6.30 -1.96 23.61
CA CYS B 125 -7.70 -2.11 23.32
C CYS B 125 -7.86 -2.79 21.97
N ASP B 126 -8.66 -3.84 21.91
CA ASP B 126 -8.90 -4.56 20.67
C ASP B 126 -10.08 -3.93 19.95
N PRO B 127 -9.86 -3.23 18.83
CA PRO B 127 -10.95 -2.54 18.13
C PRO B 127 -11.74 -3.40 17.13
N THR B 128 -11.53 -4.71 17.11
CA THR B 128 -12.28 -5.57 16.21
C THR B 128 -13.76 -5.43 16.46
N GLY B 129 -14.52 -5.17 15.40
CA GLY B 129 -15.95 -4.99 15.50
C GLY B 129 -16.42 -3.57 15.69
N VAL B 130 -15.52 -2.59 15.64
CA VAL B 130 -15.94 -1.22 15.88
C VAL B 130 -16.84 -0.73 14.76
N ASP B 131 -16.78 -1.36 13.59
CA ASP B 131 -17.61 -1.01 12.44
C ASP B 131 -18.94 -1.77 12.42
N SER B 132 -19.44 -2.20 13.57
CA SER B 132 -20.72 -2.88 13.67
C SER B 132 -21.70 -2.03 14.47
N GLU B 133 -22.99 -2.40 14.38
CA GLU B 133 -24.00 -1.74 15.19
C GLU B 133 -23.65 -1.83 16.67
N GLU B 134 -23.10 -2.96 17.11
CA GLU B 134 -22.87 -3.18 18.53
C GLU B 134 -21.58 -2.53 19.03
N GLY B 135 -20.62 -2.31 18.16
CA GLY B 135 -19.38 -1.66 18.57
C GLY B 135 -18.48 -2.58 19.38
N VAL B 136 -17.41 -1.95 19.89
CA VAL B 136 -16.44 -2.59 20.75
C VAL B 136 -16.47 -1.91 22.13
N THR B 137 -15.98 -2.61 23.13
CA THR B 137 -15.89 -2.07 24.47
C THR B 137 -14.44 -2.08 24.89
N CYS B 138 -13.97 -0.97 25.46
CA CYS B 138 -12.60 -0.94 25.94
C CYS B 138 -12.57 -0.38 27.35
N ALA B 139 -11.47 -0.66 28.04
CA ALA B 139 -11.37 -0.29 29.45
C ALA B 139 -9.91 -0.05 29.80
N VAL B 140 -9.69 0.97 30.63
CA VAL B 140 -8.36 1.26 31.17
C VAL B 140 -8.51 1.71 32.62
N LYS B 141 -7.64 1.22 33.49
CA LYS B 141 -7.65 1.60 34.89
C LYS B 141 -6.69 2.75 35.17
N PHE B 142 -7.10 3.65 36.06
CA PHE B 142 -6.28 4.74 36.52
C PHE B 142 -6.07 4.63 38.03
N GLY B 143 -4.83 4.82 38.47
CA GLY B 143 -4.60 4.87 39.90
C GLY B 143 -3.23 5.42 40.24
N SER B 144 -2.98 5.57 41.53
CA SER B 144 -1.64 5.85 41.99
C SER B 144 -0.71 4.70 41.64
N TRP B 145 0.47 5.02 41.12
CA TRP B 145 1.44 3.98 40.80
C TRP B 145 2.15 3.42 42.04
N VAL B 146 2.30 4.24 43.08
CA VAL B 146 3.18 3.86 44.19
C VAL B 146 2.50 3.92 45.54
N TYR B 147 1.33 4.52 45.66
CA TYR B 147 0.63 4.61 46.93
C TYR B 147 -0.49 3.58 46.98
N SER B 148 -0.61 2.87 48.10
CA SER B 148 -1.75 1.99 48.31
C SER B 148 -2.94 2.81 48.81
N GLY B 149 -4.08 2.14 48.93
CA GLY B 149 -5.24 2.76 49.52
C GLY B 149 -5.12 3.08 50.99
N PHE B 150 -4.00 2.74 51.63
CA PHE B 150 -3.75 3.24 52.98
C PHE B 150 -3.29 4.71 52.97
N GLU B 151 -2.76 5.19 51.84
CA GLU B 151 -2.31 6.57 51.74
C GLU B 151 -3.16 7.42 50.81
N ILE B 152 -3.64 6.85 49.71
CA ILE B 152 -4.46 7.61 48.77
C ILE B 152 -5.72 6.82 48.46
N ASP B 153 -6.88 7.39 48.77
CA ASP B 153 -8.15 6.83 48.34
C ASP B 153 -8.64 7.56 47.10
N LEU B 154 -9.25 6.82 46.17
CA LEU B 154 -9.82 7.43 44.99
C LEU B 154 -11.34 7.43 45.10
N LYS B 155 -11.96 8.47 44.52
CA LYS B 155 -13.40 8.55 44.39
C LYS B 155 -13.74 9.30 43.11
N THR B 156 -14.97 9.12 42.64
CA THR B 156 -15.53 9.88 41.55
C THR B 156 -16.76 10.62 42.06
N ASP B 157 -17.10 11.73 41.40
CA ASP B 157 -18.34 12.42 41.77
C ASP B 157 -19.55 11.82 41.08
N THR B 158 -19.36 11.22 39.91
CA THR B 158 -20.45 10.56 39.23
C THR B 158 -19.87 9.34 38.53
N ASP B 159 -20.73 8.36 38.29
CA ASP B 159 -20.31 7.18 37.58
C ASP B 159 -20.21 7.44 36.08
N GLN B 160 -20.84 8.51 35.60
CA GLN B 160 -20.91 8.78 34.17
C GLN B 160 -19.73 9.66 33.76
N VAL B 161 -19.10 9.28 32.65
CA VAL B 161 -18.11 10.13 32.03
C VAL B 161 -18.80 11.32 31.38
N ASP B 162 -18.21 12.50 31.52
CA ASP B 162 -18.76 13.69 30.87
C ASP B 162 -18.51 13.60 29.36
N LEU B 163 -19.58 13.63 28.59
CA LEU B 163 -19.52 13.56 27.14
C LEU B 163 -20.00 14.84 26.47
N SER B 164 -20.32 15.87 27.24
CA SER B 164 -20.95 17.05 26.68
C SER B 164 -20.03 17.84 25.74
N SER B 165 -18.73 17.56 25.72
CA SER B 165 -17.89 18.22 24.73
C SER B 165 -17.15 17.20 23.87
N TYR B 166 -17.70 16.00 23.74
CA TYR B 166 -17.14 15.02 22.82
C TYR B 166 -17.30 15.52 21.38
N TYR B 167 -16.22 15.43 20.61
CA TYR B 167 -16.19 15.97 19.25
C TYR B 167 -17.26 15.34 18.38
N ALA B 168 -18.16 16.18 17.86
CA ALA B 168 -19.37 15.72 17.18
C ALA B 168 -19.08 15.12 15.81
N SER B 169 -17.93 15.41 15.19
CA SER B 169 -17.60 14.84 13.89
C SER B 169 -16.46 13.85 13.98
N SER B 170 -16.31 13.20 15.13
CA SER B 170 -15.31 12.16 15.28
C SER B 170 -15.67 10.97 14.41
N LYS B 171 -14.65 10.20 14.04
CA LYS B 171 -14.90 8.94 13.36
C LYS B 171 -15.70 7.99 14.24
N TYR B 172 -15.79 8.24 15.54
CA TYR B 172 -16.39 7.28 16.45
C TYR B 172 -17.45 7.94 17.32
N GLU B 173 -18.57 7.24 17.44
CA GLU B 173 -19.67 7.62 18.31
C GLU B 173 -19.57 6.83 19.61
N ILE B 174 -19.86 7.50 20.73
CA ILE B 174 -19.81 6.86 22.03
C ILE B 174 -21.19 6.31 22.34
N LEU B 175 -21.25 5.04 22.74
CA LEU B 175 -22.48 4.40 23.18
C LEU B 175 -22.62 4.36 24.69
N SER B 176 -21.53 4.11 25.42
CA SER B 176 -21.51 4.28 26.86
C SER B 176 -20.12 4.63 27.33
N ALA B 177 -20.04 5.35 28.43
CA ALA B 177 -18.75 5.79 28.95
C ALA B 177 -18.93 5.98 30.45
N THR B 178 -18.27 5.13 31.23
CA THR B 178 -18.41 5.11 32.67
C THR B 178 -17.04 5.13 33.31
N GLN B 179 -17.02 5.49 34.59
CA GLN B 179 -15.80 5.60 35.38
C GLN B 179 -16.15 5.14 36.80
N THR B 180 -15.52 4.07 37.26
CA THR B 180 -15.96 3.43 38.49
C THR B 180 -14.77 3.07 39.38
N ARG B 181 -14.95 3.27 40.69
CA ARG B 181 -13.94 2.93 41.67
C ARG B 181 -13.93 1.43 41.91
N GLN B 182 -12.74 0.83 41.88
CA GLN B 182 -12.54 -0.56 42.21
C GLN B 182 -11.52 -0.70 43.32
N VAL B 183 -11.69 -1.73 44.14
CA VAL B 183 -10.71 -2.12 45.17
C VAL B 183 -10.24 -3.54 44.84
N GLN B 184 -8.94 -3.74 44.81
CA GLN B 184 -8.43 -5.09 44.63
C GLN B 184 -7.30 -5.35 45.62
N HIS B 185 -7.05 -6.63 45.86
CA HIS B 185 -5.92 -7.06 46.64
C HIS B 185 -5.05 -7.96 45.80
N TYR B 186 -3.81 -8.12 46.24
CA TYR B 186 -2.89 -9.08 45.66
C TYR B 186 -2.63 -10.15 46.71
N SER B 187 -2.38 -11.38 46.24
CA SER B 187 -2.29 -12.50 47.17
C SER B 187 -1.25 -12.30 48.25
N CYS B 188 -0.24 -11.49 47.99
CA CYS B 188 0.95 -11.46 48.84
C CYS B 188 0.80 -10.54 50.05
N CYS B 189 0.00 -9.48 49.96
CA CYS B 189 0.12 -8.37 50.87
C CYS B 189 -1.24 -7.87 51.36
N PRO B 190 -1.28 -7.16 52.48
CA PRO B 190 -2.57 -6.75 53.06
C PRO B 190 -3.17 -5.46 52.50
N GLU B 191 -2.39 -4.63 51.82
CA GLU B 191 -2.87 -3.31 51.40
C GLU B 191 -3.97 -3.43 50.35
N PRO B 192 -5.03 -2.65 50.46
CA PRO B 192 -5.96 -2.52 49.33
C PRO B 192 -5.38 -1.58 48.29
N TYR B 193 -5.74 -1.83 47.04
CA TYR B 193 -5.33 -0.98 45.93
C TYR B 193 -6.58 -0.45 45.25
N ILE B 194 -6.57 0.84 44.94
CA ILE B 194 -7.73 1.55 44.45
C ILE B 194 -7.44 2.01 43.03
N ASP B 195 -8.40 1.82 42.14
CA ASP B 195 -8.30 2.42 40.83
C ASP B 195 -9.68 2.90 40.40
N VAL B 196 -9.68 3.75 39.38
CA VAL B 196 -10.88 4.17 38.69
C VAL B 196 -10.82 3.53 37.32
N ASN B 197 -11.83 2.74 37.01
CA ASN B 197 -11.88 1.99 35.76
C ASN B 197 -12.75 2.77 34.78
N LEU B 198 -12.14 3.22 33.70
CA LEU B 198 -12.81 3.97 32.63
C LEU B 198 -13.18 2.98 31.53
N VAL B 199 -14.49 2.75 31.36
CA VAL B 199 -15.04 1.79 30.42
C VAL B 199 -15.77 2.57 29.34
N VAL B 200 -15.37 2.38 28.09
CA VAL B 200 -15.95 3.12 26.96
C VAL B 200 -16.42 2.12 25.89
N LYS B 201 -17.71 2.17 25.54
CA LYS B 201 -18.26 1.41 24.43
C LYS B 201 -18.51 2.33 23.24
N PHE B 202 -17.98 1.98 22.06
CA PHE B 202 -18.00 2.92 20.95
C PHE B 202 -18.05 2.18 19.61
N ARG B 203 -18.44 2.92 18.57
CA ARG B 203 -18.56 2.35 17.24
C ARG B 203 -18.31 3.42 16.20
N GLU B 204 -18.03 2.98 14.98
CA GLU B 204 -17.71 3.92 13.88
C GLU B 204 -18.84 4.91 13.56
N GLN C 1 3.72 12.51 59.32
CA GLN C 1 3.70 13.72 58.43
C GLN C 1 4.64 14.98 58.58
N ALA C 2 4.52 15.71 59.68
CA ALA C 2 5.69 16.48 60.11
C ALA C 2 6.85 15.52 60.38
N ASN C 3 6.53 14.29 60.79
CA ASN C 3 7.55 13.27 60.97
C ASN C 3 8.22 12.91 59.66
N LEU C 4 7.42 12.77 58.58
CA LEU C 4 7.99 12.41 57.27
C LEU C 4 8.92 13.51 56.74
N MET C 5 8.52 14.78 56.90
CA MET C 5 9.41 15.87 56.49
C MET C 5 10.75 15.78 57.19
N ARG C 6 10.73 15.49 58.50
CA ARG C 6 11.97 15.33 59.26
C ARG C 6 12.80 14.20 58.70
N LEU C 7 12.17 13.07 58.43
CA LEU C 7 12.88 11.87 58.01
C LEU C 7 13.55 12.07 56.66
N LYS C 8 12.86 12.74 55.73
CA LYS C 8 13.48 13.03 54.44
C LYS C 8 14.59 14.05 54.59
N SER C 9 14.47 14.98 55.54
CA SER C 9 15.55 15.91 55.80
C SER C 9 16.79 15.18 56.29
N ASP C 10 16.62 14.36 57.33
CA ASP C 10 17.77 13.64 57.87
C ASP C 10 18.41 12.71 56.85
N LEU C 11 17.61 12.04 56.01
CA LEU C 11 18.21 11.08 55.08
C LEU C 11 18.85 11.74 53.87
N PHE C 12 18.32 12.88 53.42
CA PHE C 12 18.66 13.44 52.11
C PHE C 12 19.43 14.76 52.17
N ASN C 13 19.22 15.61 53.18
CA ASN C 13 19.99 16.85 53.29
C ASN C 13 21.22 16.71 54.18
N ARG C 14 21.15 15.87 55.21
CA ARG C 14 22.20 15.81 56.24
C ARG C 14 23.26 14.77 55.91
N SER C 15 23.60 14.59 54.62
CA SER C 15 24.55 13.58 54.18
C SER C 15 24.90 13.74 52.71
N PRO C 16 26.07 13.27 52.28
CA PRO C 16 26.35 13.20 50.85
C PRO C 16 25.76 11.94 50.26
N MET C 17 25.43 11.99 48.97
CA MET C 17 24.64 10.88 48.47
C MET C 17 25.52 9.65 48.23
N TYR C 18 24.84 8.51 48.21
CA TYR C 18 25.48 7.23 47.94
C TYR C 18 26.23 7.27 46.61
N PRO C 19 27.51 6.93 46.58
CA PRO C 19 28.29 6.97 45.34
C PRO C 19 28.25 5.69 44.52
N GLY C 20 27.32 4.77 44.81
CA GLY C 20 27.26 3.51 44.12
C GLY C 20 28.10 2.45 44.81
N PRO C 21 27.87 1.18 44.46
CA PRO C 21 28.56 0.09 45.16
C PRO C 21 30.03 0.00 44.78
N THR C 22 30.78 -0.73 45.61
CA THR C 22 32.22 -0.94 45.47
C THR C 22 32.48 -2.44 45.58
N LYS C 23 33.65 -2.87 45.07
CA LYS C 23 34.09 -4.26 45.29
C LYS C 23 34.11 -4.62 46.77
N ASP C 24 34.26 -3.62 47.65
CA ASP C 24 34.36 -3.87 49.08
C ASP C 24 33.03 -3.72 49.81
N ASP C 25 32.12 -2.88 49.31
CA ASP C 25 30.72 -2.90 49.74
C ASP C 25 29.85 -3.13 48.50
N PRO C 26 29.78 -4.37 48.03
CA PRO C 26 28.95 -4.68 46.87
C PRO C 26 27.48 -4.67 47.26
N LEU C 27 26.65 -4.86 46.25
CA LEU C 27 25.22 -4.66 46.39
C LEU C 27 24.48 -5.70 45.56
N THR C 28 23.38 -6.22 46.07
CA THR C 28 22.55 -7.15 45.32
C THR C 28 21.29 -6.45 44.87
N VAL C 29 21.02 -6.51 43.56
CA VAL C 29 19.79 -5.99 42.96
C VAL C 29 18.91 -7.18 42.54
N THR C 30 17.67 -7.19 43.00
CA THR C 30 16.73 -8.25 42.67
C THR C 30 15.82 -7.78 41.55
N LEU C 31 15.77 -8.55 40.45
CA LEU C 31 14.98 -8.22 39.28
C LEU C 31 13.78 -9.15 39.13
N GLY C 32 12.64 -8.56 38.79
CA GLY C 32 11.46 -9.33 38.43
C GLY C 32 10.69 -8.62 37.33
N PHE C 33 10.08 -9.40 36.44
CA PHE C 33 9.36 -8.85 35.31
C PHE C 33 7.90 -9.27 35.35
N THR C 34 7.02 -8.32 35.02
CA THR C 34 5.60 -8.54 34.85
C THR C 34 5.28 -8.13 33.42
N LEU C 35 5.01 -9.09 32.56
CA LEU C 35 4.79 -8.79 31.15
C LEU C 35 3.32 -8.45 30.91
N GLN C 36 3.08 -7.32 30.28
CA GLN C 36 1.72 -6.83 30.09
C GLN C 36 1.20 -7.04 28.68
N ASP C 37 2.08 -6.99 27.70
CA ASP C 37 1.66 -6.95 26.30
C ASP C 37 2.83 -7.02 25.35
N ILE C 38 2.77 -7.93 24.39
CA ILE C 38 3.57 -7.78 23.18
C ILE C 38 2.75 -6.90 22.25
N VAL C 39 3.22 -5.68 22.04
CA VAL C 39 2.38 -4.71 21.33
C VAL C 39 2.52 -4.88 19.83
N LYS C 40 3.75 -5.06 19.36
CA LYS C 40 4.10 -4.91 17.96
C LYS C 40 5.24 -5.88 17.65
N VAL C 41 5.14 -6.53 16.50
CA VAL C 41 6.25 -7.24 15.88
C VAL C 41 6.51 -6.54 14.55
N ASP C 42 7.77 -6.48 14.12
CA ASP C 42 8.11 -5.84 12.85
C ASP C 42 9.02 -6.79 12.08
N SER C 43 8.44 -7.54 11.13
CA SER C 43 9.19 -8.63 10.51
C SER C 43 10.21 -8.14 9.50
N SER C 44 10.12 -6.88 9.08
CA SER C 44 11.07 -6.34 8.13
C SER C 44 12.30 -5.71 8.78
N THR C 45 12.24 -5.39 10.08
CA THR C 45 13.41 -4.96 10.81
C THR C 45 13.81 -5.90 11.92
N ASN C 46 13.00 -6.94 12.18
CA ASN C 46 13.26 -7.89 13.28
C ASN C 46 13.35 -7.16 14.62
N GLU C 47 12.36 -6.31 14.89
CA GLU C 47 12.19 -5.66 16.18
C GLU C 47 10.88 -6.14 16.78
N VAL C 48 10.84 -6.32 18.09
CA VAL C 48 9.59 -6.61 18.78
C VAL C 48 9.47 -5.63 19.93
N ASP C 49 8.23 -5.19 20.23
CA ASP C 49 7.97 -4.22 21.29
C ASP C 49 7.21 -4.88 22.44
N LEU C 50 7.79 -4.80 23.63
CA LEU C 50 7.21 -5.32 24.86
C LEU C 50 6.75 -4.18 25.76
N VAL C 51 5.70 -4.41 26.54
CA VAL C 51 5.32 -3.51 27.62
C VAL C 51 5.31 -4.33 28.90
N TYR C 52 6.02 -3.86 29.92
CA TYR C 52 6.20 -4.66 31.13
C TYR C 52 6.53 -3.74 32.30
N TYR C 53 6.30 -4.28 33.51
CA TYR C 53 6.78 -3.70 34.76
C TYR C 53 8.07 -4.39 35.16
N GLU C 54 9.09 -3.63 35.47
CA GLU C 54 10.38 -4.17 35.87
C GLU C 54 10.62 -3.85 37.35
N GLN C 55 10.39 -4.83 38.19
CA GLN C 55 10.56 -4.59 39.62
C GLN C 55 12.04 -4.70 39.96
N GLN C 56 12.58 -3.68 40.62
CA GLN C 56 13.95 -3.67 41.09
C GLN C 56 13.94 -3.46 42.59
N ARG C 57 14.70 -4.29 43.31
CA ARG C 57 14.80 -4.16 44.76
C ARG C 57 16.27 -4.28 45.18
N TRP C 58 16.68 -3.39 46.07
CA TRP C 58 18.02 -3.42 46.63
C TRP C 58 17.93 -2.75 48.00
N LYS C 59 19.04 -2.77 48.72
CA LYS C 59 19.02 -2.37 50.12
C LYS C 59 20.29 -1.60 50.46
N LEU C 60 20.14 -0.40 51.03
CA LEU C 60 21.26 0.43 51.47
C LEU C 60 21.22 0.65 52.97
N ASN C 61 22.38 0.52 53.63
CA ASN C 61 22.49 0.95 55.02
C ASN C 61 22.25 2.45 55.18
N SER C 62 22.58 3.24 54.16
CA SER C 62 22.41 4.69 54.22
C SER C 62 20.96 5.10 54.41
N LEU C 63 20.00 4.24 54.05
CA LEU C 63 18.60 4.61 54.08
C LEU C 63 17.85 3.97 55.24
N MET C 64 18.56 3.40 56.21
CA MET C 64 17.92 2.87 57.40
C MET C 64 17.48 3.99 58.33
N TRP C 65 16.45 3.70 59.11
CA TRP C 65 16.05 4.54 60.23
C TRP C 65 15.27 3.70 61.22
N ASP C 66 15.26 4.15 62.47
CA ASP C 66 14.43 3.56 63.51
C ASP C 66 13.05 4.20 63.47
N PRO C 67 11.98 3.43 63.20
CA PRO C 67 10.66 4.06 63.07
C PRO C 67 10.19 4.77 64.34
N ASN C 68 10.61 4.33 65.52
CA ASN C 68 10.11 4.91 66.76
C ASN C 68 10.61 6.32 67.00
N GLU C 69 11.60 6.77 66.21
CA GLU C 69 12.07 8.14 66.25
C GLU C 69 11.46 9.01 65.15
N TYR C 70 10.50 8.48 64.40
CA TYR C 70 9.90 9.22 63.29
C TYR C 70 8.41 8.92 63.21
N GLY C 71 7.74 8.88 64.36
CA GLY C 71 6.29 8.74 64.37
C GLY C 71 5.81 7.40 63.88
N ASN C 72 6.63 6.37 64.02
CA ASN C 72 6.34 5.00 63.60
C ASN C 72 6.23 4.84 62.10
N ILE C 73 6.81 5.75 61.32
CA ILE C 73 6.83 5.60 59.86
C ILE C 73 7.73 4.40 59.49
N THR C 74 7.17 3.46 58.74
CA THR C 74 7.92 2.26 58.34
C THR C 74 8.40 2.30 56.89
N ASP C 75 7.86 3.19 56.08
CA ASP C 75 8.26 3.32 54.68
C ASP C 75 7.74 4.64 54.16
N PHE C 76 8.29 5.11 53.04
CA PHE C 76 7.78 6.34 52.44
C PHE C 76 8.07 6.32 50.96
N ARG C 77 7.33 7.16 50.24
CA ARG C 77 7.47 7.34 48.80
C ARG C 77 8.35 8.56 48.52
N THR C 78 9.29 8.43 47.61
CA THR C 78 10.14 9.56 47.25
C THR C 78 10.45 9.49 45.78
N SER C 79 10.70 10.66 45.20
CA SER C 79 11.11 10.71 43.80
C SER C 79 12.40 9.94 43.62
N ALA C 80 12.49 9.19 42.52
CA ALA C 80 13.67 8.40 42.26
C ALA C 80 14.91 9.24 42.05
N ALA C 81 14.77 10.56 41.85
CA ALA C 81 15.94 11.43 41.77
C ALA C 81 16.56 11.72 43.14
N ASP C 82 15.80 11.58 44.22
CA ASP C 82 16.38 11.77 45.55
C ASP C 82 17.34 10.66 45.95
N ILE C 83 17.44 9.60 45.19
CA ILE C 83 18.19 8.42 45.61
C ILE C 83 18.99 7.84 44.45
N TRP C 84 19.97 7.03 44.80
CA TRP C 84 20.68 6.26 43.81
C TRP C 84 19.79 5.14 43.29
N THR C 85 19.89 4.85 41.99
CA THR C 85 19.19 3.73 41.35
C THR C 85 20.18 2.93 40.49
N PRO C 86 20.01 1.61 40.42
CA PRO C 86 20.88 0.81 39.56
C PRO C 86 20.66 1.13 38.08
N ASP C 87 21.75 1.01 37.31
CA ASP C 87 21.79 1.24 35.86
C ASP C 87 21.43 0.00 35.05
N ILE C 88 20.36 -0.70 35.44
CA ILE C 88 19.95 -1.92 34.73
C ILE C 88 19.49 -1.56 33.32
N THR C 89 19.95 -2.31 32.33
CA THR C 89 19.79 -1.97 30.91
C THR C 89 19.55 -3.24 30.11
N ALA C 90 18.64 -3.15 29.14
CA ALA C 90 18.51 -4.20 28.14
C ALA C 90 19.70 -4.15 27.18
N TYR C 91 20.38 -5.28 27.00
CA TYR C 91 21.58 -5.28 26.19
C TYR C 91 21.32 -5.34 24.69
N SER C 92 20.07 -5.50 24.23
CA SER C 92 19.83 -5.59 22.79
C SER C 92 18.64 -4.74 22.37
N SER C 93 18.47 -3.59 23.03
CA SER C 93 17.42 -2.67 22.60
C SER C 93 17.80 -2.02 21.27
N THR C 94 16.77 -1.59 20.53
CA THR C 94 16.96 -0.88 19.28
C THR C 94 16.39 0.54 19.31
N ARG C 95 15.79 0.95 20.42
CA ARG C 95 15.24 2.28 20.66
C ARG C 95 15.44 2.56 22.14
N PRO C 96 15.58 3.84 22.53
CA PRO C 96 15.55 4.15 23.97
C PRO C 96 14.21 3.72 24.56
N VAL C 97 14.25 3.16 25.78
CA VAL C 97 13.01 2.69 26.38
C VAL C 97 12.15 3.89 26.74
N GLN C 98 10.87 3.77 26.47
CA GLN C 98 9.90 4.78 26.88
C GLN C 98 9.36 4.43 28.26
N VAL C 99 9.48 5.38 29.19
CA VAL C 99 8.98 5.18 30.55
C VAL C 99 7.49 5.48 30.56
N LEU C 100 6.71 4.63 31.25
CA LEU C 100 5.26 4.73 31.25
C LEU C 100 4.70 5.03 32.62
N SER C 101 5.53 5.05 33.66
CA SER C 101 5.09 5.26 35.03
C SER C 101 5.86 6.41 35.69
N PRO C 102 5.34 6.95 36.79
CA PRO C 102 6.09 8.01 37.50
C PRO C 102 7.39 7.49 38.10
N GLN C 103 8.45 8.31 38.02
CA GLN C 103 9.75 7.92 38.56
C GLN C 103 9.76 8.14 40.07
N ILE C 104 9.06 7.25 40.78
CA ILE C 104 8.91 7.32 42.23
C ILE C 104 9.20 5.95 42.84
N ALA C 105 9.98 5.93 43.91
CA ALA C 105 10.38 4.70 44.58
C ALA C 105 9.81 4.64 46.01
N VAL C 106 9.88 3.45 46.60
CA VAL C 106 9.40 3.22 47.94
C VAL C 106 10.59 2.76 48.77
N VAL C 107 10.85 3.44 49.88
CA VAL C 107 11.95 3.13 50.79
C VAL C 107 11.38 2.66 52.13
N THR C 108 11.95 1.59 52.66
CA THR C 108 11.51 0.97 53.90
C THR C 108 12.61 1.13 54.94
N HIS C 109 12.22 1.09 56.22
CA HIS C 109 13.11 1.54 57.29
C HIS C 109 14.36 0.69 57.43
N ASP C 110 14.36 -0.54 56.91
CA ASP C 110 15.58 -1.33 56.87
C ASP C 110 16.51 -0.91 55.73
N GLY C 111 16.17 0.15 55.00
CA GLY C 111 16.96 0.57 53.87
C GLY C 111 16.66 -0.14 52.58
N SER C 112 15.60 -0.94 52.54
CA SER C 112 15.12 -1.55 51.31
C SER C 112 14.48 -0.51 50.40
N VAL C 113 14.80 -0.60 49.12
CA VAL C 113 14.20 0.24 48.10
C VAL C 113 13.49 -0.67 47.12
N MET C 114 12.28 -0.28 46.74
CA MET C 114 11.48 -0.95 45.72
C MET C 114 11.14 0.06 44.64
N PHE C 115 11.63 -0.18 43.42
CA PHE C 115 11.46 0.71 42.28
C PHE C 115 10.89 -0.11 41.13
N ILE C 116 9.81 0.36 40.53
CA ILE C 116 9.05 -0.46 39.58
C ILE C 116 8.70 0.33 38.32
N PRO C 117 9.65 0.60 37.43
CA PRO C 117 9.32 1.34 36.20
C PRO C 117 8.57 0.49 35.18
N ALA C 118 7.45 1.03 34.72
CA ALA C 118 6.75 0.46 33.59
C ALA C 118 7.37 0.99 32.31
N GLN C 119 7.59 0.09 31.34
CA GLN C 119 8.43 0.41 30.19
C GLN C 119 7.87 -0.20 28.92
N ARG C 120 8.04 0.53 27.82
CA ARG C 120 7.90 -0.02 26.48
C ARG C 120 9.29 -0.16 25.88
N LEU C 121 9.67 -1.39 25.57
CA LEU C 121 10.99 -1.73 25.05
C LEU C 121 10.86 -2.26 23.64
N SER C 122 11.68 -1.72 22.74
CA SER C 122 11.89 -2.24 21.40
C SER C 122 13.23 -2.97 21.38
N PHE C 123 13.23 -4.24 20.97
CA PHE C 123 14.49 -5.01 21.02
C PHE C 123 14.59 -6.00 19.85
N MET C 124 15.81 -6.48 19.65
CA MET C 124 16.17 -7.31 18.50
C MET C 124 15.58 -8.71 18.63
N CYS C 125 14.73 -9.06 17.69
CA CYS C 125 14.03 -10.35 17.73
C CYS C 125 13.46 -10.68 16.34
N ASP C 126 13.68 -11.91 15.86
CA ASP C 126 13.18 -12.36 14.57
C ASP C 126 11.81 -12.97 14.72
N PRO C 127 10.74 -12.30 14.29
CA PRO C 127 9.38 -12.80 14.50
C PRO C 127 8.86 -13.76 13.43
N THR C 128 9.67 -14.17 12.45
CA THR C 128 9.18 -15.07 11.39
C THR C 128 8.63 -16.36 12.00
N GLY C 129 7.41 -16.71 11.59
CA GLY C 129 6.79 -17.88 12.17
C GLY C 129 5.92 -17.60 13.38
N VAL C 130 5.67 -16.34 13.71
CA VAL C 130 4.81 -16.07 14.86
C VAL C 130 3.39 -16.56 14.59
N ASP C 131 2.98 -16.63 13.32
CA ASP C 131 1.63 -17.08 12.98
C ASP C 131 1.53 -18.58 12.81
N SER C 132 2.24 -19.36 13.61
CA SER C 132 2.10 -20.81 13.62
C SER C 132 1.69 -21.25 15.02
N GLU C 133 1.38 -22.54 15.16
CA GLU C 133 1.04 -23.03 16.49
C GLU C 133 2.25 -23.02 17.42
N GLU C 134 3.45 -23.20 16.87
CA GLU C 134 4.65 -23.29 17.71
C GLU C 134 5.13 -21.92 18.15
N GLY C 135 4.83 -20.88 17.37
CA GLY C 135 5.25 -19.54 17.65
C GLY C 135 6.75 -19.33 17.48
N VAL C 136 7.22 -18.31 18.17
CA VAL C 136 8.59 -17.82 18.06
C VAL C 136 9.11 -17.63 19.48
N THR C 137 10.41 -17.75 19.64
CA THR C 137 11.06 -17.52 20.92
C THR C 137 11.93 -16.29 20.78
N CYS C 138 11.86 -15.37 21.74
CA CYS C 138 12.75 -14.23 21.73
C CYS C 138 13.32 -14.00 23.11
N ALA C 139 14.47 -13.32 23.13
CA ALA C 139 15.26 -13.24 24.35
C ALA C 139 16.06 -11.95 24.35
N VAL C 140 16.05 -11.27 25.49
CA VAL C 140 16.80 -10.05 25.71
C VAL C 140 17.40 -10.12 27.11
N LYS C 141 18.68 -9.79 27.23
CA LYS C 141 19.38 -9.82 28.50
C LYS C 141 19.30 -8.45 29.17
N PHE C 142 19.19 -8.46 30.51
CA PHE C 142 19.23 -7.24 31.29
C PHE C 142 20.40 -7.31 32.25
N GLY C 143 21.06 -6.16 32.46
CA GLY C 143 22.09 -6.15 33.47
C GLY C 143 22.66 -4.76 33.65
N SER C 144 23.66 -4.67 34.51
CA SER C 144 24.37 -3.42 34.71
C SER C 144 25.18 -3.08 33.47
N TRP C 145 25.26 -1.79 33.15
CA TRP C 145 26.04 -1.39 31.98
C TRP C 145 27.51 -1.18 32.32
N VAL C 146 27.82 -0.79 33.55
CA VAL C 146 29.19 -0.42 33.90
C VAL C 146 29.76 -1.25 35.04
N TYR C 147 28.94 -1.91 35.85
CA TYR C 147 29.41 -2.67 37.01
C TYR C 147 29.52 -4.15 36.68
N SER C 148 30.57 -4.79 37.20
CA SER C 148 30.70 -6.24 37.16
C SER C 148 29.97 -6.86 38.35
N GLY C 149 30.02 -8.18 38.43
CA GLY C 149 29.43 -8.86 39.56
C GLY C 149 30.14 -8.61 40.87
N PHE C 150 31.35 -8.05 40.83
CA PHE C 150 32.01 -7.71 42.09
C PHE C 150 31.35 -6.53 42.76
N GLU C 151 30.71 -5.65 41.99
CA GLU C 151 30.03 -4.48 42.56
C GLU C 151 28.52 -4.64 42.60
N ILE C 152 27.89 -5.20 41.55
CA ILE C 152 26.45 -5.44 41.53
C ILE C 152 26.20 -6.90 41.18
N ASP C 153 25.61 -7.64 42.11
CA ASP C 153 25.08 -8.98 41.87
C ASP C 153 23.61 -8.88 41.47
N LEU C 154 23.19 -9.68 40.51
CA LEU C 154 21.79 -9.69 40.08
C LEU C 154 21.13 -10.97 40.56
N LYS C 155 19.88 -10.85 41.01
CA LYS C 155 19.14 -11.96 41.59
C LYS C 155 17.72 -11.95 41.03
N THR C 156 17.09 -13.11 40.97
CA THR C 156 15.64 -13.18 40.81
C THR C 156 15.05 -13.95 41.98
N ASP C 157 13.82 -13.58 42.37
CA ASP C 157 13.10 -14.38 43.36
C ASP C 157 12.52 -15.64 42.73
N THR C 158 12.07 -15.55 41.49
CA THR C 158 11.52 -16.68 40.77
C THR C 158 11.98 -16.59 39.32
N ASP C 159 12.04 -17.73 38.64
CA ASP C 159 12.30 -17.75 37.22
C ASP C 159 11.05 -17.50 36.39
N GLN C 160 9.90 -17.43 37.02
CA GLN C 160 8.63 -17.22 36.36
C GLN C 160 8.38 -15.73 36.17
N VAL C 161 8.31 -15.28 34.92
CA VAL C 161 7.76 -13.97 34.63
C VAL C 161 6.28 -13.94 35.04
N ASP C 162 5.85 -12.83 35.61
CA ASP C 162 4.46 -12.71 36.02
C ASP C 162 3.61 -12.40 34.80
N LEU C 163 2.77 -13.35 34.40
CA LEU C 163 1.84 -13.19 33.29
C LEU C 163 0.39 -12.98 33.77
N SER C 164 0.16 -12.89 35.07
CA SER C 164 -1.19 -12.71 35.60
C SER C 164 -1.86 -11.41 35.15
N SER C 165 -1.11 -10.51 34.52
CA SER C 165 -1.64 -9.24 34.00
C SER C 165 -1.50 -9.15 32.49
N TYR C 166 -1.19 -10.26 31.83
CA TYR C 166 -1.01 -10.14 30.38
C TYR C 166 -2.32 -9.72 29.75
N TYR C 167 -2.24 -8.76 28.82
CA TYR C 167 -3.43 -8.25 28.15
C TYR C 167 -4.13 -9.37 27.39
N ALA C 168 -5.32 -9.75 27.85
CA ALA C 168 -6.01 -10.92 27.32
C ALA C 168 -6.43 -10.75 25.87
N SER C 169 -6.57 -9.53 25.35
CA SER C 169 -6.94 -9.32 23.94
C SER C 169 -5.76 -8.88 23.07
N SER C 170 -4.53 -9.12 23.54
CA SER C 170 -3.35 -8.85 22.73
C SER C 170 -3.40 -9.62 21.41
N LYS C 171 -2.76 -9.06 20.39
CA LYS C 171 -2.60 -9.78 19.14
C LYS C 171 -1.72 -11.01 19.32
N TYR C 172 -0.94 -11.08 20.38
CA TYR C 172 -0.10 -12.22 20.67
C TYR C 172 -0.48 -12.81 22.02
N GLU C 173 -0.60 -14.14 22.06
CA GLU C 173 -0.74 -14.83 23.32
C GLU C 173 0.61 -15.38 23.76
N ILE C 174 0.87 -15.38 25.06
CA ILE C 174 2.15 -15.81 25.61
C ILE C 174 2.14 -17.33 25.79
N LEU C 175 3.18 -17.99 25.29
CA LEU C 175 3.32 -19.42 25.54
C LEU C 175 4.15 -19.71 26.77
N SER C 176 5.18 -18.91 27.03
CA SER C 176 6.00 -19.06 28.22
C SER C 176 6.88 -17.83 28.35
N ALA C 177 7.16 -17.43 29.58
CA ALA C 177 8.04 -16.30 29.79
C ALA C 177 8.87 -16.60 31.03
N THR C 178 10.17 -16.64 30.89
CA THR C 178 11.04 -16.92 32.03
C THR C 178 12.12 -15.84 32.16
N GLN C 179 12.70 -15.79 33.36
CA GLN C 179 13.75 -14.81 33.70
C GLN C 179 14.82 -15.54 34.48
N THR C 180 16.02 -15.65 33.92
CA THR C 180 17.04 -16.52 34.50
C THR C 180 18.34 -15.78 34.69
N ARG C 181 18.89 -15.89 35.90
CA ARG C 181 20.20 -15.35 36.18
C ARG C 181 21.26 -16.10 35.37
N GLN C 182 22.18 -15.36 34.74
CA GLN C 182 23.30 -15.95 34.02
C GLN C 182 24.60 -15.30 34.44
N VAL C 183 25.64 -16.12 34.56
CA VAL C 183 26.98 -15.69 34.91
C VAL C 183 27.93 -16.16 33.82
N GLN C 184 28.59 -15.22 33.15
CA GLN C 184 29.70 -15.54 32.26
C GLN C 184 31.00 -15.03 32.88
N HIS C 185 32.05 -15.84 32.75
CA HIS C 185 33.42 -15.44 33.07
C HIS C 185 34.19 -15.24 31.77
N TYR C 186 35.42 -14.76 31.90
CA TYR C 186 36.31 -14.65 30.76
C TYR C 186 37.73 -15.03 31.15
N SER C 187 38.51 -15.41 30.13
CA SER C 187 39.91 -15.77 30.28
C SER C 187 40.69 -14.78 31.15
N CYS C 188 40.43 -13.48 30.99
CA CYS C 188 41.32 -12.44 31.54
C CYS C 188 41.17 -12.28 33.06
N CYS C 189 39.93 -12.10 33.53
CA CYS C 189 39.61 -11.55 34.84
C CYS C 189 38.94 -12.59 35.74
N PRO C 190 39.05 -12.42 37.07
CA PRO C 190 38.30 -13.30 37.98
C PRO C 190 36.85 -12.88 38.18
N GLU C 191 36.46 -11.71 37.69
CA GLU C 191 35.17 -11.10 38.00
C GLU C 191 34.04 -11.78 37.22
N PRO C 192 32.96 -12.16 37.89
CA PRO C 192 31.79 -12.65 37.15
C PRO C 192 31.10 -11.52 36.43
N TYR C 193 30.33 -11.88 35.40
CA TYR C 193 29.46 -10.92 34.74
C TYR C 193 28.06 -11.49 34.74
N ILE C 194 27.15 -10.76 35.36
CA ILE C 194 25.82 -11.27 35.66
C ILE C 194 24.83 -10.57 34.74
N ASP C 195 23.84 -11.32 34.30
CA ASP C 195 22.71 -10.72 33.61
C ASP C 195 21.47 -11.55 33.96
N VAL C 196 20.31 -11.02 33.61
CA VAL C 196 19.05 -11.73 33.75
C VAL C 196 18.49 -11.83 32.35
N ASN C 197 18.18 -13.06 31.94
CA ASN C 197 17.79 -13.39 30.58
C ASN C 197 16.28 -13.58 30.53
N LEU C 198 15.60 -12.69 29.82
CA LEU C 198 14.15 -12.73 29.66
C LEU C 198 13.85 -13.47 28.36
N VAL C 199 13.32 -14.69 28.46
CA VAL C 199 12.99 -15.53 27.32
C VAL C 199 11.48 -15.65 27.21
N VAL C 200 10.93 -15.22 26.08
CA VAL C 200 9.50 -15.13 25.88
C VAL C 200 9.14 -15.92 24.63
N LYS C 201 8.16 -16.79 24.74
CA LYS C 201 7.73 -17.58 23.59
C LYS C 201 6.26 -17.26 23.33
N PHE C 202 5.95 -16.90 22.09
CA PHE C 202 4.65 -16.32 21.82
C PHE C 202 4.23 -16.61 20.38
N ARG C 203 2.93 -16.51 20.13
CA ARG C 203 2.37 -16.67 18.79
C ARG C 203 1.21 -15.71 18.64
N GLU C 204 0.58 -15.75 17.48
CA GLU C 204 -0.55 -14.85 17.22
C GLU C 204 -1.85 -15.23 17.93
N SER D 1 35.32 2.40 52.79
CA SER D 1 35.02 1.88 51.45
C SER D 1 34.12 2.85 50.69
N GLN D 2 32.84 2.95 51.08
CA GLN D 2 31.96 4.03 50.61
C GLN D 2 32.47 5.38 51.08
N ALA D 3 32.90 5.46 52.34
CA ALA D 3 33.44 6.71 52.85
C ALA D 3 34.62 7.19 52.00
N ASN D 4 35.49 6.26 51.59
CA ASN D 4 36.64 6.63 50.79
C ASN D 4 36.24 7.09 49.39
N LEU D 5 35.33 6.35 48.73
CA LEU D 5 34.89 6.77 47.41
C LEU D 5 34.19 8.14 47.46
N MET D 6 33.55 8.47 48.57
CA MET D 6 32.92 9.79 48.67
C MET D 6 33.97 10.88 48.78
N ARG D 7 34.97 10.69 49.64
CA ARG D 7 36.11 11.61 49.67
C ARG D 7 36.74 11.75 48.30
N LEU D 8 37.09 10.61 47.68
CA LEU D 8 37.73 10.61 46.38
C LEU D 8 36.96 11.47 45.39
N LYS D 9 35.66 11.21 45.23
CA LYS D 9 34.85 11.94 44.26
C LYS D 9 34.78 13.41 44.63
N SER D 10 34.58 13.69 45.92
CA SER D 10 34.51 15.08 46.38
C SER D 10 35.82 15.81 46.11
N ASP D 11 36.96 15.14 46.28
CA ASP D 11 38.24 15.79 46.00
C ASP D 11 38.48 15.95 44.50
N LEU D 12 37.91 15.09 43.66
CA LEU D 12 38.14 15.24 42.23
C LEU D 12 37.15 16.22 41.58
N PHE D 13 35.95 16.32 42.13
CA PHE D 13 34.87 16.99 41.43
C PHE D 13 34.42 18.29 42.07
N ASN D 14 34.28 18.34 43.40
CA ASN D 14 33.75 19.54 44.03
C ASN D 14 34.84 20.52 44.44
N ARG D 15 36.06 20.04 44.66
CA ARG D 15 37.15 20.87 45.17
C ARG D 15 38.19 21.17 44.09
N SER D 16 37.76 21.17 42.83
CA SER D 16 38.62 21.41 41.68
C SER D 16 37.90 22.36 40.72
N PRO D 17 38.63 22.98 39.79
CA PRO D 17 37.96 23.63 38.64
C PRO D 17 37.79 22.66 37.49
N MET D 18 36.68 22.79 36.78
CA MET D 18 36.37 21.84 35.72
C MET D 18 37.40 21.96 34.61
N TYR D 19 37.88 20.81 34.14
CA TYR D 19 38.71 20.69 32.97
C TYR D 19 38.10 21.47 31.79
N PRO D 20 38.84 22.41 31.19
CA PRO D 20 38.25 23.22 30.12
C PRO D 20 38.43 22.61 28.74
N GLY D 21 38.76 21.32 28.68
CA GLY D 21 39.01 20.67 27.42
C GLY D 21 40.47 20.78 27.04
N PRO D 22 40.88 20.05 26.01
CA PRO D 22 42.27 20.08 25.57
C PRO D 22 42.60 21.36 24.80
N THR D 23 43.90 21.68 24.79
CA THR D 23 44.41 22.82 24.03
C THR D 23 45.59 22.37 23.17
N LYS D 24 46.01 23.25 22.27
CA LYS D 24 47.19 23.01 21.45
C LYS D 24 48.41 22.69 22.31
N ASP D 25 48.49 23.28 23.51
CA ASP D 25 49.60 23.03 24.42
C ASP D 25 49.44 21.70 25.16
N ASP D 26 48.21 21.35 25.54
CA ASP D 26 47.91 20.15 26.33
C ASP D 26 46.95 19.26 25.54
N PRO D 27 47.39 18.68 24.44
CA PRO D 27 46.49 17.87 23.60
C PRO D 27 46.16 16.55 24.25
N LEU D 28 45.19 15.89 23.62
CA LEU D 28 44.52 14.72 24.17
C LEU D 28 44.36 13.70 23.06
N THR D 29 44.71 12.45 23.34
CA THR D 29 44.45 11.35 22.40
C THR D 29 43.23 10.59 22.88
N VAL D 30 42.29 10.38 21.97
CA VAL D 30 41.06 9.64 22.22
C VAL D 30 41.09 8.35 21.42
N THR D 31 40.95 7.21 22.08
CA THR D 31 40.91 5.94 21.40
C THR D 31 39.47 5.52 21.14
N LEU D 32 39.19 5.18 19.90
CA LEU D 32 37.86 4.82 19.42
C LEU D 32 37.81 3.36 19.01
N GLY D 33 36.69 2.71 19.27
CA GLY D 33 36.43 1.38 18.76
C GLY D 33 34.95 1.12 18.71
N PHE D 34 34.53 0.34 17.71
CA PHE D 34 33.12 0.07 17.51
C PHE D 34 32.80 -1.41 17.66
N THR D 35 31.72 -1.72 18.41
CA THR D 35 31.15 -3.06 18.54
C THR D 35 29.79 -2.99 17.86
N LEU D 36 29.69 -3.52 16.65
CA LEU D 36 28.50 -3.36 15.81
C LEU D 36 27.48 -4.44 16.17
N GLN D 37 26.28 -4.00 16.57
CA GLN D 37 25.26 -4.86 17.15
C GLN D 37 24.25 -5.35 16.12
N ASP D 38 23.82 -4.48 15.23
CA ASP D 38 22.74 -4.78 14.31
C ASP D 38 22.70 -3.70 13.25
N ILE D 39 22.49 -4.10 12.00
CA ILE D 39 21.93 -3.19 11.00
C ILE D 39 20.43 -3.41 11.07
N VAL D 40 19.71 -2.42 11.59
CA VAL D 40 18.28 -2.55 11.90
C VAL D 40 17.42 -2.27 10.69
N LYS D 41 17.71 -1.17 10.00
CA LYS D 41 16.81 -0.66 8.99
C LYS D 41 17.63 -0.04 7.88
N VAL D 42 17.22 -0.32 6.66
CA VAL D 42 17.76 0.29 5.45
C VAL D 42 16.56 0.89 4.74
N ASP D 43 16.62 2.15 4.38
CA ASP D 43 15.49 2.86 3.78
C ASP D 43 15.93 3.29 2.38
N SER D 44 15.42 2.59 1.36
CA SER D 44 15.86 2.84 -0.02
C SER D 44 15.21 4.06 -0.65
N SER D 45 14.12 4.58 -0.07
CA SER D 45 13.51 5.80 -0.59
C SER D 45 14.31 7.04 -0.22
N THR D 46 14.90 7.07 0.98
CA THR D 46 15.68 8.21 1.46
C THR D 46 17.17 7.97 1.48
N ASN D 47 17.64 6.76 1.18
CA ASN D 47 19.06 6.41 1.32
C ASN D 47 19.57 6.72 2.73
N GLU D 48 18.86 6.22 3.74
CA GLU D 48 19.31 6.23 5.12
C GLU D 48 19.47 4.78 5.58
N VAL D 49 20.41 4.55 6.49
CA VAL D 49 20.60 3.24 7.13
C VAL D 49 20.75 3.46 8.62
N ASP D 50 20.20 2.55 9.43
CA ASP D 50 20.18 2.67 10.88
C ASP D 50 21.08 1.58 11.48
N LEU D 51 22.07 1.98 12.27
CA LEU D 51 22.94 1.04 12.95
C LEU D 51 22.74 1.12 14.45
N VAL D 52 23.02 0.01 15.12
CA VAL D 52 23.11 -0.04 16.57
C VAL D 52 24.49 -0.59 16.90
N TYR D 53 25.24 0.15 17.73
CA TYR D 53 26.62 -0.21 18.09
C TYR D 53 26.95 0.30 19.47
N TYR D 54 28.03 -0.23 20.02
CA TYR D 54 28.72 0.31 21.18
C TYR D 54 29.93 1.08 20.69
N GLU D 55 30.05 2.34 21.10
CA GLU D 55 31.22 3.16 20.78
C GLU D 55 32.13 3.23 21.99
N GLN D 56 33.29 2.56 21.92
CA GLN D 56 34.28 2.58 22.99
C GLN D 56 35.14 3.83 22.86
N GLN D 57 35.11 4.70 23.88
CA GLN D 57 36.00 5.87 23.92
C GLN D 57 36.89 5.79 25.15
N ARG D 58 38.20 6.02 24.94
CA ARG D 58 39.16 6.00 26.03
C ARG D 58 40.09 7.21 25.90
N TRP D 59 40.26 7.93 27.01
CA TRP D 59 41.20 9.04 27.09
C TRP D 59 41.75 9.12 28.52
N LYS D 60 42.78 9.96 28.71
CA LYS D 60 43.44 10.10 30.00
C LYS D 60 43.64 11.58 30.33
N LEU D 61 43.25 11.97 31.55
CA LEU D 61 43.42 13.33 32.04
C LEU D 61 44.29 13.34 33.29
N ASN D 62 45.27 14.23 33.31
CA ASN D 62 46.08 14.42 34.51
C ASN D 62 45.22 14.83 35.70
N SER D 63 44.25 15.71 35.48
CA SER D 63 43.40 16.20 36.55
C SER D 63 42.58 15.11 37.23
N LEU D 64 42.55 13.89 36.69
CA LEU D 64 41.76 12.81 37.26
C LEU D 64 42.61 11.76 37.95
N MET D 65 43.90 11.99 38.10
CA MET D 65 44.77 11.03 38.77
C MET D 65 44.59 11.13 40.28
N TRP D 66 44.77 9.99 40.96
CA TRP D 66 44.80 9.97 42.42
C TRP D 66 45.69 8.83 42.87
N ASP D 67 46.30 9.00 44.04
CA ASP D 67 47.12 8.02 44.73
C ASP D 67 46.20 7.05 45.46
N PRO D 68 46.10 5.80 45.03
CA PRO D 68 45.10 4.91 45.64
C PRO D 68 45.37 4.55 47.09
N ASN D 69 46.55 4.87 47.64
CA ASN D 69 46.74 4.61 49.06
C ASN D 69 46.14 5.71 49.92
N GLU D 70 45.95 6.91 49.38
CA GLU D 70 45.23 7.95 50.08
C GLU D 70 43.72 7.70 50.15
N TYR D 71 43.18 6.77 49.36
CA TYR D 71 41.72 6.63 49.28
C TYR D 71 41.30 5.18 49.42
N GLY D 72 41.84 4.49 50.42
CA GLY D 72 41.38 3.15 50.77
C GLY D 72 41.71 2.07 49.76
N ASN D 73 42.75 2.26 48.95
CA ASN D 73 43.17 1.34 47.89
C ASN D 73 42.23 1.34 46.69
N ILE D 74 41.28 2.29 46.60
CA ILE D 74 40.39 2.38 45.45
C ILE D 74 41.22 2.60 44.18
N THR D 75 41.02 1.73 43.19
CA THR D 75 41.80 1.81 41.94
C THR D 75 41.01 2.40 40.78
N ASP D 76 39.68 2.38 40.85
CA ASP D 76 38.84 2.86 39.77
C ASP D 76 37.45 3.08 40.33
N PHE D 77 36.64 3.84 39.60
CA PHE D 77 35.25 3.99 40.02
C PHE D 77 34.39 4.38 38.84
N ARG D 78 33.09 4.17 39.04
CA ARG D 78 32.06 4.51 38.08
C ARG D 78 31.44 5.85 38.46
N THR D 79 31.14 6.66 37.47
CA THR D 79 30.54 7.95 37.78
C THR D 79 29.73 8.41 36.59
N SER D 80 28.77 9.29 36.86
CA SER D 80 27.97 9.86 35.79
C SER D 80 28.85 10.63 34.82
N ALA D 81 28.57 10.47 33.52
CA ALA D 81 29.35 11.16 32.50
C ALA D 81 29.18 12.68 32.57
N ALA D 82 28.12 13.16 33.22
CA ALA D 82 27.97 14.60 33.47
C ALA D 82 29.03 15.15 34.41
N ASP D 83 29.62 14.32 35.27
CA ASP D 83 30.61 14.80 36.22
C ASP D 83 31.96 15.08 35.61
N ILE D 84 32.19 14.72 34.34
CA ILE D 84 33.51 14.83 33.73
C ILE D 84 33.39 15.37 32.32
N TRP D 85 34.50 15.89 31.82
CA TRP D 85 34.56 16.27 30.43
C TRP D 85 34.50 15.03 29.56
N THR D 86 33.76 15.13 28.45
CA THR D 86 33.73 14.05 27.46
C THR D 86 34.03 14.62 26.07
N PRO D 87 34.76 13.88 25.24
CA PRO D 87 35.05 14.36 23.89
C PRO D 87 33.79 14.45 23.05
N ASP D 88 33.81 15.37 22.10
CA ASP D 88 32.65 15.67 21.24
C ASP D 88 32.64 14.86 19.95
N ILE D 89 32.85 13.55 20.06
CA ILE D 89 32.94 12.69 18.88
C ILE D 89 31.58 12.61 18.19
N THR D 90 31.57 12.81 16.88
CA THR D 90 30.30 12.90 16.15
C THR D 90 30.42 12.19 14.83
N ALA D 91 29.31 11.55 14.43
CA ALA D 91 29.15 11.09 13.05
C ALA D 91 28.94 12.30 12.13
N TYR D 92 29.78 12.42 11.11
CA TYR D 92 29.73 13.56 10.21
C TYR D 92 28.59 13.51 9.20
N SER D 93 27.84 12.40 9.10
CA SER D 93 26.79 12.33 8.10
C SER D 93 25.52 11.66 8.64
N SER D 94 25.24 11.84 9.93
CA SER D 94 23.94 11.44 10.45
C SER D 94 22.83 12.22 9.76
N THR D 95 21.62 11.66 9.79
CA THR D 95 20.45 12.35 9.27
C THR D 95 19.35 12.51 10.31
N ARG D 96 19.53 12.01 11.53
CA ARG D 96 18.66 12.20 12.67
C ARG D 96 19.56 12.36 13.88
N PRO D 97 19.08 12.99 14.95
CA PRO D 97 19.87 13.01 16.19
C PRO D 97 20.10 11.59 16.68
N VAL D 98 21.33 11.33 17.11
CA VAL D 98 21.68 9.99 17.59
C VAL D 98 20.84 9.67 18.82
N GLN D 99 20.37 8.43 18.90
CA GLN D 99 19.61 7.96 20.05
C GLN D 99 20.50 7.12 20.97
N VAL D 100 20.51 7.46 22.25
CA VAL D 100 21.37 6.81 23.24
C VAL D 100 20.60 5.69 23.92
N LEU D 101 21.18 4.49 23.91
CA LEU D 101 20.49 3.28 24.34
C LEU D 101 21.00 2.78 25.68
N SER D 102 22.00 3.43 26.25
CA SER D 102 22.70 2.96 27.44
C SER D 102 22.81 4.05 28.48
N PRO D 103 22.96 3.69 29.75
CA PRO D 103 23.21 4.70 30.78
C PRO D 103 24.47 5.50 30.44
N GLN D 104 24.43 6.79 30.74
CA GLN D 104 25.56 7.68 30.43
C GLN D 104 26.48 7.71 31.65
N ILE D 105 27.31 6.67 31.76
CA ILE D 105 28.17 6.46 32.92
C ILE D 105 29.54 6.01 32.42
N ALA D 106 30.59 6.44 33.13
CA ALA D 106 31.97 6.15 32.77
C ALA D 106 32.72 5.45 33.90
N VAL D 107 33.87 4.87 33.56
CA VAL D 107 34.75 4.22 34.52
C VAL D 107 36.06 5.00 34.53
N VAL D 108 36.46 5.51 35.69
CA VAL D 108 37.68 6.31 35.84
C VAL D 108 38.70 5.53 36.64
N THR D 109 39.94 5.48 36.14
CA THR D 109 41.02 4.71 36.75
C THR D 109 42.08 5.66 37.32
N HIS D 110 42.77 5.19 38.37
CA HIS D 110 43.59 6.09 39.20
C HIS D 110 44.71 6.77 38.44
N ASP D 111 45.09 6.27 37.27
CA ASP D 111 46.08 6.96 36.45
C ASP D 111 45.50 8.07 35.57
N GLY D 112 44.20 8.36 35.67
CA GLY D 112 43.56 9.36 34.84
C GLY D 112 42.81 8.82 33.64
N SER D 113 42.84 7.51 33.41
CA SER D 113 42.16 6.91 32.27
C SER D 113 40.66 6.96 32.47
N VAL D 114 39.95 7.34 31.40
CA VAL D 114 38.49 7.31 31.36
C VAL D 114 38.06 6.39 30.24
N MET D 115 37.18 5.45 30.58
CA MET D 115 36.58 4.53 29.62
C MET D 115 35.09 4.85 29.59
N PHE D 116 34.57 5.18 28.42
CA PHE D 116 33.18 5.59 28.28
C PHE D 116 32.60 4.93 27.05
N ILE D 117 31.55 4.13 27.22
CA ILE D 117 31.07 3.29 26.12
C ILE D 117 29.58 3.47 25.90
N PRO D 118 29.15 4.53 25.20
CA PRO D 118 27.71 4.69 24.92
C PRO D 118 27.21 3.78 23.80
N ALA D 119 26.03 3.22 24.02
CA ALA D 119 25.31 2.48 22.99
C ALA D 119 24.41 3.42 22.21
N GLN D 120 24.41 3.31 20.89
CA GLN D 120 23.73 4.30 20.07
C GLN D 120 23.02 3.67 18.89
N ARG D 121 21.90 4.28 18.50
CA ARG D 121 21.27 4.02 17.22
C ARG D 121 21.47 5.23 16.33
N LEU D 122 22.13 5.02 15.18
CA LEU D 122 22.49 6.08 14.24
C LEU D 122 21.86 5.82 12.88
N SER D 123 21.08 6.78 12.40
CA SER D 123 20.70 6.86 10.99
C SER D 123 21.71 7.74 10.26
N PHE D 124 22.22 7.25 9.13
CA PHE D 124 23.19 8.03 8.39
C PHE D 124 22.98 7.80 6.90
N MET D 125 23.68 8.60 6.10
CA MET D 125 23.51 8.60 4.66
C MET D 125 24.17 7.36 4.05
N CYS D 126 23.39 6.58 3.32
CA CYS D 126 23.87 5.32 2.75
C CYS D 126 22.90 4.81 1.70
N ASP D 127 23.37 4.52 0.48
CA ASP D 127 22.50 4.02 -0.58
C ASP D 127 22.45 2.50 -0.53
N PRO D 128 21.33 1.89 -0.11
CA PRO D 128 21.27 0.44 0.04
C PRO D 128 21.00 -0.33 -1.25
N THR D 129 21.02 0.34 -2.39
CA THR D 129 20.70 -0.28 -3.67
C THR D 129 21.63 -1.45 -3.96
N GLY D 130 21.05 -2.61 -4.18
CA GLY D 130 21.85 -3.82 -4.37
C GLY D 130 22.16 -4.60 -3.11
N VAL D 131 21.58 -4.25 -1.98
CA VAL D 131 21.84 -5.00 -0.77
C VAL D 131 21.30 -6.42 -0.86
N ASP D 132 20.34 -6.67 -1.76
CA ASP D 132 19.71 -7.98 -1.93
C ASP D 132 20.48 -8.89 -2.89
N SER D 133 21.65 -8.47 -3.33
CA SER D 133 22.47 -9.21 -4.28
C SER D 133 23.56 -9.95 -3.52
N GLU D 134 24.43 -10.66 -4.25
CA GLU D 134 25.48 -11.36 -3.53
C GLU D 134 26.66 -10.46 -3.22
N GLU D 135 26.93 -9.44 -4.05
CA GLU D 135 28.06 -8.54 -3.80
C GLU D 135 27.83 -7.68 -2.55
N GLY D 136 26.58 -7.30 -2.30
CA GLY D 136 26.26 -6.46 -1.18
C GLY D 136 26.29 -4.99 -1.52
N VAL D 137 26.29 -4.20 -0.45
CA VAL D 137 26.43 -2.75 -0.49
C VAL D 137 27.56 -2.37 0.46
N THR D 138 28.28 -1.30 0.15
CA THR D 138 29.28 -0.74 1.04
C THR D 138 28.82 0.62 1.53
N CYS D 139 28.92 0.85 2.84
CA CYS D 139 28.60 2.16 3.37
C CYS D 139 29.66 2.61 4.36
N ALA D 140 29.76 3.92 4.52
CA ALA D 140 30.82 4.48 5.33
C ALA D 140 30.29 5.71 6.03
N VAL D 141 30.72 5.90 7.28
CA VAL D 141 30.46 7.13 8.02
C VAL D 141 31.69 7.49 8.84
N LYS D 142 32.06 8.76 8.83
CA LYS D 142 33.25 9.26 9.52
C LYS D 142 32.87 9.84 10.88
N PHE D 143 33.70 9.57 11.87
CA PHE D 143 33.51 10.02 13.24
C PHE D 143 34.68 10.88 13.64
N GLY D 144 34.38 12.02 14.26
CA GLY D 144 35.46 12.89 14.70
C GLY D 144 34.96 13.91 15.68
N SER D 145 35.90 14.70 16.16
CA SER D 145 35.57 15.89 16.93
C SER D 145 34.80 16.87 16.05
N TRP D 146 33.80 17.52 16.63
CA TRP D 146 33.12 18.54 15.84
C TRP D 146 33.88 19.87 15.81
N VAL D 147 34.74 20.17 16.78
CA VAL D 147 35.30 21.52 16.86
C VAL D 147 36.80 21.55 17.08
N TYR D 148 37.39 20.43 17.46
CA TYR D 148 38.82 20.37 17.75
C TYR D 148 39.58 19.80 16.57
N SER D 149 40.60 20.52 16.12
CA SER D 149 41.53 19.97 15.16
C SER D 149 42.41 18.92 15.83
N GLY D 150 43.21 18.24 15.01
CA GLY D 150 44.15 17.27 15.53
C GLY D 150 45.24 17.86 16.39
N PHE D 151 45.36 19.18 16.45
CA PHE D 151 46.30 19.76 17.39
C PHE D 151 45.81 19.66 18.82
N GLU D 152 44.52 19.51 19.02
CA GLU D 152 43.93 19.41 20.36
C GLU D 152 43.43 18.01 20.69
N ILE D 153 42.76 17.35 19.74
CA ILE D 153 42.31 15.96 19.93
C ILE D 153 42.88 15.12 18.79
N ASP D 154 43.73 14.16 19.14
CA ASP D 154 44.12 13.12 18.21
C ASP D 154 43.25 11.88 18.41
N LEU D 155 42.74 11.32 17.32
CA LEU D 155 42.00 10.07 17.36
C LEU D 155 42.93 8.91 17.00
N LYS D 156 42.76 7.78 17.69
CA LYS D 156 43.37 6.54 17.25
C LYS D 156 42.40 5.38 17.46
N THR D 157 42.72 4.26 16.84
CA THR D 157 42.04 3.00 17.08
C THR D 157 43.09 1.98 17.50
N ASP D 158 42.68 1.02 18.34
CA ASP D 158 43.59 -0.08 18.67
C ASP D 158 43.64 -1.14 17.57
N THR D 159 42.60 -1.23 16.76
CA THR D 159 42.50 -2.23 15.72
C THR D 159 41.64 -1.66 14.61
N ASP D 160 41.91 -2.11 13.39
CA ASP D 160 41.08 -1.71 12.26
C ASP D 160 39.90 -2.65 12.05
N GLN D 161 39.87 -3.77 12.77
CA GLN D 161 38.74 -4.68 12.72
C GLN D 161 37.64 -4.21 13.67
N VAL D 162 36.49 -3.86 13.11
CA VAL D 162 35.31 -3.65 13.94
C VAL D 162 34.98 -4.94 14.69
N ASP D 163 34.63 -4.81 15.98
CA ASP D 163 34.22 -5.97 16.76
C ASP D 163 32.83 -6.44 16.33
N LEU D 164 32.76 -7.66 15.80
CA LEU D 164 31.50 -8.26 15.34
C LEU D 164 31.07 -9.43 16.21
N SER D 165 31.75 -9.66 17.34
CA SER D 165 31.50 -10.80 18.20
C SER D 165 30.11 -10.77 18.82
N SER D 166 29.40 -9.65 18.75
CA SER D 166 28.06 -9.51 19.30
C SER D 166 27.06 -9.08 18.22
N TYR D 167 27.44 -9.19 16.96
CA TYR D 167 26.48 -8.88 15.91
C TYR D 167 25.30 -9.84 15.99
N TYR D 168 24.09 -9.28 15.89
CA TYR D 168 22.87 -10.04 16.07
C TYR D 168 22.73 -11.12 15.00
N ALA D 169 22.67 -12.39 15.43
CA ALA D 169 22.76 -13.51 14.52
C ALA D 169 21.54 -13.65 13.62
N SER D 170 20.41 -13.04 13.98
CA SER D 170 19.21 -13.10 13.15
C SER D 170 18.87 -11.76 12.52
N SER D 171 19.85 -10.85 12.41
CA SER D 171 19.65 -9.62 11.66
C SER D 171 19.14 -9.90 10.26
N LYS D 172 18.36 -8.98 9.71
CA LYS D 172 18.07 -9.04 8.28
C LYS D 172 19.34 -8.94 7.43
N TYR D 173 20.44 -8.42 7.98
CA TYR D 173 21.64 -8.16 7.20
C TYR D 173 22.82 -8.93 7.75
N GLU D 174 23.53 -9.58 6.86
CA GLU D 174 24.78 -10.27 7.13
C GLU D 174 25.96 -9.32 6.85
N ILE D 175 26.96 -9.33 7.72
CA ILE D 175 28.10 -8.44 7.56
C ILE D 175 29.21 -9.17 6.79
N LEU D 176 29.70 -8.52 5.73
CA LEU D 176 30.77 -9.09 4.89
C LEU D 176 32.16 -8.60 5.33
N SER D 177 32.29 -7.32 5.66
CA SER D 177 33.48 -6.79 6.33
C SER D 177 33.11 -5.49 7.04
N ALA D 178 33.87 -5.20 8.09
CA ALA D 178 33.60 -4.01 8.90
C ALA D 178 34.92 -3.52 9.45
N THR D 179 35.39 -2.37 8.96
CA THR D 179 36.67 -1.81 9.37
C THR D 179 36.49 -0.41 9.96
N GLN D 180 37.49 -0.01 10.75
CA GLN D 180 37.52 1.29 11.41
C GLN D 180 38.93 1.84 11.27
N THR D 181 39.08 2.91 10.49
CA THR D 181 40.41 3.34 10.06
C THR D 181 40.62 4.81 10.36
N ARG D 182 41.69 5.11 11.08
CA ARG D 182 42.12 6.48 11.28
C ARG D 182 42.49 7.14 9.96
N GLN D 183 41.94 8.34 9.72
CA GLN D 183 42.22 9.12 8.53
C GLN D 183 42.70 10.51 8.94
N VAL D 184 43.74 11.01 8.28
CA VAL D 184 44.27 12.35 8.50
C VAL D 184 44.10 13.16 7.23
N GLN D 185 43.51 14.35 7.35
CA GLN D 185 43.40 15.28 6.24
C GLN D 185 44.22 16.53 6.54
N HIS D 186 44.97 16.99 5.54
CA HIS D 186 45.58 18.31 5.55
C HIS D 186 44.91 19.19 4.52
N TYR D 187 44.84 20.48 4.82
CA TYR D 187 44.29 21.46 3.91
C TYR D 187 45.39 22.42 3.49
N SER D 188 45.27 22.91 2.26
CA SER D 188 46.30 23.79 1.65
C SER D 188 46.10 25.22 2.15
N CYS D 189 46.63 25.46 3.34
CA CYS D 189 46.30 26.63 4.16
C CYS D 189 47.00 26.56 5.52
N CYS D 190 46.82 25.44 6.22
CA CYS D 190 47.00 25.30 7.65
C CYS D 190 47.88 24.12 8.01
N PRO D 191 48.72 24.27 9.04
CA PRO D 191 49.57 23.14 9.47
C PRO D 191 48.80 22.05 10.18
N GLU D 192 47.60 22.34 10.65
CA GLU D 192 46.93 21.47 11.60
C GLU D 192 46.27 20.30 10.88
N PRO D 193 46.47 19.07 11.35
CA PRO D 193 45.80 17.93 10.73
C PRO D 193 44.34 17.85 11.19
N TYR D 194 43.58 17.06 10.45
CA TYR D 194 42.19 16.79 10.81
C TYR D 194 41.97 15.30 10.78
N ILE D 195 41.64 14.74 11.92
CA ILE D 195 41.56 13.30 12.10
C ILE D 195 40.10 12.88 12.21
N ASP D 196 39.77 11.79 11.53
CA ASP D 196 38.51 11.13 11.70
C ASP D 196 38.78 9.64 11.73
N VAL D 197 37.77 8.89 12.18
CA VAL D 197 37.78 7.44 12.12
C VAL D 197 36.68 7.03 11.16
N ASN D 198 37.05 6.35 10.10
CA ASN D 198 36.17 6.00 9.00
C ASN D 198 35.65 4.58 9.23
N LEU D 199 34.36 4.47 9.53
CA LEU D 199 33.71 3.18 9.77
C LEU D 199 33.12 2.69 8.45
N VAL D 200 33.64 1.59 7.91
CA VAL D 200 33.26 1.10 6.60
C VAL D 200 32.67 -0.29 6.75
N VAL D 201 31.40 -0.42 6.40
CA VAL D 201 30.66 -1.67 6.56
C VAL D 201 30.16 -2.11 5.21
N LYS D 202 30.45 -3.36 4.86
CA LYS D 202 29.91 -3.99 3.67
C LYS D 202 28.95 -5.08 4.12
N PHE D 203 27.73 -5.05 3.60
CA PHE D 203 26.71 -5.95 4.09
C PHE D 203 25.78 -6.34 2.95
N ARG D 204 24.92 -7.31 3.23
CA ARG D 204 23.92 -7.74 2.27
C ARG D 204 22.81 -8.45 3.01
N GLU D 205 21.64 -8.54 2.37
CA GLU D 205 20.53 -9.29 2.95
C GLU D 205 20.97 -10.72 3.25
N ARG D 206 20.52 -11.24 4.40
CA ARG D 206 20.85 -12.61 4.75
C ARG D 206 19.85 -13.55 4.11
N SER E 1 48.94 26.56 31.50
CA SER E 1 48.46 26.21 30.16
C SER E 1 46.94 25.97 30.18
N GLN E 2 46.53 24.81 30.75
CA GLN E 2 45.15 24.59 31.17
C GLN E 2 44.74 25.57 32.25
N ALA E 3 45.70 25.96 33.11
CA ALA E 3 45.41 26.94 34.14
C ALA E 3 45.02 28.27 33.52
N ASN E 4 45.79 28.72 32.51
CA ASN E 4 45.46 29.94 31.79
C ASN E 4 44.05 29.90 31.20
N LEU E 5 43.73 28.81 30.48
CA LEU E 5 42.42 28.72 29.86
C LEU E 5 41.32 28.76 30.91
N MET E 6 41.53 28.09 32.05
CA MET E 6 40.54 28.18 33.13
C MET E 6 40.43 29.62 33.62
N ARG E 7 41.57 30.30 33.77
CA ARG E 7 41.56 31.71 34.16
C ARG E 7 40.73 32.52 33.17
N LEU E 8 41.06 32.40 31.89
CA LEU E 8 40.42 33.18 30.84
C LEU E 8 38.92 32.98 30.88
N LYS E 9 38.49 31.72 30.93
CA LYS E 9 37.05 31.46 30.91
C LYS E 9 36.39 32.01 32.17
N SER E 10 37.05 31.88 33.31
CA SER E 10 36.54 32.48 34.53
C SER E 10 36.38 33.99 34.38
N ASP E 11 37.39 34.66 33.83
CA ASP E 11 37.32 36.10 33.63
C ASP E 11 36.19 36.49 32.69
N LEU E 12 35.97 35.71 31.63
CA LEU E 12 35.01 36.10 30.59
C LEU E 12 33.57 35.75 30.96
N PHE E 13 33.36 34.69 31.73
CA PHE E 13 32.03 34.18 31.95
C PHE E 13 31.54 34.35 33.38
N ASN E 14 32.36 33.98 34.36
CA ASN E 14 31.93 33.98 35.76
C ASN E 14 31.95 35.38 36.36
N ARG E 15 33.06 36.09 36.18
CA ARG E 15 33.24 37.42 36.73
C ARG E 15 32.52 38.50 35.93
N SER E 16 31.89 38.13 34.82
CA SER E 16 31.37 39.08 33.85
C SER E 16 29.85 38.96 33.75
N PRO E 17 29.12 40.09 33.81
CA PRO E 17 27.65 40.01 33.71
C PRO E 17 27.20 39.52 32.34
N MET E 18 26.05 38.84 32.33
CA MET E 18 25.47 38.29 31.12
C MET E 18 25.36 39.34 30.02
N TYR E 19 25.81 39.00 28.82
CA TYR E 19 25.59 39.90 27.68
C TYR E 19 24.11 39.85 27.31
N PRO E 20 23.42 40.99 27.25
CA PRO E 20 21.96 40.99 27.11
C PRO E 20 21.43 40.96 25.69
N GLY E 21 22.28 40.71 24.70
CA GLY E 21 21.85 40.75 23.32
C GLY E 21 22.16 42.11 22.73
N PRO E 22 22.07 42.22 21.41
CA PRO E 22 22.33 43.51 20.77
C PRO E 22 21.24 44.52 21.08
N THR E 23 21.56 45.80 20.85
CA THR E 23 20.65 46.91 21.08
C THR E 23 20.83 47.86 19.90
N LYS E 24 19.89 48.79 19.74
CA LYS E 24 19.95 49.72 18.61
C LYS E 24 21.23 50.55 18.64
N ASP E 25 21.80 50.79 19.83
CA ASP E 25 23.03 51.53 19.98
C ASP E 25 24.28 50.66 19.92
N ASP E 26 24.14 49.35 20.13
CA ASP E 26 25.24 48.40 19.96
C ASP E 26 24.79 47.26 19.04
N PRO E 27 24.65 47.55 17.74
CA PRO E 27 24.15 46.53 16.81
C PRO E 27 25.22 45.49 16.46
N LEU E 28 24.75 44.39 15.90
CA LEU E 28 25.56 43.19 15.71
C LEU E 28 25.31 42.61 14.32
N THR E 29 26.36 42.25 13.60
CA THR E 29 26.23 41.61 12.29
C THR E 29 26.58 40.13 12.39
N VAL E 30 25.68 39.26 11.96
CA VAL E 30 25.92 37.82 11.94
C VAL E 30 26.21 37.39 10.51
N THR E 31 27.32 36.70 10.30
CA THR E 31 27.63 36.13 9.00
C THR E 31 27.11 34.70 8.92
N LEU E 32 26.34 34.41 7.87
CA LEU E 32 25.72 33.12 7.67
C LEU E 32 26.28 32.45 6.41
N GLY E 33 26.45 31.14 6.48
CA GLY E 33 26.75 30.35 5.29
C GLY E 33 26.22 28.95 5.48
N PHE E 34 25.85 28.31 4.37
CA PHE E 34 25.32 26.95 4.45
C PHE E 34 26.21 25.95 3.73
N THR E 35 26.41 24.80 4.35
CA THR E 35 27.05 23.66 3.72
C THR E 35 25.95 22.61 3.56
N LEU E 36 25.51 22.40 2.31
CA LEU E 36 24.43 21.46 2.02
C LEU E 36 24.96 20.03 1.97
N GLN E 37 24.40 19.16 2.80
CA GLN E 37 24.84 17.77 2.88
C GLN E 37 23.95 16.82 2.10
N ASP E 38 22.64 17.01 2.18
CA ASP E 38 21.70 16.03 1.64
C ASP E 38 20.33 16.65 1.58
N ILE E 39 19.62 16.41 0.50
CA ILE E 39 18.17 16.48 0.52
C ILE E 39 17.72 15.06 0.86
N VAL E 40 17.12 14.89 2.04
CA VAL E 40 16.90 13.56 2.58
C VAL E 40 15.61 12.96 2.05
N LYS E 41 14.53 13.70 2.13
CA LYS E 41 13.30 13.23 1.52
C LYS E 41 12.44 14.40 1.11
N VAL E 42 11.61 14.13 0.10
CA VAL E 42 10.56 15.01 -0.35
C VAL E 42 9.25 14.30 -0.06
N ASP E 43 8.22 15.07 0.26
CA ASP E 43 6.91 14.49 0.53
C ASP E 43 5.88 15.22 -0.33
N SER E 44 5.37 14.51 -1.34
CA SER E 44 4.49 15.14 -2.32
C SER E 44 3.09 15.34 -1.78
N SER E 45 2.72 14.61 -0.73
CA SER E 45 1.36 14.73 -0.17
C SER E 45 1.19 15.97 0.70
N THR E 46 2.28 16.47 1.28
CA THR E 46 2.20 17.60 2.19
C THR E 46 3.02 18.78 1.72
N ASN E 47 3.77 18.65 0.62
CA ASN E 47 4.68 19.70 0.17
C ASN E 47 5.64 20.11 1.30
N GLU E 48 6.26 19.10 1.94
CA GLU E 48 7.38 19.28 2.83
C GLU E 48 8.64 18.64 2.25
N VAL E 49 9.79 19.29 2.45
CA VAL E 49 11.08 18.72 2.07
C VAL E 49 12.03 18.80 3.25
N ASP E 50 12.93 17.82 3.37
CA ASP E 50 13.87 17.73 4.49
C ASP E 50 15.30 17.95 3.99
N LEU E 51 15.98 18.95 4.55
CA LEU E 51 17.38 19.21 4.26
C LEU E 51 18.26 18.85 5.45
N VAL E 52 19.52 18.51 5.16
CA VAL E 52 20.55 18.36 6.18
C VAL E 52 21.72 19.22 5.75
N TYR E 53 22.15 20.10 6.64
CA TYR E 53 23.16 21.11 6.32
C TYR E 53 23.88 21.51 7.58
N TYR E 54 25.07 22.09 7.40
CA TYR E 54 25.77 22.83 8.45
C TYR E 54 25.49 24.32 8.26
N GLU E 55 25.07 24.99 9.31
CA GLU E 55 24.85 26.43 9.21
C GLU E 55 25.98 27.15 9.95
N GLN E 56 26.91 27.73 9.21
CA GLN E 56 27.98 28.53 9.81
C GLN E 56 27.41 29.87 10.25
N GLN E 57 27.54 30.18 11.54
CA GLN E 57 27.18 31.47 12.10
C GLN E 57 28.40 32.07 12.75
N ARG E 58 28.75 33.28 12.36
CA ARG E 58 29.88 33.98 12.92
C ARG E 58 29.48 35.40 13.29
N TRP E 59 29.89 35.83 14.47
CA TRP E 59 29.63 37.20 14.92
C TRP E 59 30.78 37.60 15.85
N LYS E 60 30.74 38.84 16.36
CA LYS E 60 31.83 39.41 17.14
C LYS E 60 31.30 40.26 18.29
N LEU E 61 31.82 40.04 19.50
CA LEU E 61 31.39 40.73 20.71
C LEU E 61 32.58 41.40 21.39
N ASN E 62 32.45 42.69 21.68
CA ASN E 62 33.48 43.39 22.43
C ASN E 62 33.70 42.74 23.80
N SER E 63 32.64 42.23 24.42
CA SER E 63 32.79 41.66 25.75
C SER E 63 33.44 40.28 25.74
N LEU E 64 33.87 39.78 24.58
CA LEU E 64 34.55 38.50 24.50
C LEU E 64 36.01 38.65 24.07
N MET E 65 36.51 39.87 24.00
CA MET E 65 37.90 40.09 23.64
C MET E 65 38.82 39.90 24.85
N TRP E 66 40.06 39.50 24.57
CA TRP E 66 41.10 39.43 25.58
C TRP E 66 42.43 39.66 24.91
N ASP E 67 43.43 39.98 25.75
CA ASP E 67 44.79 40.16 25.30
C ASP E 67 45.52 38.84 25.46
N PRO E 68 45.91 38.16 24.38
CA PRO E 68 46.59 36.86 24.52
C PRO E 68 47.78 36.86 25.47
N ASN E 69 48.51 37.98 25.58
CA ASN E 69 49.69 38.00 26.43
C ASN E 69 49.32 37.78 27.89
N GLU E 70 48.17 38.30 28.31
CA GLU E 70 47.70 38.16 29.68
C GLU E 70 47.19 36.77 30.01
N TYR E 71 47.18 35.85 29.04
CA TYR E 71 46.57 34.53 29.21
C TYR E 71 47.40 33.47 28.51
N GLY E 72 48.72 33.55 28.66
CA GLY E 72 49.59 32.48 28.22
C GLY E 72 49.58 32.26 26.74
N ASN E 73 49.43 33.34 25.97
CA ASN E 73 49.43 33.30 24.50
C ASN E 73 48.24 32.55 23.92
N ILE E 74 47.14 32.37 24.67
CA ILE E 74 45.96 31.71 24.11
C ILE E 74 45.26 32.64 23.13
N THR E 75 44.99 32.14 21.93
CA THR E 75 44.35 32.96 20.89
C THR E 75 42.90 32.58 20.60
N ASP E 76 42.44 31.41 21.05
CA ASP E 76 41.06 30.98 20.87
C ASP E 76 40.80 29.79 21.78
N PHE E 77 39.52 29.46 21.94
CA PHE E 77 39.15 28.30 22.74
C PHE E 77 37.77 27.82 22.32
N ARG E 78 37.51 26.54 22.60
CA ARG E 78 36.20 25.98 22.38
C ARG E 78 35.42 26.06 23.68
N THR E 79 34.11 26.25 23.57
CA THR E 79 33.29 26.33 24.77
C THR E 79 31.87 25.93 24.40
N SER E 80 31.17 25.39 25.37
CA SER E 80 29.77 25.02 25.17
C SER E 80 28.96 26.26 24.77
N ALA E 81 28.08 26.09 23.79
CA ALA E 81 27.29 27.19 23.28
C ALA E 81 26.30 27.74 24.30
N ALA E 82 26.14 27.06 25.43
CA ALA E 82 25.34 27.61 26.52
C ALA E 82 26.11 28.66 27.31
N ASP E 83 27.43 28.61 27.27
CA ASP E 83 28.24 29.58 28.00
C ASP E 83 28.18 30.98 27.42
N ILE E 84 27.53 31.16 26.27
CA ILE E 84 27.58 32.43 25.55
C ILE E 84 26.21 32.74 24.97
N TRP E 85 26.04 34.01 24.61
CA TRP E 85 24.89 34.41 23.82
C TRP E 85 25.05 33.89 22.39
N THR E 86 23.95 33.40 21.82
CA THR E 86 23.89 33.02 20.43
C THR E 86 22.68 33.69 19.77
N PRO E 87 22.77 34.02 18.50
CA PRO E 87 21.63 34.68 17.84
C PRO E 87 20.54 33.67 17.49
N ASP E 88 19.32 34.18 17.45
CA ASP E 88 18.11 33.37 17.30
C ASP E 88 17.75 33.24 15.81
N ILE E 89 18.70 32.74 15.03
CA ILE E 89 18.48 32.59 13.60
C ILE E 89 17.48 31.46 13.37
N THR E 90 16.38 31.77 12.67
CA THR E 90 15.28 30.83 12.51
C THR E 90 14.91 30.73 11.04
N ALA E 91 14.54 29.51 10.62
CA ALA E 91 13.92 29.34 9.32
C ALA E 91 12.51 29.88 9.41
N TYR E 92 12.11 30.66 8.42
CA TYR E 92 10.81 31.30 8.51
C TYR E 92 9.65 30.41 8.05
N SER E 93 9.93 29.24 7.47
CA SER E 93 8.86 28.42 6.87
C SER E 93 9.08 26.94 7.16
N SER E 94 9.60 26.65 8.35
CA SER E 94 9.69 25.28 8.81
C SER E 94 8.30 24.72 9.13
N THR E 95 8.18 23.39 9.09
CA THR E 95 6.95 22.68 9.41
C THR E 95 7.13 21.74 10.58
N ARG E 96 8.34 21.62 11.12
CA ARG E 96 8.69 20.80 12.27
C ARG E 96 9.82 21.52 12.99
N PRO E 97 9.94 21.34 14.31
CA PRO E 97 11.12 21.89 15.00
C PRO E 97 12.38 21.29 14.41
N VAL E 98 13.38 22.14 14.20
CA VAL E 98 14.67 21.72 13.69
C VAL E 98 15.28 20.66 14.60
N GLN E 99 15.98 19.70 13.99
CA GLN E 99 16.71 18.67 14.71
C GLN E 99 18.21 18.93 14.64
N VAL E 100 18.85 19.03 15.81
CA VAL E 100 20.26 19.33 15.91
C VAL E 100 21.06 18.02 15.85
N LEU E 101 22.04 17.98 14.96
CA LEU E 101 22.77 16.74 14.67
C LEU E 101 24.18 16.72 15.24
N SER E 102 24.62 17.81 15.87
CA SER E 102 26.02 18.03 16.21
C SER E 102 26.15 18.64 17.59
N PRO E 103 27.32 18.53 18.21
CA PRO E 103 27.52 19.12 19.53
C PRO E 103 27.38 20.65 19.50
N GLN E 104 26.83 21.20 20.59
CA GLN E 104 26.55 22.62 20.70
C GLN E 104 27.77 23.32 21.31
N ILE E 105 28.82 23.41 20.51
CA ILE E 105 30.10 23.97 20.94
C ILE E 105 30.53 25.01 19.93
N ALA E 106 31.08 26.10 20.44
CA ALA E 106 31.48 27.22 19.62
C ALA E 106 32.96 27.49 19.81
N VAL E 107 33.55 28.24 18.88
CA VAL E 107 34.95 28.62 18.97
C VAL E 107 34.99 30.13 19.14
N VAL E 108 35.73 30.59 20.15
CA VAL E 108 35.84 32.00 20.49
C VAL E 108 37.28 32.44 20.26
N THR E 109 37.47 33.52 19.50
CA THR E 109 38.79 34.04 19.17
C THR E 109 39.05 35.33 19.94
N HIS E 110 40.33 35.63 20.18
CA HIS E 110 40.69 36.69 21.13
C HIS E 110 40.22 38.08 20.73
N ASP E 111 39.87 38.30 19.47
CA ASP E 111 39.32 39.57 19.01
C ASP E 111 37.81 39.69 19.25
N GLY E 112 37.21 38.73 19.95
CA GLY E 112 35.79 38.74 20.22
C GLY E 112 34.93 38.00 19.22
N SER E 113 35.49 37.44 18.16
CA SER E 113 34.65 36.78 17.17
C SER E 113 34.30 35.36 17.63
N VAL E 114 33.06 34.95 17.35
CA VAL E 114 32.56 33.63 17.69
C VAL E 114 32.19 32.91 16.41
N MET E 115 32.66 31.68 16.26
CA MET E 115 32.28 30.80 15.17
C MET E 115 31.48 29.64 15.75
N PHE E 116 30.30 29.40 15.18
CA PHE E 116 29.39 28.40 15.70
C PHE E 116 28.75 27.70 14.50
N ILE E 117 28.86 26.38 14.43
CA ILE E 117 28.38 25.65 13.25
C ILE E 117 27.46 24.49 13.61
N PRO E 118 26.18 24.74 13.90
CA PRO E 118 25.26 23.62 14.15
C PRO E 118 24.87 22.90 12.86
N ALA E 119 24.96 21.57 12.89
CA ALA E 119 24.40 20.73 11.83
C ALA E 119 22.95 20.40 12.14
N GLN E 120 22.08 20.54 11.14
CA GLN E 120 20.65 20.46 11.42
C GLN E 120 19.92 19.70 10.31
N ARG E 121 18.78 19.14 10.67
CA ARG E 121 17.83 18.60 9.72
C ARG E 121 16.57 19.44 9.76
N LEU E 122 16.17 19.98 8.62
CA LEU E 122 15.09 20.93 8.54
C LEU E 122 14.00 20.42 7.60
N SER E 123 12.76 20.39 8.09
CA SER E 123 11.57 20.22 7.27
C SER E 123 10.96 21.59 6.98
N PHE E 124 10.75 21.90 5.69
CA PHE E 124 10.19 23.19 5.35
C PHE E 124 9.30 23.07 4.12
N MET E 125 8.51 24.13 3.91
CA MET E 125 7.48 24.14 2.87
C MET E 125 8.11 24.25 1.49
N CYS E 126 7.78 23.29 0.63
CA CYS E 126 8.39 23.20 -0.70
C CYS E 126 7.57 22.21 -1.53
N ASP E 127 7.17 22.62 -2.73
CA ASP E 127 6.36 21.76 -3.61
C ASP E 127 7.26 20.95 -4.55
N PRO E 128 7.46 19.67 -4.29
CA PRO E 128 8.39 18.86 -5.11
C PRO E 128 7.80 18.32 -6.40
N THR E 129 6.62 18.78 -6.81
CA THR E 129 6.03 18.33 -8.06
C THR E 129 6.98 18.62 -9.21
N GLY E 130 7.41 17.57 -9.90
CA GLY E 130 8.35 17.74 -11.00
C GLY E 130 9.80 17.49 -10.68
N VAL E 131 10.13 16.99 -9.49
CA VAL E 131 11.54 16.68 -9.21
C VAL E 131 12.04 15.60 -10.16
N ASP E 132 11.16 14.70 -10.57
CA ASP E 132 11.53 13.57 -11.44
C ASP E 132 11.60 13.97 -12.90
N SER E 133 11.86 15.24 -13.17
CA SER E 133 12.03 15.76 -14.51
C SER E 133 13.44 16.32 -14.63
N GLU E 134 13.83 16.69 -15.85
CA GLU E 134 15.17 17.20 -16.04
C GLU E 134 15.30 18.66 -15.58
N GLU E 135 14.22 19.45 -15.69
CA GLU E 135 14.26 20.82 -15.18
C GLU E 135 14.25 20.85 -13.65
N GLY E 136 13.67 19.83 -13.02
CA GLY E 136 13.58 19.75 -11.58
C GLY E 136 12.64 20.79 -10.96
N VAL E 137 12.89 21.04 -9.68
CA VAL E 137 12.07 21.86 -8.82
C VAL E 137 12.97 22.87 -8.11
N THR E 138 12.43 24.05 -7.82
CA THR E 138 13.14 25.08 -7.06
C THR E 138 12.46 25.29 -5.73
N CYS E 139 13.24 25.37 -4.66
CA CYS E 139 12.68 25.59 -3.34
C CYS E 139 13.51 26.64 -2.61
N ALA E 140 12.89 27.26 -1.62
CA ALA E 140 13.49 28.41 -0.97
C ALA E 140 12.99 28.50 0.46
N VAL E 141 13.87 28.95 1.34
CA VAL E 141 13.53 29.18 2.74
C VAL E 141 14.39 30.34 3.24
N LYS E 142 13.79 31.25 3.99
CA LYS E 142 14.50 32.41 4.54
C LYS E 142 14.93 32.13 5.98
N PHE E 143 16.15 32.51 6.29
CA PHE E 143 16.67 32.44 7.64
C PHE E 143 16.93 33.85 8.13
N GLY E 144 16.57 34.09 9.39
CA GLY E 144 16.72 35.41 9.98
C GLY E 144 16.39 35.35 11.45
N SER E 145 16.70 36.44 12.14
CA SER E 145 16.32 36.56 13.53
C SER E 145 14.80 36.61 13.63
N TRP E 146 14.24 35.89 14.61
CA TRP E 146 12.80 35.95 14.81
C TRP E 146 12.33 37.27 15.43
N VAL E 147 13.14 37.89 16.29
CA VAL E 147 12.66 38.98 17.12
C VAL E 147 13.40 40.30 16.91
N TYR E 148 14.58 40.30 16.30
CA TYR E 148 15.37 41.53 16.20
C TYR E 148 15.26 42.12 14.79
N SER E 149 14.85 43.39 14.72
CA SER E 149 14.93 44.13 13.47
C SER E 149 16.39 44.24 13.00
N GLY E 150 16.53 44.70 11.76
CA GLY E 150 17.82 45.08 11.20
C GLY E 150 18.57 46.19 11.93
N PHE E 151 17.92 46.93 12.84
CA PHE E 151 18.63 47.89 13.68
C PHE E 151 19.35 47.25 14.86
N GLU E 152 19.12 45.97 15.14
CA GLU E 152 19.87 45.25 16.16
C GLU E 152 20.72 44.11 15.60
N ILE E 153 20.19 43.33 14.66
CA ILE E 153 20.93 42.25 14.04
C ILE E 153 20.87 42.44 12.52
N ASP E 154 22.03 42.74 11.92
CA ASP E 154 22.19 42.66 10.47
C ASP E 154 22.79 41.31 10.10
N LEU E 155 22.64 40.94 8.84
CA LEU E 155 23.17 39.67 8.35
C LEU E 155 23.91 39.88 7.05
N LYS E 156 24.77 38.91 6.73
CA LYS E 156 25.48 38.91 5.48
C LYS E 156 25.95 37.49 5.19
N THR E 157 26.41 37.28 3.96
CA THR E 157 27.08 36.07 3.54
C THR E 157 28.46 36.44 3.04
N ASP E 158 29.44 35.53 3.16
CA ASP E 158 30.73 35.78 2.53
C ASP E 158 30.67 35.48 1.04
N THR E 159 29.91 34.46 0.67
CA THR E 159 29.71 34.11 -0.73
C THR E 159 28.21 33.91 -0.96
N ASP E 160 27.78 34.17 -2.19
CA ASP E 160 26.43 33.86 -2.65
C ASP E 160 26.26 32.39 -3.01
N GLN E 161 27.36 31.64 -3.19
CA GLN E 161 27.31 30.24 -3.57
C GLN E 161 27.28 29.37 -2.31
N VAL E 162 26.25 28.53 -2.21
CA VAL E 162 26.23 27.54 -1.14
C VAL E 162 27.38 26.54 -1.34
N ASP E 163 27.97 26.09 -0.24
CA ASP E 163 28.99 25.05 -0.30
C ASP E 163 28.34 23.69 -0.59
N LEU E 164 28.65 23.10 -1.75
CA LEU E 164 28.17 21.78 -2.10
C LEU E 164 29.28 20.73 -2.09
N SER E 165 30.46 21.07 -1.57
CA SER E 165 31.63 20.18 -1.63
C SER E 165 31.53 19.00 -0.67
N SER E 166 30.52 18.97 0.18
CA SER E 166 30.23 17.85 1.06
C SER E 166 28.89 17.22 0.74
N TYR E 167 28.26 17.60 -0.36
CA TYR E 167 26.97 17.03 -0.69
C TYR E 167 27.11 15.52 -0.92
N TYR E 168 26.30 14.74 -0.19
CA TYR E 168 26.25 13.30 -0.37
C TYR E 168 26.10 12.87 -1.83
N ALA E 169 27.13 12.24 -2.39
CA ALA E 169 27.15 11.91 -3.81
C ALA E 169 26.11 10.87 -4.21
N SER E 170 25.64 10.02 -3.30
CA SER E 170 24.60 9.06 -3.67
C SER E 170 23.23 9.45 -3.15
N SER E 171 23.00 10.75 -2.88
CA SER E 171 21.68 11.22 -2.49
C SER E 171 20.66 10.84 -3.56
N LYS E 172 19.39 10.68 -3.16
CA LYS E 172 18.36 10.49 -4.17
C LYS E 172 18.25 11.70 -5.08
N TYR E 173 18.63 12.89 -4.59
CA TYR E 173 18.43 14.15 -5.30
C TYR E 173 19.77 14.81 -5.60
N GLU E 174 19.92 15.28 -6.84
CA GLU E 174 21.09 16.06 -7.21
C GLU E 174 20.76 17.55 -7.28
N ILE E 175 21.76 18.38 -6.95
CA ILE E 175 21.60 19.82 -6.85
C ILE E 175 22.04 20.48 -8.15
N LEU E 176 21.16 21.30 -8.72
CA LEU E 176 21.50 22.06 -9.93
C LEU E 176 22.00 23.46 -9.61
N SER E 177 21.42 24.14 -8.62
CA SER E 177 22.06 25.34 -8.08
C SER E 177 21.63 25.50 -6.63
N ALA E 178 22.42 26.31 -5.92
CA ALA E 178 22.18 26.54 -4.51
C ALA E 178 22.78 27.89 -4.15
N THR E 179 21.94 28.87 -3.85
CA THR E 179 22.43 30.19 -3.50
C THR E 179 21.94 30.59 -2.12
N GLN E 180 22.63 31.57 -1.54
CA GLN E 180 22.31 32.12 -0.22
C GLN E 180 22.46 33.63 -0.32
N THR E 181 21.33 34.35 -0.27
CA THR E 181 21.31 35.77 -0.63
C THR E 181 20.67 36.59 0.48
N ARG E 182 21.32 37.68 0.83
CA ARG E 182 20.79 38.61 1.83
C ARG E 182 19.63 39.42 1.25
N GLN E 183 18.53 39.47 1.99
CA GLN E 183 17.33 40.22 1.62
C GLN E 183 16.90 41.10 2.78
N VAL E 184 16.27 42.23 2.44
CA VAL E 184 15.67 43.15 3.40
C VAL E 184 14.16 43.05 3.28
N GLN E 185 13.53 42.48 4.30
CA GLN E 185 12.07 42.40 4.40
C GLN E 185 11.55 43.53 5.28
N HIS E 186 10.47 44.16 4.84
CA HIS E 186 9.66 45.04 5.67
C HIS E 186 8.41 44.38 6.21
N TYR E 187 8.48 43.08 6.40
CA TYR E 187 7.34 42.23 6.21
C TYR E 187 6.74 41.93 7.58
N SER E 188 5.79 42.80 7.95
CA SER E 188 4.70 42.57 8.87
C SER E 188 3.85 43.84 8.95
N CYS E 189 3.96 44.51 10.09
CA CYS E 189 3.26 45.76 10.37
C CYS E 189 4.21 46.84 10.84
N CYS E 190 5.44 46.47 11.22
CA CYS E 190 6.41 47.39 11.74
C CYS E 190 6.99 48.24 10.61
N PRO E 191 7.46 49.46 10.92
CA PRO E 191 8.19 50.25 9.92
C PRO E 191 9.70 50.00 9.96
N GLU E 192 10.11 48.84 10.46
CA GLU E 192 11.52 48.54 10.64
C GLU E 192 11.93 47.32 9.82
N PRO E 193 13.04 47.39 9.09
CA PRO E 193 13.45 46.27 8.22
C PRO E 193 13.98 45.11 9.06
N TYR E 194 13.54 43.91 8.72
CA TYR E 194 14.18 42.69 9.22
C TYR E 194 15.02 42.11 8.09
N ILE E 195 16.16 41.55 8.44
CA ILE E 195 17.10 41.03 7.45
C ILE E 195 16.99 39.52 7.42
N ASP E 196 16.99 38.94 6.22
CA ASP E 196 17.07 37.50 6.13
C ASP E 196 18.12 37.09 5.09
N VAL E 197 18.45 35.81 5.12
CA VAL E 197 19.25 35.18 4.08
C VAL E 197 18.37 34.16 3.39
N ASN E 198 18.20 34.31 2.08
CA ASN E 198 17.31 33.46 1.30
C ASN E 198 18.14 32.33 0.68
N LEU E 199 17.87 31.11 1.12
CA LEU E 199 18.53 29.91 0.63
C LEU E 199 17.65 29.29 -0.46
N VAL E 200 18.16 29.26 -1.69
CA VAL E 200 17.41 28.85 -2.86
C VAL E 200 18.10 27.66 -3.50
N VAL E 201 17.43 26.52 -3.52
CA VAL E 201 18.00 25.27 -3.97
C VAL E 201 17.17 24.74 -5.13
N LYS E 202 17.79 24.56 -6.28
CA LYS E 202 17.16 23.89 -7.43
C LYS E 202 17.69 22.45 -7.51
N PHE E 203 16.78 21.49 -7.56
CA PHE E 203 17.20 20.09 -7.49
C PHE E 203 16.27 19.19 -8.29
N ARG E 204 16.72 17.94 -8.47
CA ARG E 204 15.97 16.94 -9.24
C ARG E 204 16.42 15.56 -8.82
N GLU E 205 15.64 14.56 -9.20
CA GLU E 205 16.04 13.16 -9.02
C GLU E 205 17.17 12.83 -9.98
N SER F 1 -48.55 -26.84 -28.87
CA SER F 1 -48.11 -25.52 -29.31
C SER F 1 -46.61 -25.28 -29.17
N GLN F 2 -45.84 -26.33 -28.81
CA GLN F 2 -44.39 -26.33 -29.05
C GLN F 2 -44.09 -26.72 -30.48
N ALA F 3 -44.91 -27.60 -31.06
CA ALA F 3 -44.86 -27.84 -32.49
C ALA F 3 -45.15 -26.55 -33.25
N ASN F 4 -46.11 -25.77 -32.74
CA ASN F 4 -46.43 -24.49 -33.36
C ASN F 4 -45.24 -23.52 -33.28
N LEU F 5 -44.60 -23.41 -32.12
CA LEU F 5 -43.50 -22.47 -32.01
C LEU F 5 -42.30 -22.93 -32.83
N MET F 6 -42.03 -24.24 -32.84
CA MET F 6 -40.96 -24.76 -33.69
C MET F 6 -41.23 -24.43 -35.15
N ARG F 7 -42.49 -24.53 -35.57
CA ARG F 7 -42.88 -24.14 -36.92
C ARG F 7 -42.72 -22.64 -37.15
N LEU F 8 -43.19 -21.81 -36.22
CA LEU F 8 -43.09 -20.37 -36.38
C LEU F 8 -41.62 -19.93 -36.53
N LYS F 9 -40.74 -20.44 -35.66
CA LYS F 9 -39.34 -20.00 -35.72
C LYS F 9 -38.67 -20.41 -37.04
N SER F 10 -38.94 -21.64 -37.51
CA SER F 10 -38.38 -22.04 -38.80
C SER F 10 -38.89 -21.16 -39.92
N ASP F 11 -40.17 -20.80 -39.92
CA ASP F 11 -40.67 -19.94 -40.97
C ASP F 11 -40.03 -18.55 -40.93
N LEU F 12 -39.66 -18.07 -39.74
CA LEU F 12 -39.05 -16.74 -39.65
C LEU F 12 -37.55 -16.77 -39.91
N PHE F 13 -36.88 -17.88 -39.58
CA PHE F 13 -35.42 -17.89 -39.47
C PHE F 13 -34.72 -18.76 -40.51
N ASN F 14 -35.27 -19.94 -40.84
CA ASN F 14 -34.63 -20.84 -41.80
C ASN F 14 -35.05 -20.55 -43.23
N ARG F 15 -36.14 -19.82 -43.43
CA ARG F 15 -36.49 -19.22 -44.70
C ARG F 15 -36.02 -17.78 -44.74
N SER F 16 -35.68 -17.34 -45.96
CA SER F 16 -35.30 -15.96 -46.26
C SER F 16 -33.97 -15.58 -45.63
N PRO F 17 -33.11 -14.84 -46.32
CA PRO F 17 -31.85 -14.42 -45.72
C PRO F 17 -32.10 -13.32 -44.71
N MET F 18 -31.15 -13.16 -43.78
CA MET F 18 -31.40 -12.33 -42.62
C MET F 18 -31.58 -10.86 -43.02
N TYR F 19 -32.32 -10.15 -42.17
CA TYR F 19 -32.44 -8.71 -42.28
C TYR F 19 -31.05 -8.09 -42.39
N PRO F 20 -30.77 -7.27 -43.44
CA PRO F 20 -29.42 -6.72 -43.64
C PRO F 20 -29.19 -5.40 -42.92
N GLY F 21 -30.08 -5.04 -42.01
CA GLY F 21 -29.98 -3.79 -41.31
C GLY F 21 -30.77 -2.71 -42.02
N PRO F 22 -31.02 -1.60 -41.32
CA PRO F 22 -31.84 -0.55 -41.91
C PRO F 22 -31.12 0.15 -43.05
N THR F 23 -31.90 0.78 -43.91
CA THR F 23 -31.38 1.61 -45.00
C THR F 23 -32.03 2.99 -44.91
N LYS F 24 -31.45 3.95 -45.63
CA LYS F 24 -32.07 5.27 -45.71
C LYS F 24 -33.49 5.17 -46.26
N ASP F 25 -33.78 4.14 -47.06
CA ASP F 25 -35.09 3.97 -47.66
C ASP F 25 -36.10 3.32 -46.72
N ASP F 26 -35.61 2.54 -45.75
CA ASP F 26 -36.47 1.85 -44.79
C ASP F 26 -35.83 2.04 -43.42
N PRO F 27 -36.01 3.22 -42.81
CA PRO F 27 -35.36 3.52 -41.54
C PRO F 27 -35.98 2.77 -40.38
N LEU F 28 -35.33 2.88 -39.23
CA LEU F 28 -35.65 2.07 -38.08
C LEU F 28 -35.47 2.90 -36.82
N THR F 29 -36.46 2.90 -35.93
CA THR F 29 -36.37 3.61 -34.66
C THR F 29 -36.09 2.63 -33.52
N VAL F 30 -35.07 2.93 -32.73
CA VAL F 30 -34.71 2.16 -31.54
C VAL F 30 -35.06 3.00 -30.32
N THR F 31 -35.91 2.47 -29.44
CA THR F 31 -36.23 3.13 -28.19
C THR F 31 -35.32 2.58 -27.10
N LEU F 32 -34.66 3.48 -26.36
CA LEU F 32 -33.72 3.14 -25.32
C LEU F 32 -34.21 3.60 -23.95
N GLY F 33 -33.88 2.83 -22.93
CA GLY F 33 -34.10 3.26 -21.57
C GLY F 33 -33.12 2.55 -20.67
N PHE F 34 -32.77 3.20 -19.56
CA PHE F 34 -31.82 2.63 -18.63
C PHE F 34 -32.48 2.42 -17.28
N THR F 35 -32.21 1.27 -16.69
CA THR F 35 -32.51 0.95 -15.30
C THR F 35 -31.15 0.87 -14.64
N LEU F 36 -30.75 1.96 -13.98
CA LEU F 36 -29.46 1.99 -13.30
C LEU F 36 -29.54 1.21 -12.00
N GLN F 37 -28.61 0.29 -11.80
CA GLN F 37 -28.66 -0.65 -10.69
C GLN F 37 -27.56 -0.43 -9.67
N ASP F 38 -26.40 0.04 -10.10
CA ASP F 38 -25.36 0.33 -9.13
C ASP F 38 -24.25 1.14 -9.81
N ILE F 39 -23.73 2.13 -9.08
CA ILE F 39 -22.43 2.68 -9.38
C ILE F 39 -21.45 1.88 -8.50
N VAL F 40 -20.76 0.92 -9.12
CA VAL F 40 -20.07 -0.08 -8.32
C VAL F 40 -18.67 0.38 -7.90
N LYS F 41 -18.06 1.29 -8.65
CA LYS F 41 -16.65 1.63 -8.45
C LYS F 41 -16.26 2.93 -9.15
N VAL F 42 -15.58 3.81 -8.42
CA VAL F 42 -14.96 5.01 -8.95
C VAL F 42 -13.45 4.86 -8.81
N ASP F 43 -12.70 5.34 -9.80
CA ASP F 43 -11.23 5.29 -9.81
C ASP F 43 -10.72 6.69 -10.07
N SER F 44 -10.19 7.36 -9.04
CA SER F 44 -9.70 8.73 -9.23
C SER F 44 -8.26 8.79 -9.71
N SER F 45 -7.54 7.66 -9.70
CA SER F 45 -6.21 7.61 -10.32
C SER F 45 -6.33 7.81 -11.82
N THR F 46 -7.08 6.94 -12.47
CA THR F 46 -7.63 7.15 -13.79
C THR F 46 -8.85 8.05 -13.62
N ASN F 47 -9.59 8.36 -14.66
CA ASN F 47 -10.85 9.01 -14.34
C ASN F 47 -11.90 8.11 -14.97
N GLU F 48 -12.19 7.01 -14.28
CA GLU F 48 -13.07 5.95 -14.76
C GLU F 48 -14.09 5.67 -13.69
N VAL F 49 -15.34 5.45 -14.11
CA VAL F 49 -16.40 5.03 -13.21
C VAL F 49 -17.06 3.79 -13.81
N ASP F 50 -17.48 2.85 -12.95
CA ASP F 50 -18.10 1.60 -13.37
C ASP F 50 -19.57 1.60 -12.95
N LEU F 51 -20.46 1.42 -13.93
CA LEU F 51 -21.90 1.29 -13.71
C LEU F 51 -22.39 -0.10 -14.08
N VAL F 52 -23.37 -0.59 -13.31
CA VAL F 52 -24.17 -1.75 -13.69
C VAL F 52 -25.59 -1.26 -13.97
N TYR F 53 -26.15 -1.69 -15.10
CA TYR F 53 -27.48 -1.23 -15.49
C TYR F 53 -28.12 -2.26 -16.38
N TYR F 54 -29.44 -2.15 -16.53
CA TYR F 54 -30.16 -2.82 -17.59
C TYR F 54 -30.43 -1.79 -18.68
N GLU F 55 -30.07 -2.11 -19.92
CA GLU F 55 -30.39 -1.29 -21.07
C GLU F 55 -31.52 -1.94 -21.87
N GLN F 56 -32.65 -1.25 -22.00
CA GLN F 56 -33.80 -1.75 -22.74
C GLN F 56 -33.82 -1.16 -24.14
N GLN F 57 -33.99 -2.03 -25.14
CA GLN F 57 -34.02 -1.64 -26.55
C GLN F 57 -35.26 -2.23 -27.19
N ARG F 58 -35.96 -1.41 -27.96
CA ARG F 58 -37.16 -1.88 -28.64
C ARG F 58 -37.11 -1.37 -30.07
N TRP F 59 -37.33 -2.28 -31.02
CA TRP F 59 -37.43 -1.92 -32.42
C TRP F 59 -38.46 -2.85 -33.05
N LYS F 60 -38.82 -2.55 -34.29
CA LYS F 60 -39.93 -3.21 -34.98
C LYS F 60 -39.50 -3.51 -36.42
N LEU F 61 -39.50 -4.80 -36.80
CA LEU F 61 -39.15 -5.25 -38.14
C LEU F 61 -40.37 -5.84 -38.81
N ASN F 62 -40.74 -5.30 -39.98
CA ASN F 62 -41.82 -5.90 -40.75
C ASN F 62 -41.57 -7.40 -40.96
N SER F 63 -40.31 -7.80 -41.13
CA SER F 63 -39.99 -9.19 -41.50
C SER F 63 -40.10 -10.16 -40.33
N LEU F 64 -40.38 -9.68 -39.11
CA LEU F 64 -40.65 -10.56 -37.99
C LEU F 64 -42.13 -10.65 -37.64
N MET F 65 -43.02 -10.20 -38.52
CA MET F 65 -44.44 -10.22 -38.22
C MET F 65 -45.03 -11.58 -38.57
N TRP F 66 -46.10 -11.96 -37.87
CA TRP F 66 -46.83 -13.17 -38.21
C TRP F 66 -48.26 -13.03 -37.73
N ASP F 67 -49.13 -13.88 -38.28
CA ASP F 67 -50.53 -13.94 -37.91
C ASP F 67 -50.70 -15.00 -36.82
N PRO F 68 -51.03 -14.64 -35.58
CA PRO F 68 -51.15 -15.66 -34.53
C PRO F 68 -52.15 -16.75 -34.84
N ASN F 69 -53.10 -16.54 -35.75
CA ASN F 69 -54.03 -17.61 -36.06
C ASN F 69 -53.34 -18.74 -36.84
N GLU F 70 -52.31 -18.41 -37.63
CA GLU F 70 -51.58 -19.42 -38.39
C GLU F 70 -50.66 -20.27 -37.53
N TYR F 71 -50.48 -19.94 -36.24
CA TYR F 71 -49.45 -20.55 -35.41
C TYR F 71 -49.95 -20.87 -34.01
N GLY F 72 -51.17 -21.44 -33.93
CA GLY F 72 -51.69 -21.86 -32.65
C GLY F 72 -51.82 -20.76 -31.62
N ASN F 73 -52.14 -19.54 -32.07
CA ASN F 73 -52.41 -18.37 -31.24
C ASN F 73 -51.18 -17.84 -30.49
N ILE F 74 -49.97 -18.18 -30.93
CA ILE F 74 -48.77 -17.62 -30.33
C ILE F 74 -48.68 -16.13 -30.64
N THR F 75 -48.54 -15.32 -29.60
CA THR F 75 -48.38 -13.87 -29.79
C THR F 75 -46.96 -13.37 -29.56
N ASP F 76 -46.13 -14.17 -28.89
CA ASP F 76 -44.75 -13.79 -28.65
C ASP F 76 -43.91 -15.04 -28.43
N PHE F 77 -42.60 -14.89 -28.56
CA PHE F 77 -41.70 -15.96 -28.18
C PHE F 77 -40.37 -15.35 -27.79
N ARG F 78 -39.60 -16.10 -27.02
CA ARG F 78 -38.24 -15.77 -26.66
C ARG F 78 -37.28 -16.55 -27.55
N THR F 79 -36.13 -15.93 -27.87
CA THR F 79 -35.19 -16.52 -28.82
C THR F 79 -33.81 -15.89 -28.61
N SER F 80 -32.79 -16.63 -29.02
CA SER F 80 -31.43 -16.14 -28.89
C SER F 80 -31.22 -14.89 -29.72
N ALA F 81 -30.49 -13.94 -29.16
CA ALA F 81 -30.20 -12.69 -29.86
C ALA F 81 -29.33 -12.93 -31.09
N ALA F 82 -28.62 -14.04 -31.15
CA ALA F 82 -27.90 -14.40 -32.37
C ALA F 82 -28.82 -14.79 -33.51
N ASP F 83 -30.06 -15.20 -33.22
CA ASP F 83 -31.03 -15.54 -34.26
C ASP F 83 -31.54 -14.32 -35.02
N ILE F 84 -31.30 -13.11 -34.53
CA ILE F 84 -31.91 -11.91 -35.10
C ILE F 84 -30.87 -10.83 -35.22
N TRP F 85 -31.17 -9.85 -36.08
CA TRP F 85 -30.42 -8.62 -36.11
C TRP F 85 -30.65 -7.85 -34.80
N THR F 86 -29.60 -7.22 -34.29
CA THR F 86 -29.73 -6.30 -33.17
C THR F 86 -29.00 -5.00 -33.49
N PRO F 87 -29.47 -3.88 -32.96
CA PRO F 87 -28.81 -2.60 -33.25
C PRO F 87 -27.47 -2.48 -32.53
N ASP F 88 -26.57 -1.72 -33.14
CA ASP F 88 -25.19 -1.59 -32.64
C ASP F 88 -25.03 -0.43 -31.66
N ILE F 89 -25.93 -0.34 -30.68
CA ILE F 89 -25.86 0.74 -29.71
C ILE F 89 -24.58 0.61 -28.89
N THR F 90 -23.79 1.69 -28.84
CA THR F 90 -22.48 1.68 -28.19
C THR F 90 -22.33 2.90 -27.29
N ALA F 91 -21.71 2.71 -26.14
CA ALA F 91 -21.25 3.85 -25.35
C ALA F 91 -20.07 4.52 -26.06
N TYR F 92 -20.08 5.85 -26.10
CA TYR F 92 -19.06 6.54 -26.88
C TYR F 92 -17.79 6.87 -26.10
N SER F 93 -17.78 6.69 -24.77
CA SER F 93 -16.59 7.02 -24.01
C SER F 93 -16.30 5.97 -22.96
N SER F 94 -16.50 4.71 -23.33
CA SER F 94 -16.03 3.57 -22.54
C SER F 94 -14.51 3.48 -22.59
N THR F 95 -13.94 2.82 -21.59
CA THR F 95 -12.50 2.64 -21.51
C THR F 95 -12.10 1.18 -21.37
N ARG F 96 -13.07 0.26 -21.37
CA ARG F 96 -12.89 -1.18 -21.27
C ARG F 96 -14.04 -1.75 -22.10
N PRO F 97 -13.89 -2.95 -22.68
CA PRO F 97 -15.04 -3.54 -23.37
C PRO F 97 -16.14 -3.82 -22.35
N VAL F 98 -17.37 -3.57 -22.76
CA VAL F 98 -18.50 -3.76 -21.86
C VAL F 98 -18.61 -5.23 -21.47
N GLN F 99 -19.01 -5.49 -20.22
CA GLN F 99 -19.20 -6.83 -19.71
C GLN F 99 -20.68 -7.17 -19.65
N VAL F 100 -21.06 -8.28 -20.28
CA VAL F 100 -22.46 -8.70 -20.37
C VAL F 100 -22.76 -9.60 -19.19
N LEU F 101 -23.76 -9.25 -18.41
CA LEU F 101 -24.10 -9.95 -17.19
C LEU F 101 -25.39 -10.77 -17.28
N SER F 102 -26.08 -10.76 -18.41
CA SER F 102 -27.34 -11.46 -18.53
C SER F 102 -27.34 -12.33 -19.78
N PRO F 103 -28.27 -13.28 -19.87
CA PRO F 103 -28.41 -14.07 -21.11
C PRO F 103 -28.77 -13.18 -22.27
N GLN F 104 -28.23 -13.50 -23.45
CA GLN F 104 -28.50 -12.73 -24.66
C GLN F 104 -29.73 -13.31 -25.36
N ILE F 105 -30.89 -13.03 -24.78
CA ILE F 105 -32.16 -13.54 -25.28
C ILE F 105 -33.15 -12.38 -25.42
N ALA F 106 -33.89 -12.36 -26.52
CA ALA F 106 -34.86 -11.30 -26.82
C ALA F 106 -36.29 -11.84 -26.79
N VAL F 107 -37.26 -10.92 -26.82
CA VAL F 107 -38.66 -11.28 -26.92
C VAL F 107 -39.24 -10.66 -28.19
N VAL F 108 -39.75 -11.51 -29.06
CA VAL F 108 -40.32 -11.13 -30.34
C VAL F 108 -41.83 -11.20 -30.23
N THR F 109 -42.52 -10.19 -30.77
CA THR F 109 -43.97 -10.07 -30.67
C THR F 109 -44.54 -10.07 -32.09
N HIS F 110 -45.79 -10.53 -32.23
CA HIS F 110 -46.30 -10.87 -33.54
C HIS F 110 -46.38 -9.68 -34.47
N ASP F 111 -46.33 -8.45 -33.95
CA ASP F 111 -46.36 -7.28 -34.82
C ASP F 111 -44.97 -6.89 -35.33
N GLY F 112 -43.92 -7.67 -35.01
CA GLY F 112 -42.57 -7.35 -35.40
C GLY F 112 -41.73 -6.64 -34.34
N SER F 113 -42.30 -6.32 -33.18
CA SER F 113 -41.55 -5.65 -32.14
C SER F 113 -40.64 -6.64 -31.42
N VAL F 114 -39.42 -6.17 -31.16
CA VAL F 114 -38.39 -6.92 -30.47
C VAL F 114 -38.04 -6.17 -29.20
N MET F 115 -37.97 -6.89 -28.09
CA MET F 115 -37.57 -6.35 -26.79
C MET F 115 -36.28 -7.05 -26.38
N PHE F 116 -35.23 -6.29 -26.14
CA PHE F 116 -33.92 -6.85 -25.84
C PHE F 116 -33.33 -6.06 -24.68
N ILE F 117 -33.05 -6.75 -23.58
CA ILE F 117 -32.65 -6.06 -22.35
C ILE F 117 -31.32 -6.61 -21.83
N PRO F 118 -30.19 -6.22 -22.41
CA PRO F 118 -28.90 -6.66 -21.86
C PRO F 118 -28.55 -5.91 -20.58
N ALA F 119 -28.16 -6.68 -19.56
CA ALA F 119 -27.57 -6.12 -18.35
C ALA F 119 -26.07 -6.01 -18.53
N GLN F 120 -25.51 -4.83 -18.25
CA GLN F 120 -24.13 -4.55 -18.60
C GLN F 120 -23.35 -3.92 -17.46
N ARG F 121 -22.04 -4.13 -17.46
CA ARG F 121 -21.14 -3.37 -16.63
C ARG F 121 -20.23 -2.56 -17.53
N LEU F 122 -20.27 -1.23 -17.39
CA LEU F 122 -19.51 -0.31 -18.22
C LEU F 122 -18.48 0.45 -17.39
N SER F 123 -17.28 0.61 -17.94
CA SER F 123 -16.30 1.58 -17.48
C SER F 123 -16.25 2.72 -18.48
N PHE F 124 -16.36 3.95 -18.00
CA PHE F 124 -16.37 5.10 -18.90
C PHE F 124 -15.70 6.29 -18.22
N MET F 125 -15.42 7.31 -19.01
CA MET F 125 -14.58 8.41 -18.56
C MET F 125 -15.40 9.33 -17.66
N CYS F 126 -14.93 9.49 -16.44
CA CYS F 126 -15.67 10.26 -15.45
C CYS F 126 -14.71 10.70 -14.36
N ASP F 127 -14.58 12.01 -14.17
CA ASP F 127 -13.80 12.56 -13.07
C ASP F 127 -14.65 12.51 -11.81
N PRO F 128 -14.34 11.62 -10.86
CA PRO F 128 -15.14 11.53 -9.64
C PRO F 128 -14.74 12.50 -8.54
N THR F 129 -13.67 13.27 -8.73
CA THR F 129 -13.19 14.21 -7.72
C THR F 129 -14.33 15.05 -7.15
N GLY F 130 -14.43 15.07 -5.82
CA GLY F 130 -15.52 15.74 -5.16
C GLY F 130 -16.77 14.90 -4.96
N VAL F 131 -16.68 13.58 -5.18
CA VAL F 131 -17.83 12.72 -4.93
C VAL F 131 -18.18 12.66 -3.45
N ASP F 132 -17.21 12.91 -2.56
CA ASP F 132 -17.42 12.84 -1.11
C ASP F 132 -17.90 14.17 -0.53
N SER F 133 -18.56 14.98 -1.32
CA SER F 133 -19.11 16.26 -0.92
C SER F 133 -20.63 16.20 -1.00
N GLU F 134 -21.28 17.20 -0.39
CA GLU F 134 -22.73 17.23 -0.47
C GLU F 134 -23.20 17.40 -1.91
N GLU F 135 -22.47 18.15 -2.72
CA GLU F 135 -22.89 18.50 -4.07
C GLU F 135 -22.69 17.33 -5.03
N GLY F 136 -21.72 16.48 -4.77
CA GLY F 136 -21.43 15.35 -5.61
C GLY F 136 -20.72 15.71 -6.91
N VAL F 137 -20.67 14.72 -7.78
CA VAL F 137 -20.08 14.85 -9.10
C VAL F 137 -21.14 14.49 -10.13
N THR F 138 -21.01 15.06 -11.33
CA THR F 138 -21.88 14.74 -12.45
C THR F 138 -21.06 14.04 -13.53
N CYS F 139 -21.59 12.96 -14.07
CA CYS F 139 -20.92 12.30 -15.17
C CYS F 139 -21.90 11.97 -16.28
N ALA F 140 -21.36 11.87 -17.49
CA ALA F 140 -22.20 11.72 -18.66
C ALA F 140 -21.53 10.74 -19.63
N VAL F 141 -22.35 9.93 -20.30
CA VAL F 141 -21.85 9.07 -21.37
C VAL F 141 -22.94 8.96 -22.43
N LYS F 142 -22.53 9.10 -23.69
CA LYS F 142 -23.45 9.08 -24.82
C LYS F 142 -23.53 7.68 -25.41
N PHE F 143 -24.72 7.34 -25.87
CA PHE F 143 -25.01 6.05 -26.49
C PHE F 143 -25.60 6.31 -27.86
N GLY F 144 -25.13 5.55 -28.85
CA GLY F 144 -25.74 5.62 -30.16
C GLY F 144 -25.23 4.50 -31.06
N SER F 145 -25.67 4.54 -32.31
CA SER F 145 -25.11 3.65 -33.31
C SER F 145 -23.66 4.04 -33.58
N TRP F 146 -22.83 3.03 -33.83
CA TRP F 146 -21.46 3.30 -34.23
C TRP F 146 -21.32 3.64 -35.71
N VAL F 147 -22.26 3.20 -36.56
CA VAL F 147 -22.01 3.28 -38.00
C VAL F 147 -23.22 3.81 -38.77
N TYR F 148 -24.35 4.01 -38.09
CA TYR F 148 -25.58 4.42 -38.75
C TYR F 148 -25.93 5.84 -38.33
N SER F 149 -26.06 6.73 -39.32
CA SER F 149 -26.58 8.07 -39.10
C SER F 149 -28.07 8.00 -38.79
N GLY F 150 -28.65 9.14 -38.43
CA GLY F 150 -30.07 9.20 -38.10
C GLY F 150 -30.99 9.03 -39.29
N PHE F 151 -30.43 8.88 -40.51
CA PHE F 151 -31.23 8.54 -41.67
C PHE F 151 -31.52 7.06 -41.79
N GLU F 152 -30.87 6.23 -40.97
CA GLU F 152 -31.15 4.80 -40.91
C GLU F 152 -31.65 4.35 -39.55
N ILE F 153 -30.97 4.74 -38.45
CA ILE F 153 -31.41 4.44 -37.10
C ILE F 153 -31.72 5.76 -36.39
N ASP F 154 -32.99 5.98 -36.08
CA ASP F 154 -33.39 7.07 -35.17
C ASP F 154 -33.51 6.52 -33.76
N LEU F 155 -32.95 7.24 -32.80
CA LEU F 155 -33.04 6.88 -31.40
C LEU F 155 -34.19 7.63 -30.72
N LYS F 156 -34.66 7.06 -29.62
CA LYS F 156 -35.84 7.56 -28.93
C LYS F 156 -35.78 7.10 -27.48
N THR F 157 -36.35 7.90 -26.60
CA THR F 157 -36.61 7.50 -25.22
C THR F 157 -38.11 7.59 -24.99
N ASP F 158 -38.63 6.76 -24.08
CA ASP F 158 -40.02 6.91 -23.66
C ASP F 158 -40.15 7.85 -22.48
N THR F 159 -39.07 8.06 -21.72
CA THR F 159 -39.04 9.06 -20.67
C THR F 159 -37.62 9.59 -20.59
N ASP F 160 -37.48 10.83 -20.07
CA ASP F 160 -36.17 11.37 -19.78
C ASP F 160 -35.62 10.91 -18.44
N GLN F 161 -36.44 10.29 -17.61
CA GLN F 161 -36.03 9.90 -16.27
C GLN F 161 -35.49 8.47 -16.31
N VAL F 162 -34.28 8.30 -15.77
CA VAL F 162 -33.69 6.99 -15.66
C VAL F 162 -34.40 6.20 -14.57
N ASP F 163 -34.63 4.92 -14.83
CA ASP F 163 -35.28 4.04 -13.87
C ASP F 163 -34.34 3.75 -12.72
N LEU F 164 -34.65 4.30 -11.53
CA LEU F 164 -33.88 4.05 -10.31
C LEU F 164 -34.60 3.12 -9.34
N SER F 165 -35.75 2.57 -9.74
CA SER F 165 -36.55 1.69 -8.89
C SER F 165 -35.80 0.46 -8.39
N SER F 166 -34.73 0.03 -9.06
CA SER F 166 -33.94 -1.11 -8.60
C SER F 166 -32.53 -0.70 -8.22
N TYR F 167 -32.31 0.57 -7.88
CA TYR F 167 -30.98 0.99 -7.50
C TYR F 167 -30.60 0.37 -6.16
N TYR F 168 -29.38 -0.18 -6.10
CA TYR F 168 -28.87 -0.87 -4.91
C TYR F 168 -28.86 0.06 -3.69
N ALA F 169 -29.71 -0.26 -2.71
CA ALA F 169 -29.89 0.61 -1.56
C ALA F 169 -28.63 0.74 -0.71
N SER F 170 -27.71 -0.23 -0.75
CA SER F 170 -26.48 -0.16 0.04
C SER F 170 -25.25 0.12 -0.81
N SER F 171 -25.41 0.73 -1.98
CA SER F 171 -24.29 1.25 -2.76
C SER F 171 -23.46 2.21 -1.91
N LYS F 172 -22.17 2.34 -2.25
CA LYS F 172 -21.40 3.45 -1.70
C LYS F 172 -21.88 4.79 -2.22
N TYR F 173 -22.67 4.81 -3.30
CA TYR F 173 -23.05 6.05 -3.96
C TYR F 173 -24.56 6.15 -4.03
N GLU F 174 -25.09 7.29 -3.58
CA GLU F 174 -26.50 7.56 -3.73
C GLU F 174 -26.69 8.50 -4.93
N ILE F 175 -27.80 8.30 -5.64
CA ILE F 175 -28.07 9.05 -6.86
C ILE F 175 -28.83 10.32 -6.52
N LEU F 176 -28.27 11.47 -6.93
CA LEU F 176 -28.98 12.74 -6.79
C LEU F 176 -29.89 13.00 -7.98
N SER F 177 -29.57 12.44 -9.14
CA SER F 177 -30.26 12.72 -10.38
C SER F 177 -29.74 11.78 -11.45
N ALA F 178 -30.64 11.34 -12.34
CA ALA F 178 -30.26 10.45 -13.45
C ALA F 178 -31.24 10.67 -14.61
N THR F 179 -30.75 11.23 -15.71
CA THR F 179 -31.55 11.49 -16.89
C THR F 179 -30.99 10.79 -18.12
N GLN F 180 -31.85 10.66 -19.13
CA GLN F 180 -31.53 10.05 -20.41
C GLN F 180 -32.21 10.89 -21.48
N THR F 181 -31.43 11.63 -22.27
CA THR F 181 -32.02 12.61 -23.16
C THR F 181 -31.54 12.42 -24.59
N ARG F 182 -32.49 12.36 -25.53
CA ARG F 182 -32.17 12.30 -26.94
C ARG F 182 -31.51 13.61 -27.39
N GLN F 183 -30.33 13.50 -28.02
CA GLN F 183 -29.61 14.62 -28.60
C GLN F 183 -29.42 14.43 -30.10
N VAL F 184 -29.65 15.50 -30.87
CA VAL F 184 -29.40 15.53 -32.30
C VAL F 184 -28.23 16.49 -32.56
N GLN F 185 -27.22 16.02 -33.27
CA GLN F 185 -26.11 16.85 -33.69
C GLN F 185 -26.11 16.93 -35.21
N HIS F 186 -25.82 18.12 -35.74
CA HIS F 186 -25.69 18.31 -37.17
C HIS F 186 -24.29 18.78 -37.52
N TYR F 187 -23.91 18.57 -38.78
CA TYR F 187 -22.64 19.01 -39.33
C TYR F 187 -22.89 19.73 -40.65
N SER F 188 -21.98 20.65 -41.01
CA SER F 188 -22.20 21.56 -42.13
C SER F 188 -22.28 20.81 -43.47
N CYS F 189 -21.36 19.88 -43.68
CA CYS F 189 -21.31 19.06 -44.90
C CYS F 189 -22.64 18.38 -45.19
N CYS F 190 -23.32 17.92 -44.15
CA CYS F 190 -24.13 16.72 -44.22
C CYS F 190 -25.56 16.98 -43.77
N PRO F 191 -26.56 16.71 -44.61
CA PRO F 191 -27.96 16.83 -44.17
C PRO F 191 -28.35 15.78 -43.15
N GLU F 192 -27.50 14.78 -42.91
CA GLU F 192 -27.87 13.68 -42.04
C GLU F 192 -27.78 14.11 -40.59
N PRO F 193 -28.79 13.82 -39.79
CA PRO F 193 -28.65 14.02 -38.34
C PRO F 193 -27.93 12.85 -37.68
N TYR F 194 -27.25 13.16 -36.59
CA TYR F 194 -26.50 12.17 -35.83
C TYR F 194 -27.06 12.17 -34.40
N ILE F 195 -27.67 11.04 -34.03
CA ILE F 195 -28.51 10.93 -32.83
C ILE F 195 -27.76 10.16 -31.76
N ASP F 196 -27.95 10.58 -30.52
CA ASP F 196 -27.46 9.82 -29.38
C ASP F 196 -28.42 10.00 -28.21
N VAL F 197 -28.27 9.15 -27.21
CA VAL F 197 -28.99 9.32 -25.94
C VAL F 197 -27.94 9.59 -24.88
N ASN F 198 -28.08 10.74 -24.21
CA ASN F 198 -27.11 11.21 -23.22
C ASN F 198 -27.56 10.75 -21.84
N LEU F 199 -26.77 9.88 -21.22
CA LEU F 199 -27.05 9.41 -19.86
C LEU F 199 -26.23 10.26 -18.88
N VAL F 200 -26.94 11.11 -18.12
CA VAL F 200 -26.33 12.02 -17.15
C VAL F 200 -26.68 11.53 -15.75
N VAL F 201 -25.66 11.31 -14.93
CA VAL F 201 -25.86 10.81 -13.57
C VAL F 201 -25.12 11.71 -12.60
N LYS F 202 -25.85 12.35 -11.70
CA LYS F 202 -25.25 13.10 -10.61
C LYS F 202 -25.35 12.27 -9.34
N PHE F 203 -24.22 12.09 -8.65
CA PHE F 203 -24.16 11.17 -7.54
C PHE F 203 -23.15 11.65 -6.50
N ARG F 204 -23.24 11.06 -5.31
CA ARG F 204 -22.32 11.32 -4.21
C ARG F 204 -22.28 10.11 -3.30
N GLU F 205 -21.31 10.09 -2.40
CA GLU F 205 -21.28 9.10 -1.32
C GLU F 205 -22.42 9.31 -0.32
N SER G 1 -22.31 -53.45 -26.83
CA SER G 1 -23.33 -53.43 -25.80
C SER G 1 -23.91 -52.03 -25.69
N GLN G 2 -23.42 -51.24 -24.73
CA GLN G 2 -24.06 -49.96 -24.46
C GLN G 2 -23.44 -48.85 -25.30
N ALA G 3 -22.12 -48.94 -25.55
CA ALA G 3 -21.47 -48.05 -26.52
C ALA G 3 -22.32 -47.93 -27.79
N ASN G 4 -22.76 -49.06 -28.33
CA ASN G 4 -23.55 -49.04 -29.55
C ASN G 4 -24.97 -48.53 -29.32
N LEU G 5 -25.63 -48.98 -28.24
CA LEU G 5 -27.02 -48.56 -28.05
C LEU G 5 -27.12 -47.13 -27.55
N MET G 6 -26.10 -46.64 -26.87
CA MET G 6 -26.12 -45.26 -26.41
C MET G 6 -25.89 -44.30 -27.57
N ARG G 7 -25.01 -44.67 -28.50
CA ARG G 7 -24.91 -43.92 -29.73
C ARG G 7 -26.22 -43.96 -30.51
N LEU G 8 -26.88 -45.13 -30.54
CA LEU G 8 -28.20 -45.24 -31.16
C LEU G 8 -29.11 -44.16 -30.59
N LYS G 9 -29.10 -43.98 -29.28
CA LYS G 9 -30.11 -43.12 -28.69
C LYS G 9 -29.75 -41.65 -28.69
N SER G 10 -28.48 -41.33 -28.42
CA SER G 10 -28.06 -39.95 -28.64
C SER G 10 -28.42 -39.50 -30.06
N ASP G 11 -28.15 -40.34 -31.06
CA ASP G 11 -28.51 -40.00 -32.44
C ASP G 11 -30.01 -39.76 -32.58
N LEU G 12 -30.83 -40.64 -32.02
CA LEU G 12 -32.27 -40.48 -32.18
C LEU G 12 -32.81 -39.30 -31.38
N PHE G 13 -32.14 -38.92 -30.29
CA PHE G 13 -32.58 -37.77 -29.51
C PHE G 13 -32.21 -36.46 -30.16
N ASN G 14 -30.95 -36.34 -30.59
CA ASN G 14 -30.32 -35.06 -30.82
C ASN G 14 -30.18 -34.74 -32.31
N ARG G 15 -30.71 -35.57 -33.19
CA ARG G 15 -30.96 -35.20 -34.60
C ARG G 15 -32.47 -35.14 -34.83
N SER G 16 -33.09 -34.11 -34.27
CA SER G 16 -34.52 -33.89 -34.30
C SER G 16 -34.77 -32.39 -34.28
N PRO G 17 -36.02 -31.94 -34.41
CA PRO G 17 -36.29 -30.49 -34.29
C PRO G 17 -36.03 -29.98 -32.87
N MET G 18 -35.01 -29.13 -32.69
CA MET G 18 -34.59 -28.75 -31.34
C MET G 18 -35.71 -28.04 -30.58
N TYR G 19 -35.71 -28.22 -29.27
CA TYR G 19 -36.80 -27.74 -28.41
C TYR G 19 -36.74 -26.22 -28.26
N PRO G 20 -37.84 -25.50 -28.53
CA PRO G 20 -37.74 -24.03 -28.68
C PRO G 20 -37.92 -23.27 -27.38
N GLY G 21 -37.80 -23.97 -26.25
CA GLY G 21 -38.06 -23.38 -24.96
C GLY G 21 -39.51 -23.50 -24.57
N PRO G 22 -39.82 -23.22 -23.31
CA PRO G 22 -41.21 -23.33 -22.85
C PRO G 22 -42.10 -22.25 -23.46
N THR G 23 -43.39 -22.55 -23.47
CA THR G 23 -44.41 -21.61 -23.91
C THR G 23 -45.46 -21.44 -22.80
N LYS G 24 -46.34 -20.46 -23.00
CA LYS G 24 -47.51 -20.32 -22.15
C LYS G 24 -48.31 -21.61 -22.13
N ASP G 25 -48.39 -22.28 -23.29
CA ASP G 25 -49.19 -23.49 -23.44
C ASP G 25 -48.51 -24.73 -22.87
N ASP G 26 -47.18 -24.75 -22.86
CA ASP G 26 -46.41 -25.90 -22.38
C ASP G 26 -45.35 -25.36 -21.40
N PRO G 27 -45.79 -24.96 -20.21
CA PRO G 27 -44.83 -24.43 -19.24
C PRO G 27 -44.00 -25.55 -18.65
N LEU G 28 -42.88 -25.17 -18.04
CA LEU G 28 -42.05 -26.16 -17.38
C LEU G 28 -41.57 -25.60 -16.05
N THR G 29 -41.34 -26.50 -15.12
CA THR G 29 -40.88 -26.15 -13.79
C THR G 29 -39.40 -26.48 -13.66
N VAL G 30 -38.62 -25.52 -13.20
CA VAL G 30 -37.20 -25.70 -12.92
C VAL G 30 -37.02 -25.66 -11.41
N THR G 31 -36.40 -26.68 -10.85
CA THR G 31 -36.11 -26.74 -9.43
C THR G 31 -34.66 -26.34 -9.21
N LEU G 32 -34.43 -25.53 -8.17
CA LEU G 32 -33.11 -24.99 -7.87
C LEU G 32 -32.67 -25.40 -6.47
N GLY G 33 -31.39 -25.66 -6.32
CA GLY G 33 -30.82 -25.82 -5.01
C GLY G 33 -29.39 -25.33 -5.03
N PHE G 34 -28.91 -24.74 -3.94
CA PHE G 34 -27.55 -24.26 -3.92
C PHE G 34 -26.72 -25.07 -2.95
N THR G 35 -25.45 -25.21 -3.28
CA THR G 35 -24.47 -25.86 -2.42
C THR G 35 -23.36 -24.84 -2.26
N LEU G 36 -23.40 -24.12 -1.15
CA LEU G 36 -22.44 -23.04 -0.91
C LEU G 36 -21.09 -23.66 -0.54
N GLN G 37 -20.05 -23.36 -1.33
CA GLN G 37 -18.74 -23.92 -1.08
C GLN G 37 -17.78 -22.96 -0.40
N ASP G 38 -17.79 -21.69 -0.77
CA ASP G 38 -16.88 -20.73 -0.14
C ASP G 38 -17.40 -19.31 -0.35
N ILE G 39 -17.19 -18.47 0.66
CA ILE G 39 -17.21 -17.03 0.48
C ILE G 39 -15.76 -16.65 0.32
N VAL G 40 -15.37 -16.33 -0.92
CA VAL G 40 -13.95 -16.16 -1.24
C VAL G 40 -13.47 -14.78 -0.83
N LYS G 41 -14.23 -13.76 -1.21
CA LYS G 41 -13.75 -12.39 -1.10
C LYS G 41 -14.90 -11.47 -0.73
N VAL G 42 -14.62 -10.54 0.17
CA VAL G 42 -15.45 -9.37 0.42
C VAL G 42 -14.66 -8.14 -0.01
N ASP G 43 -15.33 -7.20 -0.67
CA ASP G 43 -14.68 -5.94 -1.06
C ASP G 43 -15.47 -4.77 -0.48
N SER G 44 -14.89 -4.12 0.54
CA SER G 44 -15.57 -3.01 1.18
C SER G 44 -15.46 -1.71 0.39
N SER G 45 -14.52 -1.62 -0.54
CA SER G 45 -14.48 -0.46 -1.43
C SER G 45 -15.71 -0.41 -2.33
N THR G 46 -16.11 -1.56 -2.88
CA THR G 46 -17.10 -1.61 -3.94
C THR G 46 -18.42 -2.22 -3.50
N ASN G 47 -18.49 -2.76 -2.29
CA ASN G 47 -19.61 -3.56 -1.82
C ASN G 47 -19.95 -4.68 -2.80
N GLU G 48 -18.93 -5.48 -3.09
CA GLU G 48 -19.07 -6.75 -3.80
C GLU G 48 -18.62 -7.89 -2.89
N VAL G 49 -19.35 -9.01 -2.95
CA VAL G 49 -18.90 -10.25 -2.33
C VAL G 49 -18.80 -11.32 -3.41
N ASP G 50 -17.85 -12.24 -3.25
CA ASP G 50 -17.62 -13.33 -4.18
C ASP G 50 -17.92 -14.67 -3.52
N LEU G 51 -18.89 -15.41 -4.07
CA LEU G 51 -19.24 -16.75 -3.63
C LEU G 51 -18.85 -17.80 -4.68
N VAL G 52 -18.49 -18.98 -4.19
CA VAL G 52 -18.33 -20.19 -4.99
C VAL G 52 -19.37 -21.19 -4.52
N TYR G 53 -20.23 -21.64 -5.44
CA TYR G 53 -21.29 -22.57 -5.12
C TYR G 53 -21.56 -23.50 -6.31
N TYR G 54 -22.23 -24.61 -6.01
CA TYR G 54 -22.85 -25.48 -7.01
C TYR G 54 -24.32 -25.13 -7.09
N GLU G 55 -24.80 -24.87 -8.30
CA GLU G 55 -26.20 -24.55 -8.54
C GLU G 55 -26.84 -25.77 -9.20
N GLN G 56 -27.62 -26.51 -8.41
CA GLN G 56 -28.33 -27.68 -8.89
C GLN G 56 -29.59 -27.24 -9.62
N GLN G 57 -29.74 -27.63 -10.89
CA GLN G 57 -30.89 -27.32 -11.70
C GLN G 57 -31.52 -28.60 -12.22
N ARG G 58 -32.84 -28.65 -12.20
CA ARG G 58 -33.56 -29.88 -12.50
C ARG G 58 -34.84 -29.52 -13.24
N TRP G 59 -35.08 -30.17 -14.37
CA TRP G 59 -36.28 -29.93 -15.16
C TRP G 59 -36.57 -31.15 -16.03
N LYS G 60 -37.78 -31.20 -16.60
CA LYS G 60 -38.21 -32.40 -17.30
C LYS G 60 -38.86 -32.06 -18.64
N LEU G 61 -38.39 -32.70 -19.71
CA LEU G 61 -38.88 -32.48 -21.07
C LEU G 61 -39.45 -33.78 -21.62
N ASN G 62 -40.64 -33.71 -22.23
CA ASN G 62 -41.17 -34.92 -22.83
C ASN G 62 -40.37 -35.35 -24.04
N SER G 63 -39.79 -34.40 -24.78
CA SER G 63 -38.99 -34.74 -25.96
C SER G 63 -37.64 -35.38 -25.63
N LEU G 64 -37.32 -35.62 -24.35
CA LEU G 64 -36.11 -36.33 -23.99
C LEU G 64 -36.38 -37.69 -23.36
N MET G 65 -37.64 -38.13 -23.36
CA MET G 65 -37.96 -39.44 -22.82
C MET G 65 -37.61 -40.53 -23.84
N TRP G 66 -37.44 -41.74 -23.32
CA TRP G 66 -37.20 -42.90 -24.15
C TRP G 66 -37.55 -44.13 -23.34
N ASP G 67 -37.90 -45.21 -24.07
CA ASP G 67 -38.15 -46.51 -23.51
C ASP G 67 -36.81 -47.20 -23.33
N PRO G 68 -36.39 -47.50 -22.09
CA PRO G 68 -35.07 -48.13 -21.91
C PRO G 68 -34.94 -49.49 -22.55
N ASN G 69 -36.06 -50.18 -22.81
CA ASN G 69 -35.97 -51.52 -23.40
C ASN G 69 -35.48 -51.47 -24.85
N GLU G 70 -35.77 -50.38 -25.58
CA GLU G 70 -35.36 -50.26 -26.97
C GLU G 70 -33.91 -49.80 -27.14
N TYR G 71 -33.21 -49.50 -26.03
CA TYR G 71 -31.86 -48.95 -26.09
C TYR G 71 -30.96 -49.63 -25.06
N GLY G 72 -30.78 -50.93 -25.21
CA GLY G 72 -30.09 -51.67 -24.18
C GLY G 72 -30.98 -51.67 -22.97
N ASN G 73 -30.41 -51.39 -21.82
CA ASN G 73 -31.27 -51.10 -20.69
C ASN G 73 -30.87 -49.76 -20.11
N ILE G 74 -30.56 -48.83 -21.01
CA ILE G 74 -30.07 -47.51 -20.63
C ILE G 74 -31.19 -46.70 -19.99
N THR G 75 -30.96 -46.25 -18.76
CA THR G 75 -31.93 -45.42 -18.07
C THR G 75 -31.49 -43.97 -17.95
N ASP G 76 -30.23 -43.67 -18.23
CA ASP G 76 -29.71 -42.32 -18.12
C ASP G 76 -28.39 -42.27 -18.88
N PHE G 77 -27.95 -41.05 -19.17
CA PHE G 77 -26.68 -40.88 -19.86
C PHE G 77 -26.20 -39.45 -19.63
N ARG G 78 -24.89 -39.29 -19.79
CA ARG G 78 -24.26 -37.98 -19.70
C ARG G 78 -24.16 -37.39 -21.10
N THR G 79 -24.42 -36.09 -21.20
CA THR G 79 -24.29 -35.45 -22.48
C THR G 79 -23.79 -34.02 -22.26
N SER G 80 -23.18 -33.46 -23.30
CA SER G 80 -22.74 -32.07 -23.21
C SER G 80 -23.94 -31.14 -23.09
N ALA G 81 -23.80 -30.11 -22.24
CA ALA G 81 -24.92 -29.20 -22.04
C ALA G 81 -25.29 -28.44 -23.31
N ALA G 82 -24.36 -28.30 -24.26
CA ALA G 82 -24.71 -27.70 -25.54
C ALA G 82 -25.58 -28.60 -26.42
N ASP G 83 -25.77 -29.87 -26.07
CA ASP G 83 -26.68 -30.72 -26.84
C ASP G 83 -28.15 -30.50 -26.47
N ILE G 84 -28.45 -29.80 -25.38
CA ILE G 84 -29.81 -29.68 -24.89
C ILE G 84 -30.12 -28.23 -24.59
N TRP G 85 -31.40 -27.95 -24.45
CA TRP G 85 -31.84 -26.66 -23.93
C TRP G 85 -31.54 -26.58 -22.43
N THR G 86 -31.07 -25.43 -21.97
CA THR G 86 -30.93 -25.19 -20.55
C THR G 86 -31.61 -23.89 -20.16
N PRO G 87 -32.18 -23.82 -18.96
CA PRO G 87 -32.85 -22.58 -18.53
C PRO G 87 -31.88 -21.44 -18.33
N ASP G 88 -32.39 -20.23 -18.48
CA ASP G 88 -31.60 -18.98 -18.39
C ASP G 88 -31.61 -18.39 -16.99
N ILE G 89 -31.40 -19.24 -15.97
CA ILE G 89 -31.41 -18.80 -14.58
C ILE G 89 -30.24 -17.84 -14.36
N THR G 90 -30.54 -16.63 -13.87
CA THR G 90 -29.56 -15.56 -13.72
C THR G 90 -29.62 -14.96 -12.32
N ALA G 91 -28.46 -14.59 -11.80
CA ALA G 91 -28.42 -13.73 -10.64
C ALA G 91 -28.81 -12.31 -11.04
N TYR G 92 -29.78 -11.72 -10.33
CA TYR G 92 -30.31 -10.41 -10.69
C TYR G 92 -29.46 -9.24 -10.23
N SER G 93 -28.41 -9.46 -9.41
CA SER G 93 -27.59 -8.34 -8.95
C SER G 93 -26.10 -8.66 -9.03
N SER G 94 -25.67 -9.41 -10.03
CA SER G 94 -24.26 -9.65 -10.21
C SER G 94 -23.57 -8.38 -10.67
N THR G 95 -22.25 -8.33 -10.50
CA THR G 95 -21.46 -7.17 -10.87
C THR G 95 -20.30 -7.53 -11.79
N ARG G 96 -20.16 -8.80 -12.15
CA ARG G 96 -19.14 -9.36 -13.03
C ARG G 96 -19.80 -10.54 -13.70
N PRO G 97 -19.45 -10.85 -14.95
CA PRO G 97 -19.96 -12.10 -15.54
C PRO G 97 -19.52 -13.27 -14.67
N VAL G 98 -20.43 -14.24 -14.52
CA VAL G 98 -20.15 -15.42 -13.72
C VAL G 98 -19.02 -16.22 -14.37
N GLN G 99 -18.16 -16.79 -13.53
CA GLN G 99 -17.09 -17.66 -13.98
C GLN G 99 -17.50 -19.11 -13.75
N VAL G 100 -17.45 -19.92 -14.81
CA VAL G 100 -17.81 -21.34 -14.73
C VAL G 100 -16.59 -22.14 -14.30
N LEU G 101 -16.77 -23.02 -13.31
CA LEU G 101 -15.66 -23.79 -12.75
C LEU G 101 -15.73 -25.29 -13.03
N SER G 102 -16.83 -25.79 -13.60
CA SER G 102 -16.98 -27.21 -13.86
C SER G 102 -17.27 -27.44 -15.33
N PRO G 103 -17.01 -28.64 -15.84
CA PRO G 103 -17.42 -28.96 -17.21
C PRO G 103 -18.93 -28.89 -17.34
N GLN G 104 -19.38 -28.37 -18.49
CA GLN G 104 -20.80 -28.12 -18.75
C GLN G 104 -21.40 -29.41 -19.32
N ILE G 105 -21.71 -30.34 -18.42
CA ILE G 105 -22.27 -31.63 -18.81
C ILE G 105 -23.51 -31.89 -17.98
N ALA G 106 -24.54 -32.44 -18.61
CA ALA G 106 -25.80 -32.73 -17.94
C ALA G 106 -26.06 -34.23 -17.92
N VAL G 107 -26.95 -34.64 -17.03
CA VAL G 107 -27.37 -36.03 -16.93
C VAL G 107 -28.84 -36.07 -17.32
N VAL G 108 -29.16 -36.82 -18.37
CA VAL G 108 -30.54 -36.99 -18.82
C VAL G 108 -31.03 -38.37 -18.38
N THR G 109 -32.28 -38.43 -17.96
CA THR G 109 -32.84 -39.67 -17.44
C THR G 109 -34.04 -40.06 -18.31
N HIS G 110 -34.34 -41.36 -18.36
CA HIS G 110 -35.22 -41.87 -19.40
C HIS G 110 -36.62 -41.28 -19.33
N ASP G 111 -37.04 -40.75 -18.19
CA ASP G 111 -38.35 -40.11 -18.11
C ASP G 111 -38.34 -38.69 -18.64
N GLY G 112 -37.19 -38.18 -19.07
CA GLY G 112 -37.06 -36.82 -19.54
C GLY G 112 -36.51 -35.84 -18.53
N SER G 113 -36.08 -36.31 -17.36
CA SER G 113 -35.53 -35.44 -16.34
C SER G 113 -34.10 -35.11 -16.70
N VAL G 114 -33.77 -33.83 -16.61
CA VAL G 114 -32.42 -33.34 -16.80
C VAL G 114 -31.91 -32.81 -15.49
N MET G 115 -30.67 -33.17 -15.15
CA MET G 115 -29.99 -32.65 -13.98
C MET G 115 -28.73 -31.94 -14.43
N PHE G 116 -28.60 -30.67 -14.08
CA PHE G 116 -27.48 -29.89 -14.54
C PHE G 116 -26.95 -29.13 -13.34
N ILE G 117 -25.64 -29.24 -13.09
CA ILE G 117 -25.09 -28.65 -11.86
C ILE G 117 -23.81 -27.86 -12.16
N PRO G 118 -23.93 -26.64 -12.65
CA PRO G 118 -22.72 -25.83 -12.87
C PRO G 118 -22.12 -25.35 -11.55
N ALA G 119 -20.79 -25.41 -11.46
CA ALA G 119 -20.08 -24.76 -10.38
C ALA G 119 -19.70 -23.36 -10.79
N GLN G 120 -19.89 -22.39 -9.89
CA GLN G 120 -19.80 -21.00 -10.31
C GLN G 120 -19.18 -20.13 -9.22
N ARG G 121 -18.42 -19.13 -9.66
CA ARG G 121 -17.99 -18.02 -8.82
C ARG G 121 -18.76 -16.77 -9.24
N LEU G 122 -19.49 -16.18 -8.29
CA LEU G 122 -20.34 -15.01 -8.53
C LEU G 122 -19.85 -13.84 -7.71
N SER G 123 -19.75 -12.67 -8.35
CA SER G 123 -19.61 -11.38 -7.67
C SER G 123 -20.96 -10.69 -7.65
N PHE G 124 -21.42 -10.31 -6.46
CA PHE G 124 -22.71 -9.64 -6.41
C PHE G 124 -22.68 -8.55 -5.33
N MET G 125 -23.70 -7.71 -5.38
CA MET G 125 -23.80 -6.52 -4.55
C MET G 125 -24.07 -6.90 -3.10
N CYS G 126 -23.17 -6.48 -2.21
CA CYS G 126 -23.29 -6.85 -0.81
C CYS G 126 -22.40 -5.93 0.00
N ASP G 127 -22.99 -5.22 0.98
CA ASP G 127 -22.22 -4.36 1.86
C ASP G 127 -21.66 -5.21 2.98
N PRO G 128 -20.34 -5.43 3.03
CA PRO G 128 -19.77 -6.33 4.05
C PRO G 128 -19.44 -5.66 5.38
N THR G 129 -19.88 -4.43 5.62
CA THR G 129 -19.55 -3.74 6.86
C THR G 129 -20.08 -4.50 8.06
N GLY G 130 -19.22 -4.67 9.07
CA GLY G 130 -19.57 -5.43 10.25
C GLY G 130 -19.33 -6.91 10.13
N VAL G 131 -18.64 -7.36 9.08
CA VAL G 131 -18.39 -8.78 8.91
C VAL G 131 -17.42 -9.30 9.97
N ASP G 132 -16.61 -8.42 10.54
CA ASP G 132 -15.68 -8.77 11.60
C ASP G 132 -16.29 -8.62 12.98
N SER G 133 -17.60 -8.68 13.09
CA SER G 133 -18.30 -8.53 14.36
C SER G 133 -19.08 -9.81 14.66
N GLU G 134 -19.52 -9.92 15.91
CA GLU G 134 -20.18 -11.16 16.31
C GLU G 134 -21.49 -11.39 15.55
N GLU G 135 -22.21 -10.31 15.22
CA GLU G 135 -23.46 -10.42 14.48
C GLU G 135 -23.25 -10.73 12.99
N GLY G 136 -22.09 -10.35 12.44
CA GLY G 136 -21.85 -10.57 11.01
C GLY G 136 -22.70 -9.66 10.13
N VAL G 137 -22.87 -10.07 8.88
CA VAL G 137 -23.60 -9.30 7.89
C VAL G 137 -24.58 -10.22 7.16
N THR G 138 -25.56 -9.62 6.47
CA THR G 138 -26.53 -10.39 5.70
C THR G 138 -26.54 -9.91 4.27
N CYS G 139 -26.51 -10.85 3.32
CA CYS G 139 -26.61 -10.44 1.93
C CYS G 139 -27.55 -11.38 1.18
N ALA G 140 -28.10 -10.87 0.09
CA ALA G 140 -29.13 -11.57 -0.65
C ALA G 140 -28.89 -11.40 -2.16
N VAL G 141 -29.05 -12.49 -2.91
CA VAL G 141 -29.11 -12.45 -4.37
C VAL G 141 -30.36 -13.18 -4.82
N LYS G 142 -31.07 -12.60 -5.77
CA LYS G 142 -32.23 -13.22 -6.38
C LYS G 142 -31.82 -13.90 -7.69
N PHE G 143 -32.33 -15.12 -7.88
CA PHE G 143 -32.08 -15.93 -9.07
C PHE G 143 -33.39 -16.19 -9.79
N GLY G 144 -33.38 -16.05 -11.11
CA GLY G 144 -34.57 -16.35 -11.88
C GLY G 144 -34.28 -16.21 -13.36
N SER G 145 -35.28 -16.58 -14.16
CA SER G 145 -35.20 -16.41 -15.61
C SER G 145 -35.06 -14.93 -15.94
N TRP G 146 -34.30 -14.65 -17.00
CA TRP G 146 -34.16 -13.27 -17.45
C TRP G 146 -35.29 -12.86 -18.38
N VAL G 147 -35.98 -13.80 -19.03
CA VAL G 147 -36.90 -13.38 -20.08
C VAL G 147 -38.25 -14.10 -19.97
N TYR G 148 -38.35 -15.06 -19.08
CA TYR G 148 -39.57 -15.85 -18.95
C TYR G 148 -40.32 -15.46 -17.68
N SER G 149 -41.59 -15.11 -17.84
CA SER G 149 -42.51 -14.97 -16.71
C SER G 149 -42.79 -16.34 -16.12
N GLY G 150 -43.53 -16.33 -15.01
CA GLY G 150 -43.92 -17.56 -14.34
C GLY G 150 -44.91 -18.39 -15.11
N PHE G 151 -45.51 -17.82 -16.16
CA PHE G 151 -46.42 -18.57 -17.04
C PHE G 151 -45.67 -19.53 -17.95
N GLU G 152 -44.36 -19.35 -18.12
CA GLU G 152 -43.54 -20.24 -18.93
C GLU G 152 -42.53 -21.01 -18.11
N ILE G 153 -41.89 -20.37 -17.13
CA ILE G 153 -40.97 -21.04 -16.22
C ILE G 153 -41.44 -20.78 -14.79
N ASP G 154 -41.76 -21.84 -14.07
CA ASP G 154 -41.99 -21.74 -12.64
C ASP G 154 -40.74 -22.23 -11.92
N LEU G 155 -40.30 -21.49 -10.92
CA LEU G 155 -39.17 -21.94 -10.11
C LEU G 155 -39.68 -22.62 -8.84
N LYS G 156 -38.92 -23.60 -8.35
CA LYS G 156 -39.21 -24.30 -7.11
C LYS G 156 -37.90 -24.63 -6.41
N THR G 157 -37.99 -24.86 -5.11
CA THR G 157 -36.89 -25.43 -4.34
C THR G 157 -37.36 -26.73 -3.70
N ASP G 158 -36.43 -27.66 -3.50
CA ASP G 158 -36.74 -28.84 -2.71
C ASP G 158 -36.64 -28.59 -1.21
N THR G 159 -36.05 -27.47 -0.81
CA THR G 159 -35.79 -27.17 0.58
C THR G 159 -35.40 -25.70 0.67
N ASP G 160 -35.75 -25.09 1.80
CA ASP G 160 -35.34 -23.72 2.08
C ASP G 160 -33.96 -23.65 2.70
N GLN G 161 -33.35 -24.80 3.00
CA GLN G 161 -32.02 -24.84 3.59
C GLN G 161 -30.97 -25.00 2.49
N VAL G 162 -30.10 -23.99 2.36
CA VAL G 162 -28.93 -24.11 1.50
C VAL G 162 -28.03 -25.22 2.02
N ASP G 163 -27.51 -26.03 1.12
CA ASP G 163 -26.63 -27.12 1.53
C ASP G 163 -25.26 -26.57 1.92
N LEU G 164 -24.88 -26.79 3.18
CA LEU G 164 -23.64 -26.27 3.73
C LEU G 164 -22.67 -27.40 4.09
N SER G 165 -23.01 -28.64 3.71
CA SER G 165 -22.17 -29.77 4.08
C SER G 165 -20.85 -29.79 3.33
N SER G 166 -20.68 -28.95 2.32
CA SER G 166 -19.43 -28.87 1.58
C SER G 166 -18.69 -27.57 1.84
N TYR G 167 -19.17 -26.74 2.77
CA TYR G 167 -18.56 -25.43 2.93
C TYR G 167 -17.11 -25.56 3.40
N TYR G 168 -16.23 -24.77 2.78
CA TYR G 168 -14.80 -24.86 3.09
C TYR G 168 -14.57 -24.61 4.57
N ALA G 169 -13.93 -25.55 5.24
CA ALA G 169 -13.85 -25.48 6.69
C ALA G 169 -12.88 -24.41 7.17
N SER G 170 -11.93 -24.00 6.32
CA SER G 170 -10.96 -22.97 6.68
C SER G 170 -11.14 -21.69 5.89
N SER G 171 -12.36 -21.41 5.42
CA SER G 171 -12.67 -20.14 4.79
C SER G 171 -12.40 -19.00 5.74
N LYS G 172 -12.19 -17.79 5.18
CA LYS G 172 -12.10 -16.61 6.01
C LYS G 172 -13.42 -16.33 6.70
N TYR G 173 -14.52 -16.79 6.11
CA TYR G 173 -15.86 -16.48 6.57
C TYR G 173 -16.60 -17.74 6.98
N GLU G 174 -17.26 -17.68 8.13
CA GLU G 174 -18.15 -18.73 8.56
C GLU G 174 -19.59 -18.31 8.35
N ILE G 175 -20.43 -19.27 7.95
CA ILE G 175 -21.83 -19.04 7.64
C ILE G 175 -22.66 -19.19 8.91
N LEU G 176 -23.51 -18.21 9.18
CA LEU G 176 -24.46 -18.30 10.30
C LEU G 176 -25.82 -18.78 9.85
N SER G 177 -26.26 -18.41 8.66
CA SER G 177 -27.43 -19.04 8.07
C SER G 177 -27.37 -18.84 6.56
N ALA G 178 -28.13 -19.67 5.85
CA ALA G 178 -28.12 -19.64 4.41
C ALA G 178 -29.41 -20.29 3.92
N THR G 179 -30.30 -19.47 3.35
CA THR G 179 -31.60 -19.95 2.91
C THR G 179 -31.80 -19.60 1.45
N GLN G 180 -32.72 -20.34 0.84
CA GLN G 180 -33.08 -20.21 -0.57
C GLN G 180 -34.59 -20.32 -0.64
N THR G 181 -35.25 -19.21 -0.92
CA THR G 181 -36.71 -19.12 -0.79
C THR G 181 -37.33 -18.71 -2.12
N ARG G 182 -38.34 -19.46 -2.55
CA ARG G 182 -39.18 -19.05 -3.66
C ARG G 182 -39.97 -17.80 -3.30
N GLN G 183 -39.89 -16.78 -4.15
CA GLN G 183 -40.75 -15.61 -4.04
C GLN G 183 -41.53 -15.45 -5.33
N VAL G 184 -42.76 -14.97 -5.17
CA VAL G 184 -43.66 -14.65 -6.28
C VAL G 184 -44.05 -13.19 -6.16
N GLN G 185 -44.00 -12.48 -7.27
CA GLN G 185 -44.40 -11.09 -7.33
C GLN G 185 -45.45 -10.91 -8.42
N HIS G 186 -46.42 -10.04 -8.16
CA HIS G 186 -47.40 -9.65 -9.17
C HIS G 186 -47.25 -8.16 -9.46
N TYR G 187 -47.93 -7.71 -10.50
CA TYR G 187 -47.95 -6.30 -10.84
C TYR G 187 -49.38 -5.92 -11.21
N SER G 188 -49.71 -4.63 -11.00
CA SER G 188 -51.08 -4.14 -11.14
C SER G 188 -51.73 -4.59 -12.45
N CYS G 189 -50.97 -4.56 -13.53
CA CYS G 189 -51.47 -4.71 -14.90
C CYS G 189 -51.71 -6.16 -15.27
N CYS G 190 -50.81 -7.03 -14.87
CA CYS G 190 -50.52 -8.27 -15.58
C CYS G 190 -50.78 -9.53 -14.76
N PRO G 191 -51.62 -10.45 -15.24
CA PRO G 191 -51.99 -11.62 -14.43
C PRO G 191 -50.84 -12.61 -14.18
N GLU G 192 -49.68 -12.48 -14.88
CA GLU G 192 -48.64 -13.49 -14.73
C GLU G 192 -47.76 -13.20 -13.52
N PRO G 193 -47.42 -14.23 -12.75
CA PRO G 193 -46.44 -14.07 -11.68
C PRO G 193 -45.02 -13.94 -12.22
N TYR G 194 -44.14 -13.43 -11.37
CA TYR G 194 -42.72 -13.34 -11.67
C TYR G 194 -41.99 -14.01 -10.51
N ILE G 195 -41.30 -15.11 -10.81
CA ILE G 195 -40.78 -15.99 -9.77
C ILE G 195 -39.27 -15.81 -9.69
N ASP G 196 -38.76 -15.81 -8.47
CA ASP G 196 -37.33 -15.89 -8.24
C ASP G 196 -37.06 -16.71 -6.99
N VAL G 197 -35.79 -17.03 -6.80
CA VAL G 197 -35.34 -17.69 -5.59
C VAL G 197 -34.36 -16.75 -4.92
N ASN G 198 -34.69 -16.36 -3.69
CA ASN G 198 -33.90 -15.42 -2.91
C ASN G 198 -32.85 -16.19 -2.13
N LEU G 199 -31.58 -16.01 -2.47
CA LEU G 199 -30.49 -16.64 -1.74
C LEU G 199 -30.00 -15.65 -0.68
N VAL G 200 -30.15 -16.01 0.59
CA VAL G 200 -29.89 -15.12 1.71
C VAL G 200 -28.86 -15.76 2.62
N VAL G 201 -27.70 -15.12 2.75
CA VAL G 201 -26.55 -15.70 3.44
C VAL G 201 -26.08 -14.75 4.52
N LYS G 202 -26.09 -15.20 5.77
CA LYS G 202 -25.57 -14.42 6.88
C LYS G 202 -24.24 -15.02 7.32
N PHE G 203 -23.20 -14.19 7.40
CA PHE G 203 -21.87 -14.69 7.64
C PHE G 203 -21.01 -13.67 8.40
N ARG G 204 -19.87 -14.15 8.90
CA ARG G 204 -18.94 -13.31 9.61
C ARG G 204 -17.54 -13.88 9.44
N GLU G 205 -16.54 -13.08 9.81
CA GLU G 205 -15.18 -13.58 9.79
C GLU G 205 -15.02 -14.72 10.79
N ARG G 206 -14.18 -15.69 10.46
CA ARG G 206 -13.96 -16.83 11.35
C ARG G 206 -12.88 -16.53 12.39
N SER H 1 3.96 -43.17 -44.44
CA SER H 1 4.28 -42.24 -43.38
C SER H 1 3.17 -41.24 -43.32
N GLN H 2 3.29 -40.23 -44.19
CA GLN H 2 2.37 -39.09 -44.27
C GLN H 2 1.01 -39.49 -44.83
N ALA H 3 1.01 -40.16 -45.97
CA ALA H 3 -0.24 -40.65 -46.53
C ALA H 3 -0.83 -41.73 -45.62
N ASN H 4 0.02 -42.55 -45.03
CA ASN H 4 -0.45 -43.58 -44.10
C ASN H 4 -1.16 -42.96 -42.90
N LEU H 5 -0.56 -41.93 -42.30
CA LEU H 5 -1.18 -41.26 -41.16
C LEU H 5 -2.53 -40.67 -41.55
N MET H 6 -2.62 -40.00 -42.71
CA MET H 6 -3.90 -39.43 -43.13
C MET H 6 -4.95 -40.53 -43.31
N ARG H 7 -4.56 -41.66 -43.89
CA ARG H 7 -5.46 -42.80 -43.97
C ARG H 7 -5.91 -43.24 -42.58
N LEU H 8 -4.98 -43.32 -41.63
CA LEU H 8 -5.31 -43.79 -40.29
C LEU H 8 -6.32 -42.86 -39.63
N LYS H 9 -6.01 -41.56 -39.60
CA LYS H 9 -6.90 -40.61 -38.94
C LYS H 9 -8.27 -40.57 -39.62
N SER H 10 -8.29 -40.67 -40.94
CA SER H 10 -9.57 -40.66 -41.63
C SER H 10 -10.40 -41.88 -41.25
N ASP H 11 -9.77 -43.05 -41.17
CA ASP H 11 -10.50 -44.26 -40.76
C ASP H 11 -11.00 -44.15 -39.32
N LEU H 12 -10.17 -43.64 -38.41
CA LEU H 12 -10.56 -43.60 -37.00
C LEU H 12 -11.61 -42.53 -36.72
N PHE H 13 -11.57 -41.40 -37.43
CA PHE H 13 -12.38 -40.24 -37.06
C PHE H 13 -13.55 -39.95 -37.98
N ASN H 14 -13.39 -40.10 -39.29
CA ASN H 14 -14.47 -39.70 -40.19
C ASN H 14 -15.55 -40.76 -40.26
N ARG H 15 -15.15 -41.99 -40.60
CA ARG H 15 -16.07 -43.12 -40.72
C ARG H 15 -16.87 -43.36 -39.46
N SER H 16 -16.32 -43.04 -38.34
CA SER H 16 -16.91 -43.45 -37.09
C SER H 16 -17.85 -42.38 -36.55
N PRO H 17 -18.91 -42.78 -35.85
CA PRO H 17 -19.62 -41.84 -34.99
C PRO H 17 -18.89 -41.70 -33.66
N MET H 18 -18.88 -40.48 -33.14
CA MET H 18 -18.02 -40.19 -31.99
C MET H 18 -18.36 -41.10 -30.81
N TYR H 19 -17.33 -41.45 -30.06
CA TYR H 19 -17.51 -42.22 -28.85
C TYR H 19 -18.37 -41.42 -27.86
N PRO H 20 -19.43 -42.01 -27.31
CA PRO H 20 -20.39 -41.24 -26.50
C PRO H 20 -20.06 -41.14 -25.01
N GLY H 21 -18.87 -41.54 -24.58
CA GLY H 21 -18.54 -41.51 -23.18
C GLY H 21 -18.73 -42.87 -22.57
N PRO H 22 -18.13 -43.11 -21.41
CA PRO H 22 -18.25 -44.43 -20.77
C PRO H 22 -19.68 -44.69 -20.31
N THR H 23 -19.95 -45.97 -20.05
CA THR H 23 -21.24 -46.39 -19.51
C THR H 23 -21.02 -47.36 -18.36
N LYS H 24 -22.12 -47.73 -17.70
CA LYS H 24 -22.02 -48.71 -16.63
C LYS H 24 -21.61 -50.08 -17.14
N ASP H 25 -21.98 -50.42 -18.38
CA ASP H 25 -21.66 -51.73 -18.92
C ASP H 25 -20.40 -51.74 -19.77
N ASP H 26 -19.85 -50.58 -20.08
CA ASP H 26 -18.52 -50.48 -20.70
C ASP H 26 -17.79 -49.39 -19.93
N PRO H 27 -17.30 -49.71 -18.74
CA PRO H 27 -16.61 -48.71 -17.91
C PRO H 27 -15.24 -48.38 -18.48
N LEU H 28 -14.61 -47.39 -17.86
CA LEU H 28 -13.31 -46.92 -18.31
C LEU H 28 -12.51 -46.45 -17.09
N THR H 29 -11.21 -46.76 -17.11
CA THR H 29 -10.29 -46.37 -16.03
C THR H 29 -9.37 -45.26 -16.51
N VAL H 30 -9.34 -44.14 -15.79
CA VAL H 30 -8.45 -43.03 -16.07
C VAL H 30 -7.34 -43.04 -15.04
N THR H 31 -6.11 -43.01 -15.50
CA THR H 31 -4.96 -42.95 -14.61
C THR H 31 -4.48 -41.51 -14.53
N LEU H 32 -4.43 -40.98 -13.32
CA LEU H 32 -3.99 -39.61 -13.07
C LEU H 32 -2.60 -39.61 -12.46
N GLY H 33 -1.77 -38.68 -12.91
CA GLY H 33 -0.55 -38.35 -12.20
C GLY H 33 -0.35 -36.85 -12.28
N PHE H 34 0.40 -36.31 -11.31
CA PHE H 34 0.70 -34.88 -11.27
C PHE H 34 2.22 -34.66 -11.26
N THR H 35 2.67 -33.73 -12.09
CA THR H 35 4.01 -33.17 -12.02
C THR H 35 3.86 -31.73 -11.52
N LEU H 36 4.23 -31.48 -10.27
CA LEU H 36 4.05 -30.18 -9.65
C LEU H 36 5.24 -29.29 -10.01
N GLN H 37 4.97 -28.13 -10.60
CA GLN H 37 6.01 -27.26 -11.12
C GLN H 37 6.27 -26.06 -10.24
N ASP H 38 5.24 -25.55 -9.56
CA ASP H 38 5.42 -24.31 -8.81
C ASP H 38 4.19 -24.04 -7.97
N ILE H 39 4.43 -23.64 -6.73
CA ILE H 39 3.43 -22.91 -5.96
C ILE H 39 3.69 -21.44 -6.24
N VAL H 40 2.85 -20.81 -7.04
CA VAL H 40 3.18 -19.49 -7.57
C VAL H 40 2.81 -18.39 -6.60
N LYS H 41 1.65 -18.51 -5.98
CA LYS H 41 1.06 -17.44 -5.20
C LYS H 41 0.23 -18.05 -4.08
N VAL H 42 0.43 -17.55 -2.86
CA VAL H 42 -0.47 -17.81 -1.75
C VAL H 42 -1.12 -16.48 -1.40
N ASP H 43 -2.43 -16.50 -1.12
CA ASP H 43 -3.16 -15.29 -0.74
C ASP H 43 -3.78 -15.52 0.63
N SER H 44 -3.22 -14.86 1.66
CA SER H 44 -3.64 -15.05 3.05
C SER H 44 -4.95 -14.35 3.37
N SER H 45 -5.40 -13.44 2.54
CA SER H 45 -6.62 -12.72 2.85
C SER H 45 -7.85 -13.31 2.17
N THR H 46 -7.67 -14.22 1.21
CA THR H 46 -8.77 -14.96 0.61
C THR H 46 -8.64 -16.46 0.80
N ASN H 47 -7.51 -16.93 1.31
CA ASN H 47 -7.24 -18.35 1.46
C ASN H 47 -7.40 -19.08 0.13
N GLU H 48 -6.76 -18.52 -0.90
CA GLU H 48 -6.53 -19.18 -2.18
C GLU H 48 -5.05 -19.43 -2.37
N VAL H 49 -4.70 -20.53 -3.03
CA VAL H 49 -3.32 -20.80 -3.42
C VAL H 49 -3.30 -21.15 -4.89
N ASP H 50 -2.25 -20.72 -5.58
CA ASP H 50 -2.08 -20.94 -7.02
C ASP H 50 -1.00 -21.98 -7.26
N LEU H 51 -1.35 -23.03 -8.01
CA LEU H 51 -0.44 -24.10 -8.38
C LEU H 51 -0.27 -24.15 -9.90
N VAL H 52 0.94 -24.50 -10.34
CA VAL H 52 1.22 -24.80 -11.73
C VAL H 52 1.71 -26.24 -11.79
N TYR H 53 1.09 -27.04 -12.64
CA TYR H 53 1.42 -28.46 -12.71
C TYR H 53 1.04 -29.01 -14.08
N TYR H 54 1.70 -30.11 -14.44
CA TYR H 54 1.26 -30.98 -15.52
C TYR H 54 0.36 -32.07 -14.95
N GLU H 55 -0.75 -32.34 -15.62
CA GLU H 55 -1.67 -33.39 -15.18
C GLU H 55 -1.71 -34.46 -16.25
N GLN H 56 -1.11 -35.61 -15.95
CA GLN H 56 -1.04 -36.72 -16.88
C GLN H 56 -2.31 -37.57 -16.76
N GLN H 57 -3.08 -37.66 -17.84
CA GLN H 57 -4.26 -38.51 -17.92
C GLN H 57 -4.03 -39.58 -18.97
N ARG H 58 -4.44 -40.81 -18.66
CA ARG H 58 -4.29 -41.95 -19.55
C ARG H 58 -5.54 -42.83 -19.46
N TRP H 59 -6.02 -43.27 -20.62
CA TRP H 59 -7.15 -44.19 -20.69
C TRP H 59 -7.02 -44.96 -21.99
N LYS H 60 -7.92 -45.93 -22.19
CA LYS H 60 -7.85 -46.83 -23.34
C LYS H 60 -9.24 -47.01 -23.94
N LEU H 61 -9.38 -46.78 -25.25
CA LEU H 61 -10.64 -47.01 -25.97
C LEU H 61 -10.45 -48.07 -27.04
N ASN H 62 -11.40 -49.01 -27.11
CA ASN H 62 -11.33 -50.04 -28.14
C ASN H 62 -11.44 -49.43 -29.53
N SER H 63 -12.27 -48.39 -29.67
CA SER H 63 -12.50 -47.74 -30.96
C SER H 63 -11.31 -46.94 -31.47
N LEU H 64 -10.19 -46.88 -30.72
CA LEU H 64 -8.99 -46.20 -31.19
C LEU H 64 -7.88 -47.18 -31.53
N MET H 65 -8.17 -48.47 -31.54
CA MET H 65 -7.18 -49.48 -31.86
C MET H 65 -7.00 -49.61 -33.37
N TRP H 66 -5.79 -49.98 -33.77
CA TRP H 66 -5.56 -50.33 -35.17
C TRP H 66 -4.35 -51.24 -35.25
N ASP H 67 -4.21 -51.86 -36.42
CA ASP H 67 -3.11 -52.75 -36.73
C ASP H 67 -2.03 -51.93 -37.41
N PRO H 68 -0.87 -51.72 -36.78
CA PRO H 68 0.18 -50.92 -37.43
C PRO H 68 0.64 -51.51 -38.75
N ASN H 69 0.41 -52.80 -38.97
CA ASN H 69 0.76 -53.41 -40.24
C ASN H 69 -0.05 -52.84 -41.39
N GLU H 70 -1.27 -52.37 -41.12
CA GLU H 70 -2.14 -51.82 -42.16
C GLU H 70 -1.87 -50.34 -42.44
N TYR H 71 -1.07 -49.67 -41.63
CA TYR H 71 -0.85 -48.23 -41.79
C TYR H 71 0.63 -47.88 -41.74
N GLY H 72 1.44 -48.57 -42.54
CA GLY H 72 2.87 -48.25 -42.66
C GLY H 72 3.66 -48.34 -41.38
N ASN H 73 3.32 -49.31 -40.53
CA ASN H 73 4.00 -49.56 -39.26
C ASN H 73 3.88 -48.41 -38.25
N ILE H 74 2.86 -47.56 -38.41
CA ILE H 74 2.60 -46.49 -37.45
C ILE H 74 2.12 -47.11 -36.14
N THR H 75 2.80 -46.78 -35.04
CA THR H 75 2.40 -47.28 -33.72
C THR H 75 1.70 -46.24 -32.87
N ASP H 76 1.85 -44.96 -33.16
CA ASP H 76 1.15 -43.92 -32.43
C ASP H 76 1.11 -42.64 -33.26
N PHE H 77 0.27 -41.72 -32.82
CA PHE H 77 0.22 -40.45 -33.52
C PHE H 77 -0.28 -39.37 -32.59
N ARG H 78 0.00 -38.13 -32.97
CA ARG H 78 -0.42 -36.94 -32.27
C ARG H 78 -1.67 -36.38 -32.95
N THR H 79 -2.58 -35.86 -32.15
CA THR H 79 -3.81 -35.30 -32.71
C THR H 79 -4.42 -34.37 -31.67
N SER H 80 -5.10 -33.34 -32.18
CA SER H 80 -5.68 -32.36 -31.26
C SER H 80 -6.68 -33.06 -30.36
N ALA H 81 -6.83 -32.53 -29.15
CA ALA H 81 -7.71 -33.12 -28.16
C ALA H 81 -9.17 -33.02 -28.56
N ALA H 82 -9.52 -32.10 -29.45
CA ALA H 82 -10.91 -31.98 -29.89
C ALA H 82 -11.33 -33.11 -30.83
N ASP H 83 -10.39 -33.86 -31.40
CA ASP H 83 -10.75 -34.98 -32.27
C ASP H 83 -11.19 -36.20 -31.50
N ILE H 84 -10.93 -36.26 -30.19
CA ILE H 84 -11.22 -37.45 -29.40
C ILE H 84 -12.04 -37.05 -28.18
N TRP H 85 -12.56 -38.06 -27.49
CA TRP H 85 -13.23 -37.85 -26.23
C TRP H 85 -12.19 -37.66 -25.13
N THR H 86 -12.49 -36.78 -24.18
CA THR H 86 -11.60 -36.60 -23.04
C THR H 86 -12.40 -36.65 -21.76
N PRO H 87 -11.83 -37.20 -20.69
CA PRO H 87 -12.56 -37.24 -19.42
C PRO H 87 -12.66 -35.86 -18.83
N ASP H 88 -13.72 -35.66 -18.05
CA ASP H 88 -14.05 -34.37 -17.42
C ASP H 88 -13.45 -34.26 -16.03
N ILE H 89 -12.16 -34.64 -15.89
CA ILE H 89 -11.50 -34.56 -14.60
C ILE H 89 -11.44 -33.11 -14.14
N THR H 90 -11.93 -32.85 -12.94
CA THR H 90 -12.09 -31.50 -12.43
C THR H 90 -11.59 -31.38 -11.00
N ALA H 91 -11.00 -30.24 -10.69
CA ALA H 91 -10.68 -29.92 -9.31
C ALA H 91 -11.98 -29.59 -8.57
N TYR H 92 -12.18 -30.22 -7.43
CA TYR H 92 -13.44 -30.06 -6.72
C TYR H 92 -13.52 -28.77 -5.91
N SER H 93 -12.42 -28.07 -5.70
CA SER H 93 -12.48 -26.89 -4.85
C SER H 93 -11.66 -25.76 -5.42
N SER H 94 -11.67 -25.60 -6.74
CA SER H 94 -11.07 -24.42 -7.37
C SER H 94 -11.88 -23.17 -7.04
N THR H 95 -11.24 -22.00 -7.20
CA THR H 95 -11.95 -20.75 -7.00
C THR H 95 -11.93 -19.85 -8.22
N ARG H 96 -11.28 -20.28 -9.31
CA ARG H 96 -11.24 -19.60 -10.60
C ARG H 96 -11.24 -20.66 -11.67
N PRO H 97 -11.69 -20.34 -12.89
CA PRO H 97 -11.53 -21.32 -13.97
C PRO H 97 -10.05 -21.62 -14.18
N VAL H 98 -9.76 -22.90 -14.41
CA VAL H 98 -8.41 -23.34 -14.65
C VAL H 98 -7.86 -22.65 -15.90
N GLN H 99 -6.59 -22.29 -15.87
CA GLN H 99 -5.92 -21.69 -17.03
C GLN H 99 -4.99 -22.71 -17.66
N VAL H 100 -5.19 -22.99 -18.92
CA VAL H 100 -4.43 -24.03 -19.62
C VAL H 100 -3.15 -23.41 -20.19
N LEU H 101 -2.04 -24.10 -20.02
CA LEU H 101 -0.72 -23.55 -20.29
C LEU H 101 -0.01 -24.22 -21.45
N SER H 102 -0.62 -25.20 -22.09
CA SER H 102 0.04 -26.04 -23.08
C SER H 102 -0.94 -26.34 -24.21
N PRO H 103 -0.44 -26.73 -25.37
CA PRO H 103 -1.35 -27.07 -26.48
C PRO H 103 -2.18 -28.29 -26.13
N GLN H 104 -3.45 -28.25 -26.52
CA GLN H 104 -4.38 -29.31 -26.18
C GLN H 104 -4.23 -30.39 -27.26
N ILE H 105 -3.22 -31.22 -27.07
CA ILE H 105 -2.86 -32.25 -28.05
C ILE H 105 -2.55 -33.53 -27.28
N ALA H 106 -3.08 -34.65 -27.77
CA ALA H 106 -2.97 -35.96 -27.12
C ALA H 106 -2.17 -36.92 -28.00
N VAL H 107 -1.69 -38.00 -27.39
CA VAL H 107 -0.96 -39.04 -28.12
C VAL H 107 -1.77 -40.33 -28.01
N VAL H 108 -2.02 -40.96 -29.16
CA VAL H 108 -2.83 -42.16 -29.25
C VAL H 108 -1.95 -43.30 -29.75
N THR H 109 -1.98 -44.43 -29.05
CA THR H 109 -1.17 -45.59 -29.37
C THR H 109 -2.04 -46.71 -29.92
N HIS H 110 -1.46 -47.54 -30.81
CA HIS H 110 -2.24 -48.47 -31.63
C HIS H 110 -3.10 -49.44 -30.83
N ASP H 111 -2.79 -49.64 -29.54
CA ASP H 111 -3.62 -50.46 -28.67
C ASP H 111 -4.82 -49.69 -28.11
N GLY H 112 -5.07 -48.47 -28.56
CA GLY H 112 -6.17 -47.68 -28.05
C GLY H 112 -5.84 -46.79 -26.89
N SER H 113 -4.58 -46.75 -26.45
CA SER H 113 -4.20 -45.94 -25.31
C SER H 113 -4.14 -44.48 -25.72
N VAL H 114 -4.63 -43.61 -24.84
CA VAL H 114 -4.52 -42.17 -25.00
C VAL H 114 -3.73 -41.61 -23.82
N MET H 115 -2.78 -40.74 -24.14
CA MET H 115 -1.94 -40.05 -23.17
C MET H 115 -2.17 -38.57 -23.41
N PHE H 116 -2.71 -37.87 -22.41
CA PHE H 116 -3.08 -36.47 -22.54
C PHE H 116 -2.58 -35.70 -21.31
N ILE H 117 -1.74 -34.71 -21.54
CA ILE H 117 -1.02 -34.06 -20.44
C ILE H 117 -1.22 -32.55 -20.46
N PRO H 118 -2.37 -32.04 -20.04
CA PRO H 118 -2.55 -30.58 -19.93
C PRO H 118 -1.73 -29.97 -18.80
N ALA H 119 -0.95 -28.94 -19.13
CA ALA H 119 -0.34 -28.06 -18.14
C ALA H 119 -1.34 -27.01 -17.68
N GLN H 120 -1.43 -26.81 -16.38
CA GLN H 120 -2.50 -25.96 -15.86
C GLN H 120 -2.01 -25.05 -14.73
N ARG H 121 -2.66 -23.90 -14.60
CA ARG H 121 -2.61 -23.10 -13.38
C ARG H 121 -3.97 -23.15 -12.72
N LEU H 122 -3.96 -23.44 -11.42
CA LEU H 122 -5.15 -23.67 -10.63
C LEU H 122 -5.13 -22.79 -9.37
N SER H 123 -6.22 -22.05 -9.14
CA SER H 123 -6.47 -21.41 -7.85
C SER H 123 -7.51 -22.23 -7.10
N PHE H 124 -7.23 -22.57 -5.85
CA PHE H 124 -8.13 -23.44 -5.11
C PHE H 124 -8.09 -23.06 -3.62
N MET H 125 -9.02 -23.65 -2.87
CA MET H 125 -9.24 -23.24 -1.50
C MET H 125 -8.15 -23.75 -0.59
N CYS H 126 -7.40 -22.84 0.03
CA CYS H 126 -6.33 -23.27 0.91
C CYS H 126 -5.91 -22.13 1.83
N ASP H 127 -5.86 -22.41 3.13
CA ASP H 127 -5.43 -21.46 4.15
C ASP H 127 -3.92 -21.54 4.33
N PRO H 128 -3.14 -20.55 3.89
CA PRO H 128 -1.68 -20.61 4.01
C PRO H 128 -1.10 -20.12 5.33
N THR H 129 -1.92 -19.86 6.35
CA THR H 129 -1.41 -19.30 7.59
C THR H 129 -0.37 -20.24 8.20
N GLY H 130 0.79 -19.68 8.52
CA GLY H 130 1.89 -20.47 9.05
C GLY H 130 2.81 -21.05 8.01
N VAL H 131 2.70 -20.64 6.76
CA VAL H 131 3.60 -21.12 5.73
C VAL H 131 5.02 -20.61 5.97
N ASP H 132 5.17 -19.51 6.71
CA ASP H 132 6.50 -19.01 7.04
C ASP H 132 7.11 -19.69 8.24
N SER H 133 6.48 -20.72 8.77
CA SER H 133 7.05 -21.45 9.90
C SER H 133 7.90 -22.63 9.41
N GLU H 134 8.62 -23.25 10.34
CA GLU H 134 9.36 -24.47 10.04
C GLU H 134 8.44 -25.61 9.63
N GLU H 135 7.25 -25.68 10.24
CA GLU H 135 6.35 -26.81 10.02
C GLU H 135 5.52 -26.68 8.76
N GLY H 136 5.32 -25.46 8.27
CA GLY H 136 4.64 -25.23 7.03
C GLY H 136 3.14 -25.46 7.13
N VAL H 137 2.52 -25.43 5.96
CA VAL H 137 1.08 -25.61 5.80
C VAL H 137 0.86 -26.86 4.96
N THR H 138 -0.30 -27.47 5.14
CA THR H 138 -0.74 -28.58 4.30
C THR H 138 -2.00 -28.16 3.55
N CYS H 139 -2.02 -28.39 2.24
CA CYS H 139 -3.23 -28.12 1.48
C CYS H 139 -3.58 -29.31 0.60
N ALA H 140 -4.87 -29.45 0.33
CA ALA H 140 -5.40 -30.58 -0.39
C ALA H 140 -6.49 -30.12 -1.34
N VAL H 141 -6.50 -30.72 -2.53
CA VAL H 141 -7.55 -30.53 -3.51
C VAL H 141 -7.87 -31.89 -4.14
N LYS H 142 -9.16 -32.21 -4.25
CA LYS H 142 -9.60 -33.46 -4.83
C LYS H 142 -9.88 -33.27 -6.31
N PHE H 143 -9.48 -34.26 -7.10
CA PHE H 143 -9.75 -34.30 -8.53
C PHE H 143 -10.64 -35.48 -8.84
N GLY H 144 -11.60 -35.28 -9.73
CA GLY H 144 -12.41 -36.39 -10.21
C GLY H 144 -13.36 -35.93 -11.29
N SER H 145 -14.05 -36.92 -11.88
CA SER H 145 -15.10 -36.63 -12.84
C SER H 145 -16.18 -35.79 -12.19
N TRP H 146 -16.80 -34.92 -12.98
CA TRP H 146 -17.90 -34.11 -12.48
C TRP H 146 -19.25 -34.81 -12.59
N VAL H 147 -19.44 -35.71 -13.56
CA VAL H 147 -20.79 -36.23 -13.80
C VAL H 147 -20.84 -37.76 -13.80
N TYR H 148 -19.69 -38.43 -13.83
CA TYR H 148 -19.66 -39.90 -13.81
C TYR H 148 -19.27 -40.43 -12.42
N SER H 149 -20.06 -41.38 -11.92
CA SER H 149 -19.70 -42.18 -10.77
C SER H 149 -18.63 -43.22 -11.12
N GLY H 150 -18.14 -43.91 -10.09
CA GLY H 150 -17.19 -45.00 -10.24
C GLY H 150 -17.68 -46.15 -11.10
N PHE H 151 -18.99 -46.23 -11.37
CA PHE H 151 -19.49 -47.26 -12.27
C PHE H 151 -19.13 -46.98 -13.71
N GLU H 152 -18.83 -45.73 -14.05
CA GLU H 152 -18.47 -45.36 -15.41
C GLU H 152 -17.02 -44.93 -15.54
N ILE H 153 -16.49 -44.16 -14.59
CA ILE H 153 -15.08 -43.77 -14.63
C ILE H 153 -14.43 -44.18 -13.32
N ASP H 154 -13.52 -45.15 -13.40
CA ASP H 154 -12.68 -45.52 -12.27
C ASP H 154 -11.37 -44.72 -12.34
N LEU H 155 -10.93 -44.23 -11.19
CA LEU H 155 -9.72 -43.43 -11.10
C LEU H 155 -8.61 -44.23 -10.47
N LYS H 156 -7.41 -44.09 -11.01
CA LYS H 156 -6.24 -44.77 -10.49
C LYS H 156 -5.04 -43.83 -10.59
N THR H 157 -4.09 -44.02 -9.70
CA THR H 157 -2.76 -43.46 -9.84
C THR H 157 -1.77 -44.62 -9.99
N ASP H 158 -0.66 -44.38 -10.68
CA ASP H 158 0.39 -45.38 -10.77
C ASP H 158 1.39 -45.29 -9.62
N THR H 159 1.41 -44.16 -8.92
CA THR H 159 2.20 -43.96 -7.72
C THR H 159 1.46 -42.96 -6.84
N ASP H 160 1.72 -43.02 -5.54
CA ASP H 160 1.18 -42.03 -4.63
C ASP H 160 2.10 -40.84 -4.44
N GLN H 161 3.32 -40.92 -4.97
CA GLN H 161 4.26 -39.82 -4.93
C GLN H 161 4.02 -38.92 -6.14
N VAL H 162 3.69 -37.66 -5.87
CA VAL H 162 3.71 -36.63 -6.90
C VAL H 162 5.13 -36.50 -7.45
N ASP H 163 5.23 -36.32 -8.76
CA ASP H 163 6.51 -36.05 -9.39
C ASP H 163 6.99 -34.65 -9.00
N LEU H 164 8.11 -34.61 -8.26
CA LEU H 164 8.71 -33.34 -7.85
C LEU H 164 10.01 -33.02 -8.60
N SER H 165 10.32 -33.76 -9.68
CA SER H 165 11.63 -33.62 -10.33
C SER H 165 11.73 -32.40 -11.26
N SER H 166 10.63 -31.70 -11.51
CA SER H 166 10.69 -30.44 -12.26
C SER H 166 10.16 -29.29 -11.40
N TYR H 167 10.12 -29.47 -10.08
CA TYR H 167 9.70 -28.37 -9.23
C TYR H 167 10.69 -27.22 -9.35
N TYR H 168 10.17 -26.01 -9.59
CA TYR H 168 10.99 -24.82 -9.71
C TYR H 168 11.90 -24.61 -8.50
N ALA H 169 13.21 -24.79 -8.68
CA ALA H 169 14.16 -24.76 -7.58
C ALA H 169 14.23 -23.40 -6.87
N SER H 170 13.86 -22.29 -7.52
CA SER H 170 13.86 -20.99 -6.86
C SER H 170 12.45 -20.46 -6.61
N SER H 171 11.50 -21.36 -6.39
CA SER H 171 10.18 -20.96 -5.93
C SER H 171 10.27 -20.25 -4.59
N LYS H 172 9.25 -19.44 -4.29
CA LYS H 172 9.15 -18.93 -2.93
C LYS H 172 8.90 -20.04 -1.92
N TYR H 173 8.35 -21.17 -2.36
CA TYR H 173 7.94 -22.25 -1.48
C TYR H 173 8.71 -23.52 -1.81
N GLU H 174 9.20 -24.20 -0.78
CA GLU H 174 9.77 -25.53 -0.91
C GLU H 174 8.73 -26.57 -0.49
N ILE H 175 8.72 -27.70 -1.18
CA ILE H 175 7.72 -28.75 -0.93
C ILE H 175 8.27 -29.69 0.13
N LEU H 176 7.50 -29.93 1.18
CA LEU H 176 7.90 -30.88 2.22
C LEU H 176 7.44 -32.30 1.91
N SER H 177 6.20 -32.45 1.43
CA SER H 177 5.77 -33.68 0.78
C SER H 177 4.61 -33.38 -0.16
N ALA H 178 4.37 -34.31 -1.08
CA ALA H 178 3.37 -34.12 -2.12
C ALA H 178 2.86 -35.50 -2.50
N THR H 179 1.60 -35.80 -2.16
CA THR H 179 1.02 -37.10 -2.47
C THR H 179 -0.23 -36.95 -3.32
N GLN H 180 -0.52 -38.02 -4.06
CA GLN H 180 -1.70 -38.12 -4.91
C GLN H 180 -2.34 -39.47 -4.61
N THR H 181 -3.48 -39.46 -3.93
CA THR H 181 -4.04 -40.69 -3.37
C THR H 181 -5.48 -40.91 -3.81
N ARG H 182 -5.75 -42.09 -4.35
CA ARG H 182 -7.11 -42.45 -4.71
C ARG H 182 -7.99 -42.59 -3.47
N GLN H 183 -9.22 -42.11 -3.58
CA GLN H 183 -10.18 -42.14 -2.48
C GLN H 183 -11.52 -42.63 -3.01
N VAL H 184 -12.12 -43.59 -2.31
CA VAL H 184 -13.46 -44.09 -2.61
C VAL H 184 -14.39 -43.60 -1.52
N GLN H 185 -15.61 -43.23 -1.92
CA GLN H 185 -16.66 -42.82 -1.00
C GLN H 185 -17.95 -43.51 -1.41
N HIS H 186 -18.59 -44.17 -0.45
CA HIS H 186 -19.90 -44.75 -0.66
C HIS H 186 -20.94 -43.94 0.13
N TYR H 187 -22.17 -43.95 -0.37
CA TYR H 187 -23.28 -43.24 0.25
C TYR H 187 -24.37 -44.22 0.64
N SER H 188 -25.29 -43.78 1.52
CA SER H 188 -26.29 -44.67 2.09
C SER H 188 -27.21 -45.28 1.03
N CYS H 189 -27.86 -44.42 0.24
CA CYS H 189 -28.70 -44.78 -0.89
C CYS H 189 -28.06 -45.77 -1.87
N CYS H 190 -27.67 -45.25 -3.02
CA CYS H 190 -26.86 -45.71 -4.14
C CYS H 190 -25.70 -46.66 -3.86
N PRO H 191 -25.59 -47.77 -4.59
CA PRO H 191 -24.43 -48.67 -4.44
C PRO H 191 -23.20 -48.23 -5.23
N GLU H 192 -23.23 -47.04 -5.83
CA GLU H 192 -22.16 -46.58 -6.71
C GLU H 192 -20.99 -46.05 -5.89
N PRO H 193 -19.76 -46.43 -6.22
CA PRO H 193 -18.60 -45.81 -5.57
C PRO H 193 -18.25 -44.51 -6.27
N TYR H 194 -17.89 -43.50 -5.48
CA TYR H 194 -17.47 -42.21 -6.01
C TYR H 194 -15.97 -42.05 -5.76
N ILE H 195 -15.22 -41.87 -6.85
CA ILE H 195 -13.77 -41.93 -6.83
C ILE H 195 -13.22 -40.55 -7.03
N ASP H 196 -12.18 -40.20 -6.27
CA ASP H 196 -11.44 -38.98 -6.51
C ASP H 196 -9.97 -39.26 -6.25
N VAL H 197 -9.10 -38.42 -6.77
CA VAL H 197 -7.69 -38.46 -6.43
C VAL H 197 -7.41 -37.24 -5.58
N ASN H 198 -6.90 -37.47 -4.38
CA ASN H 198 -6.67 -36.42 -3.41
C ASN H 198 -5.21 -35.98 -3.49
N LEU H 199 -5.00 -34.71 -3.82
CA LEU H 199 -3.66 -34.15 -3.96
C LEU H 199 -3.36 -33.34 -2.71
N VAL H 200 -2.41 -33.81 -1.91
CA VAL H 200 -2.07 -33.18 -0.64
C VAL H 200 -0.63 -32.72 -0.73
N VAL H 201 -0.40 -31.44 -0.44
CA VAL H 201 0.91 -30.84 -0.59
C VAL H 201 1.24 -30.09 0.68
N LYS H 202 2.29 -30.52 1.37
CA LYS H 202 2.81 -29.82 2.55
C LYS H 202 3.99 -28.97 2.11
N PHE H 203 3.95 -27.68 2.46
CA PHE H 203 4.97 -26.76 1.94
C PHE H 203 5.21 -25.60 2.90
N ARG H 204 6.33 -24.90 2.69
CA ARG H 204 6.68 -23.75 3.52
C ARG H 204 7.55 -22.81 2.71
N GLU H 205 7.64 -21.56 3.17
CA GLU H 205 8.57 -20.60 2.56
C GLU H 205 9.99 -21.14 2.60
N ARG H 206 10.74 -20.90 1.54
CA ARG H 206 12.10 -21.45 1.45
C ARG H 206 13.04 -20.81 2.50
N SER I 1 -3.55 -11.39 -61.44
CA SER I 1 -2.66 -12.30 -60.72
C SER I 1 -2.98 -12.32 -59.23
N GLN I 2 -4.15 -11.76 -58.89
CA GLN I 2 -4.88 -12.19 -57.70
C GLN I 2 -5.91 -13.26 -58.02
N ALA I 3 -6.30 -13.37 -59.29
CA ALA I 3 -6.93 -14.60 -59.75
C ALA I 3 -5.95 -15.76 -59.61
N ASN I 4 -4.67 -15.52 -59.93
CA ASN I 4 -3.66 -16.56 -59.77
C ASN I 4 -3.49 -16.92 -58.30
N LEU I 5 -3.48 -15.91 -57.42
CA LEU I 5 -3.38 -16.21 -55.99
C LEU I 5 -4.60 -16.96 -55.51
N MET I 6 -5.79 -16.54 -55.93
CA MET I 6 -7.00 -17.28 -55.60
C MET I 6 -6.85 -18.73 -56.04
N ARG I 7 -6.38 -18.94 -57.26
CA ARG I 7 -6.19 -20.28 -57.80
C ARG I 7 -5.18 -21.05 -56.95
N LEU I 8 -4.02 -20.46 -56.69
CA LEU I 8 -2.99 -21.15 -55.92
C LEU I 8 -3.52 -21.59 -54.55
N LYS I 9 -4.29 -20.74 -53.88
CA LYS I 9 -4.72 -21.08 -52.54
C LYS I 9 -5.73 -22.23 -52.54
N SER I 10 -6.69 -22.23 -53.48
CA SER I 10 -7.59 -23.38 -53.60
C SER I 10 -6.83 -24.66 -53.88
N ASP I 11 -5.84 -24.58 -54.77
CA ASP I 11 -5.04 -25.77 -55.07
C ASP I 11 -4.28 -26.26 -53.83
N LEU I 12 -3.72 -25.33 -53.04
CA LEU I 12 -2.93 -25.76 -51.89
C LEU I 12 -3.79 -26.19 -50.72
N PHE I 13 -5.01 -25.67 -50.62
CA PHE I 13 -5.78 -25.83 -49.38
C PHE I 13 -7.10 -26.57 -49.54
N ASN I 14 -7.83 -26.36 -50.64
CA ASN I 14 -9.11 -27.04 -50.78
C ASN I 14 -9.03 -28.37 -51.52
N ARG I 15 -8.12 -28.50 -52.48
CA ARG I 15 -7.96 -29.72 -53.26
C ARG I 15 -7.34 -30.85 -52.45
N SER I 16 -6.79 -30.55 -51.29
CA SER I 16 -5.94 -31.44 -50.51
C SER I 16 -6.65 -31.83 -49.22
N PRO I 17 -6.15 -32.85 -48.54
CA PRO I 17 -6.37 -32.96 -47.10
C PRO I 17 -5.20 -32.33 -46.35
N MET I 18 -5.47 -31.86 -45.14
CA MET I 18 -4.46 -31.10 -44.45
C MET I 18 -3.41 -32.03 -43.85
N TYR I 19 -2.18 -31.55 -43.85
CA TYR I 19 -1.01 -32.10 -43.20
C TYR I 19 -1.34 -32.65 -41.82
N PRO I 20 -1.12 -33.93 -41.54
CA PRO I 20 -1.40 -34.46 -40.20
C PRO I 20 -0.27 -34.24 -39.20
N GLY I 21 0.73 -33.41 -39.52
CA GLY I 21 1.86 -33.24 -38.66
C GLY I 21 2.98 -34.20 -38.99
N PRO I 22 4.15 -33.97 -38.38
CA PRO I 22 5.31 -34.83 -38.65
C PRO I 22 5.14 -36.24 -38.09
N THR I 23 5.86 -37.16 -38.71
CA THR I 23 5.94 -38.55 -38.30
C THR I 23 7.40 -38.91 -38.09
N LYS I 24 7.65 -40.02 -37.39
CA LYS I 24 9.03 -40.45 -37.25
C LYS I 24 9.60 -40.88 -38.58
N ASP I 25 8.73 -41.05 -39.58
CA ASP I 25 9.08 -41.45 -40.94
C ASP I 25 9.32 -40.26 -41.87
N ASP I 26 8.54 -39.19 -41.73
CA ASP I 26 8.79 -37.91 -42.40
C ASP I 26 8.93 -36.85 -41.32
N PRO I 27 10.11 -36.73 -40.71
CA PRO I 27 10.30 -35.77 -39.63
C PRO I 27 10.39 -34.35 -40.18
N LEU I 28 10.30 -33.39 -39.26
CA LEU I 28 10.21 -31.98 -39.61
C LEU I 28 11.20 -31.20 -38.77
N THR I 29 11.97 -30.31 -39.42
CA THR I 29 12.85 -29.38 -38.73
C THR I 29 12.19 -28.02 -38.58
N VAL I 30 12.20 -27.48 -37.35
CA VAL I 30 11.64 -26.17 -37.03
C VAL I 30 12.77 -25.28 -36.50
N THR I 31 13.00 -24.15 -37.16
CA THR I 31 14.01 -23.18 -36.75
C THR I 31 13.36 -22.11 -35.88
N LEU I 32 13.97 -21.84 -34.73
CA LEU I 32 13.46 -20.87 -33.77
C LEU I 32 14.43 -19.71 -33.63
N GLY I 33 13.89 -18.51 -33.55
CA GLY I 33 14.69 -17.34 -33.17
C GLY I 33 13.83 -16.35 -32.41
N PHE I 34 14.47 -15.65 -31.47
CA PHE I 34 13.75 -14.70 -30.64
C PHE I 34 14.23 -13.29 -30.92
N THR I 35 13.28 -12.37 -31.05
CA THR I 35 13.54 -10.93 -31.04
C THR I 35 12.97 -10.41 -29.72
N LEU I 36 13.83 -10.10 -28.77
CA LEU I 36 13.38 -9.69 -27.44
C LEU I 36 13.08 -8.19 -27.47
N GLN I 37 11.87 -7.82 -27.06
CA GLN I 37 11.45 -6.43 -27.20
C GLN I 37 11.33 -5.68 -25.87
N ASP I 38 10.97 -6.36 -24.79
CA ASP I 38 10.81 -5.66 -23.53
C ASP I 38 10.69 -6.64 -22.38
N ILE I 39 11.45 -6.40 -21.33
CA ILE I 39 11.16 -7.00 -20.03
C ILE I 39 10.21 -6.01 -19.36
N VAL I 40 8.92 -6.34 -19.34
CA VAL I 40 7.89 -5.38 -18.94
C VAL I 40 7.78 -5.27 -17.42
N LYS I 41 7.90 -6.39 -16.72
CA LYS I 41 7.49 -6.50 -15.33
C LYS I 41 8.25 -7.65 -14.70
N VAL I 42 8.72 -7.42 -13.49
CA VAL I 42 9.25 -8.48 -12.63
C VAL I 42 8.38 -8.45 -11.39
N ASP I 43 8.16 -9.61 -10.77
CA ASP I 43 7.28 -9.70 -9.60
C ASP I 43 8.02 -10.48 -8.52
N SER I 44 8.66 -9.75 -7.61
CA SER I 44 9.54 -10.43 -6.67
C SER I 44 8.77 -11.18 -5.59
N SER I 45 7.47 -10.93 -5.43
CA SER I 45 6.70 -11.67 -4.43
C SER I 45 6.19 -13.02 -4.94
N THR I 46 6.23 -13.28 -6.27
CA THR I 46 5.86 -14.55 -6.86
C THR I 46 6.96 -15.19 -7.72
N ASN I 47 8.00 -14.43 -8.09
CA ASN I 47 9.08 -14.93 -8.93
C ASN I 47 8.57 -15.24 -10.35
N GLU I 48 7.76 -14.31 -10.88
CA GLU I 48 7.37 -14.29 -12.28
C GLU I 48 7.95 -13.07 -12.96
N VAL I 49 8.30 -13.23 -14.23
CA VAL I 49 8.80 -12.12 -15.05
C VAL I 49 8.06 -12.13 -16.37
N ASP I 50 7.73 -10.94 -16.87
CA ASP I 50 6.96 -10.80 -18.10
C ASP I 50 7.85 -10.28 -19.22
N LEU I 51 8.05 -11.12 -20.24
CA LEU I 51 8.73 -10.75 -21.46
C LEU I 51 7.73 -10.42 -22.56
N VAL I 52 8.15 -9.58 -23.48
CA VAL I 52 7.47 -9.32 -24.73
C VAL I 52 8.48 -9.58 -25.83
N TYR I 53 8.14 -10.46 -26.77
CA TYR I 53 9.11 -10.83 -27.79
C TYR I 53 8.38 -11.24 -29.04
N TYR I 54 9.14 -11.27 -30.14
CA TYR I 54 8.72 -11.88 -31.39
C TYR I 54 9.35 -13.28 -31.45
N GLU I 55 8.54 -14.29 -31.67
CA GLU I 55 9.06 -15.64 -31.84
C GLU I 55 9.02 -16.01 -33.31
N GLN I 56 10.19 -16.23 -33.89
CA GLN I 56 10.32 -16.51 -35.31
C GLN I 56 10.43 -18.01 -35.52
N GLN I 57 9.54 -18.56 -36.36
CA GLN I 57 9.44 -19.99 -36.59
C GLN I 57 9.49 -20.24 -38.10
N ARG I 58 10.32 -21.18 -38.51
CA ARG I 58 10.47 -21.52 -39.91
C ARG I 58 10.44 -23.03 -40.07
N TRP I 59 9.66 -23.50 -41.03
CA TRP I 59 9.68 -24.92 -41.41
C TRP I 59 9.32 -25.00 -42.89
N LYS I 60 9.44 -26.21 -43.44
CA LYS I 60 9.23 -26.46 -44.84
C LYS I 60 8.42 -27.74 -45.02
N LEU I 61 7.31 -27.63 -45.75
CA LEU I 61 6.42 -28.76 -46.05
C LEU I 61 6.41 -28.99 -47.55
N ASN I 62 6.58 -30.25 -47.97
CA ASN I 62 6.56 -30.55 -49.40
C ASN I 62 5.16 -30.36 -50.00
N SER I 63 4.11 -30.57 -49.20
CA SER I 63 2.75 -30.27 -49.64
C SER I 63 2.45 -28.77 -49.83
N LEU I 64 3.37 -27.86 -49.51
CA LEU I 64 3.13 -26.43 -49.76
C LEU I 64 3.99 -25.90 -50.92
N MET I 65 4.64 -26.78 -51.66
CA MET I 65 5.44 -26.39 -52.80
C MET I 65 4.57 -26.11 -54.02
N TRP I 66 5.07 -25.26 -54.91
CA TRP I 66 4.42 -25.01 -56.18
C TRP I 66 5.42 -24.37 -57.14
N ASP I 67 5.12 -24.49 -58.43
CA ASP I 67 5.95 -23.94 -59.49
C ASP I 67 5.45 -22.55 -59.84
N PRO I 68 6.23 -21.51 -59.62
CA PRO I 68 5.71 -20.14 -59.84
C PRO I 68 5.26 -19.86 -61.27
N ASN I 69 5.80 -20.55 -62.27
CA ASN I 69 5.39 -20.27 -63.65
C ASN I 69 3.99 -20.76 -63.97
N GLU I 70 3.45 -21.65 -63.14
CA GLU I 70 2.07 -22.09 -63.29
C GLU I 70 1.08 -21.23 -62.53
N TYR I 71 1.54 -20.21 -61.81
CA TYR I 71 0.66 -19.42 -60.93
C TYR I 71 1.00 -17.94 -61.01
N GLY I 72 1.13 -17.44 -62.23
CA GLY I 72 1.34 -16.01 -62.42
C GLY I 72 2.62 -15.49 -61.80
N ASN I 73 3.69 -16.29 -61.83
CA ASN I 73 4.99 -15.92 -61.26
C ASN I 73 4.90 -15.60 -59.76
N ILE I 74 3.91 -16.15 -59.07
CA ILE I 74 3.77 -15.91 -57.64
C ILE I 74 4.81 -16.74 -56.89
N THR I 75 5.66 -16.08 -56.12
CA THR I 75 6.77 -16.72 -55.41
C THR I 75 6.50 -16.90 -53.94
N ASP I 76 5.54 -16.17 -53.37
CA ASP I 76 5.24 -16.24 -51.96
C ASP I 76 3.84 -15.66 -51.77
N PHE I 77 3.22 -15.98 -50.64
CA PHE I 77 1.96 -15.32 -50.33
C PHE I 77 1.77 -15.29 -48.83
N ARG I 78 0.91 -14.36 -48.41
CA ARG I 78 0.51 -14.27 -47.03
C ARG I 78 -0.84 -14.95 -46.86
N THR I 79 -0.98 -15.69 -45.77
CA THR I 79 -2.25 -16.33 -45.51
C THR I 79 -2.38 -16.48 -44.01
N SER I 80 -3.62 -16.56 -43.56
CA SER I 80 -3.86 -16.70 -42.13
C SER I 80 -3.25 -18.01 -41.62
N ALA I 81 -2.73 -17.96 -40.40
CA ALA I 81 -2.16 -19.14 -39.78
C ALA I 81 -3.17 -20.25 -39.57
N ALA I 82 -4.47 -19.93 -39.64
CA ALA I 82 -5.49 -20.96 -39.50
C ALA I 82 -5.57 -21.88 -40.71
N ASP I 83 -5.05 -21.46 -41.87
CA ASP I 83 -5.16 -22.27 -43.07
C ASP I 83 -4.12 -23.39 -43.12
N ILE I 84 -3.13 -23.36 -42.23
CA ILE I 84 -1.98 -24.26 -42.30
C ILE I 84 -1.73 -24.87 -40.93
N TRP I 85 -1.06 -26.03 -40.94
CA TRP I 85 -0.46 -26.62 -39.76
C TRP I 85 0.65 -25.72 -39.20
N THR I 86 0.80 -25.69 -37.88
CA THR I 86 1.86 -24.93 -37.20
C THR I 86 2.40 -25.73 -36.02
N PRO I 87 3.68 -25.64 -35.73
CA PRO I 87 4.25 -26.43 -34.65
C PRO I 87 3.71 -26.02 -33.29
N ASP I 88 3.71 -26.96 -32.35
CA ASP I 88 3.23 -26.70 -30.98
C ASP I 88 4.36 -26.29 -30.04
N ILE I 89 5.11 -25.25 -30.41
CA ILE I 89 6.27 -24.88 -29.61
C ILE I 89 5.78 -24.12 -28.40
N THR I 90 6.13 -24.60 -27.20
CA THR I 90 5.59 -24.08 -25.96
C THR I 90 6.73 -23.71 -25.03
N ALA I 91 6.52 -22.65 -24.26
CA ALA I 91 7.39 -22.38 -23.11
C ALA I 91 7.11 -23.43 -22.03
N TYR I 92 8.17 -23.98 -21.46
CA TYR I 92 7.98 -25.08 -20.53
C TYR I 92 7.75 -24.62 -19.10
N SER I 93 7.93 -23.35 -18.78
CA SER I 93 7.80 -22.95 -17.37
C SER I 93 7.05 -21.64 -17.26
N SER I 94 6.05 -21.45 -18.11
CA SER I 94 5.16 -20.31 -18.01
C SER I 94 4.25 -20.46 -16.80
N THR I 95 3.69 -19.33 -16.38
CA THR I 95 2.80 -19.31 -15.23
C THR I 95 1.45 -18.73 -15.58
N ARG I 96 1.23 -18.29 -16.82
CA ARG I 96 -0.02 -17.74 -17.32
C ARG I 96 -0.10 -18.10 -18.79
N PRO I 97 -1.30 -18.24 -19.35
CA PRO I 97 -1.41 -18.47 -20.79
C PRO I 97 -0.82 -17.32 -21.56
N VAL I 98 -0.12 -17.63 -22.65
CA VAL I 98 0.61 -16.61 -23.39
C VAL I 98 -0.39 -15.68 -24.09
N GLN I 99 -0.07 -14.39 -24.13
CA GLN I 99 -0.90 -13.42 -24.82
C GLN I 99 -0.31 -13.11 -26.18
N VAL I 100 -1.14 -13.22 -27.22
CA VAL I 100 -0.72 -12.96 -28.59
C VAL I 100 -0.97 -11.49 -28.89
N LEU I 101 0.03 -10.83 -29.47
CA LEU I 101 -0.01 -9.39 -29.66
C LEU I 101 -0.09 -9.00 -31.13
N SER I 102 0.08 -9.95 -32.05
CA SER I 102 0.10 -9.66 -33.46
C SER I 102 -0.96 -10.48 -34.19
N PRO I 103 -1.29 -10.09 -35.43
CA PRO I 103 -2.10 -10.96 -36.29
C PRO I 103 -1.45 -12.32 -36.45
N GLN I 104 -2.30 -13.32 -36.71
CA GLN I 104 -1.84 -14.72 -36.86
C GLN I 104 -1.80 -15.03 -38.35
N ILE I 105 -0.76 -14.50 -39.00
CA ILE I 105 -0.61 -14.61 -40.43
C ILE I 105 0.78 -15.13 -40.73
N ALA I 106 0.86 -16.09 -41.64
CA ALA I 106 2.13 -16.67 -42.03
C ALA I 106 2.44 -16.30 -43.48
N VAL I 107 3.72 -16.36 -43.82
CA VAL I 107 4.18 -16.15 -45.19
C VAL I 107 4.69 -17.49 -45.70
N VAL I 108 4.13 -17.94 -46.84
CA VAL I 108 4.49 -19.22 -47.44
C VAL I 108 5.25 -18.94 -48.73
N THR I 109 6.34 -19.66 -48.95
CA THR I 109 7.16 -19.49 -50.15
C THR I 109 7.06 -20.75 -51.01
N HIS I 110 7.28 -20.58 -52.32
CA HIS I 110 6.98 -21.60 -53.33
C HIS I 110 7.77 -22.88 -53.16
N ASP I 111 8.86 -22.85 -52.43
CA ASP I 111 9.55 -24.09 -52.09
C ASP I 111 8.92 -24.80 -50.89
N GLY I 112 7.74 -24.36 -50.43
CA GLY I 112 7.12 -24.95 -49.27
C GLY I 112 7.59 -24.43 -47.93
N SER I 113 8.44 -23.39 -47.90
CA SER I 113 8.87 -22.81 -46.63
C SER I 113 7.75 -21.97 -46.05
N VAL I 114 7.59 -22.05 -44.74
CA VAL I 114 6.65 -21.23 -43.99
C VAL I 114 7.43 -20.43 -42.95
N MET I 115 7.21 -19.13 -42.92
CA MET I 115 7.71 -18.30 -41.85
C MET I 115 6.55 -17.70 -41.08
N PHE I 116 6.62 -17.80 -39.76
CA PHE I 116 5.51 -17.45 -38.90
C PHE I 116 6.08 -16.75 -37.66
N ILE I 117 5.68 -15.49 -37.43
CA ILE I 117 6.35 -14.66 -36.43
C ILE I 117 5.35 -14.04 -35.45
N PRO I 118 4.78 -14.80 -34.53
CA PRO I 118 3.89 -14.22 -33.54
C PRO I 118 4.63 -13.38 -32.50
N ALA I 119 4.08 -12.22 -32.19
CA ALA I 119 4.51 -11.46 -31.02
C ALA I 119 3.72 -11.92 -29.80
N GLN I 120 4.41 -12.11 -28.68
CA GLN I 120 3.77 -12.70 -27.51
C GLN I 120 4.23 -11.99 -26.25
N ARG I 121 3.37 -12.02 -25.23
CA ARG I 121 3.74 -11.66 -23.88
C ARG I 121 3.69 -12.92 -23.02
N LEU I 122 4.77 -13.17 -22.28
CA LEU I 122 4.94 -14.42 -21.56
C LEU I 122 5.29 -14.10 -20.12
N SER I 123 4.56 -14.72 -19.20
CA SER I 123 4.93 -14.76 -17.79
C SER I 123 5.61 -16.11 -17.52
N PHE I 124 6.82 -16.09 -16.95
CA PHE I 124 7.51 -17.34 -16.65
C PHE I 124 8.24 -17.28 -15.32
N MET I 125 8.63 -18.45 -14.84
CA MET I 125 9.21 -18.61 -13.51
C MET I 125 10.62 -18.03 -13.48
N CYS I 126 10.82 -17.05 -12.61
CA CYS I 126 12.10 -16.37 -12.57
C CYS I 126 12.23 -15.54 -11.30
N ASP I 127 13.31 -15.77 -10.54
CA ASP I 127 13.57 -15.06 -9.30
C ASP I 127 14.33 -13.76 -9.64
N PRO I 128 13.70 -12.60 -9.51
CA PRO I 128 14.37 -11.33 -9.84
C PRO I 128 15.21 -10.71 -8.73
N THR I 129 15.43 -11.42 -7.62
CA THR I 129 16.29 -10.91 -6.56
C THR I 129 17.67 -10.53 -7.09
N GLY I 130 18.08 -9.29 -6.84
CA GLY I 130 19.35 -8.82 -7.32
C GLY I 130 19.27 -8.03 -8.61
N VAL I 131 18.06 -7.78 -9.10
CA VAL I 131 17.90 -7.09 -10.35
C VAL I 131 18.39 -5.66 -10.22
N ASP I 132 18.41 -5.13 -8.99
CA ASP I 132 18.84 -3.77 -8.72
C ASP I 132 20.31 -3.66 -8.38
N SER I 133 21.15 -4.56 -8.91
CA SER I 133 22.59 -4.55 -8.67
C SER I 133 23.32 -4.49 -10.01
N GLU I 134 24.64 -4.29 -9.97
CA GLU I 134 25.36 -4.20 -11.23
C GLU I 134 25.38 -5.54 -11.94
N GLU I 135 25.48 -6.64 -11.20
CA GLU I 135 25.57 -7.95 -11.82
C GLU I 135 24.22 -8.40 -12.36
N GLY I 136 23.13 -7.93 -11.78
CA GLY I 136 21.85 -8.28 -12.30
C GLY I 136 21.45 -9.71 -11.98
N VAL I 137 20.50 -10.21 -12.76
CA VAL I 137 19.84 -11.48 -12.54
C VAL I 137 19.89 -12.26 -13.84
N THR I 138 19.93 -13.57 -13.73
CA THR I 138 19.84 -14.43 -14.89
C THR I 138 18.55 -15.24 -14.83
N CYS I 139 17.80 -15.27 -15.92
CA CYS I 139 16.61 -16.08 -15.98
C CYS I 139 16.60 -16.89 -17.26
N ALA I 140 15.82 -17.96 -17.24
CA ALA I 140 15.87 -18.97 -18.29
C ALA I 140 14.51 -19.62 -18.42
N VAL I 141 14.16 -19.96 -19.65
CA VAL I 141 12.93 -20.68 -19.96
C VAL I 141 13.18 -21.50 -21.23
N LYS I 142 12.79 -22.77 -21.21
CA LYS I 142 12.96 -23.65 -22.36
C LYS I 142 11.69 -23.64 -23.24
N PHE I 143 11.91 -23.67 -24.54
CA PHE I 143 10.85 -23.81 -25.51
C PHE I 143 11.03 -25.13 -26.26
N GLY I 144 9.91 -25.75 -26.61
CA GLY I 144 9.96 -26.96 -27.39
C GLY I 144 8.55 -27.42 -27.72
N SER I 145 8.50 -28.50 -28.47
CA SER I 145 7.23 -29.17 -28.75
C SER I 145 6.69 -29.79 -27.46
N TRP I 146 5.38 -29.73 -27.30
CA TRP I 146 4.78 -30.33 -26.11
C TRP I 146 4.60 -31.84 -26.25
N VAL I 147 4.56 -32.38 -27.47
CA VAL I 147 4.11 -33.76 -27.64
C VAL I 147 5.01 -34.56 -28.58
N TYR I 148 5.87 -33.89 -29.33
CA TYR I 148 6.73 -34.55 -30.29
C TYR I 148 8.16 -34.63 -29.76
N SER I 149 8.73 -35.82 -29.77
CA SER I 149 10.15 -36.01 -29.54
C SER I 149 10.97 -35.48 -30.74
N GLY I 150 12.30 -35.57 -30.61
CA GLY I 150 13.19 -35.22 -31.70
C GLY I 150 13.04 -36.09 -32.93
N PHE I 151 12.52 -37.32 -32.78
CA PHE I 151 12.32 -38.21 -33.91
C PHE I 151 11.26 -37.70 -34.90
N GLU I 152 10.46 -36.72 -34.49
CA GLU I 152 9.47 -36.12 -35.38
C GLU I 152 9.67 -34.64 -35.61
N ILE I 153 10.07 -33.87 -34.58
CA ILE I 153 10.33 -32.44 -34.71
C ILE I 153 11.72 -32.17 -34.17
N ASP I 154 12.63 -31.79 -35.05
CA ASP I 154 13.95 -31.32 -34.66
C ASP I 154 13.91 -29.80 -34.52
N LEU I 155 14.32 -29.30 -33.37
CA LEU I 155 14.48 -27.87 -33.17
C LEU I 155 15.88 -27.43 -33.58
N LYS I 156 15.95 -26.29 -34.27
CA LYS I 156 17.22 -25.71 -34.67
C LYS I 156 17.17 -24.20 -34.43
N THR I 157 18.34 -23.58 -34.28
CA THR I 157 18.46 -22.13 -34.31
C THR I 157 19.49 -21.73 -35.36
N ASP I 158 19.36 -20.50 -35.89
CA ASP I 158 20.33 -19.96 -36.85
C ASP I 158 21.53 -19.35 -36.16
N THR I 159 21.38 -18.94 -34.91
CA THR I 159 22.42 -18.36 -34.09
C THR I 159 21.97 -18.58 -32.66
N ASP I 160 22.92 -18.60 -31.73
CA ASP I 160 22.54 -18.62 -30.33
C ASP I 160 22.41 -17.21 -29.71
N GLN I 161 22.51 -16.15 -30.52
CA GLN I 161 22.42 -14.78 -30.05
C GLN I 161 21.02 -14.22 -30.34
N VAL I 162 20.24 -14.02 -29.27
CA VAL I 162 18.92 -13.42 -29.42
C VAL I 162 19.04 -12.03 -30.06
N ASP I 163 18.14 -11.74 -30.99
CA ASP I 163 18.09 -10.43 -31.61
C ASP I 163 17.66 -9.39 -30.58
N LEU I 164 18.52 -8.39 -30.33
CA LEU I 164 18.29 -7.36 -29.32
C LEU I 164 18.27 -5.97 -29.93
N SER I 165 18.19 -5.87 -31.25
CA SER I 165 18.27 -4.56 -31.93
C SER I 165 16.95 -3.80 -31.89
N SER I 166 15.87 -4.42 -31.41
CA SER I 166 14.57 -3.76 -31.22
C SER I 166 14.23 -3.68 -29.75
N TYR I 167 15.19 -3.91 -28.88
CA TYR I 167 14.89 -3.86 -27.46
C TYR I 167 14.53 -2.41 -27.08
N TYR I 168 13.49 -2.28 -26.28
CA TYR I 168 12.95 -0.96 -25.94
C TYR I 168 13.96 -0.17 -25.09
N ALA I 169 14.47 0.92 -25.65
CA ALA I 169 15.58 1.65 -25.02
C ALA I 169 15.21 2.32 -23.71
N SER I 170 13.92 2.46 -23.35
CA SER I 170 13.57 3.04 -22.05
C SER I 170 12.83 2.06 -21.14
N SER I 171 13.00 0.77 -21.36
CA SER I 171 12.46 -0.22 -20.45
C SER I 171 12.99 0.04 -19.04
N LYS I 172 12.24 -0.44 -18.03
CA LYS I 172 12.78 -0.43 -16.67
C LYS I 172 14.00 -1.31 -16.52
N TYR I 173 14.23 -2.24 -17.46
CA TYR I 173 15.32 -3.20 -17.33
C TYR I 173 16.24 -3.13 -18.55
N GLU I 174 17.54 -3.05 -18.28
CA GLU I 174 18.58 -3.16 -19.30
C GLU I 174 18.87 -4.62 -19.57
N ILE I 175 18.99 -4.97 -20.85
CA ILE I 175 19.48 -6.30 -21.21
C ILE I 175 21.01 -6.29 -21.21
N LEU I 176 21.60 -7.23 -20.47
CA LEU I 176 23.05 -7.46 -20.57
C LEU I 176 23.38 -8.50 -21.63
N SER I 177 22.68 -9.63 -21.63
CA SER I 177 22.87 -10.64 -22.67
C SER I 177 21.62 -11.50 -22.77
N ALA I 178 21.49 -12.16 -23.91
CA ALA I 178 20.34 -13.01 -24.18
C ALA I 178 20.79 -14.05 -25.20
N THR I 179 20.82 -15.32 -24.80
CA THR I 179 21.16 -16.40 -25.71
C THR I 179 19.98 -17.36 -25.87
N GLN I 180 19.96 -18.03 -27.02
CA GLN I 180 18.97 -19.06 -27.38
C GLN I 180 19.73 -20.32 -27.81
N THR I 181 19.68 -21.38 -27.00
CA THR I 181 20.61 -22.50 -27.23
C THR I 181 19.86 -23.83 -27.36
N ARG I 182 20.19 -24.57 -28.42
CA ARG I 182 19.63 -25.91 -28.61
C ARG I 182 20.18 -26.86 -27.56
N GLN I 183 19.28 -27.65 -26.96
CA GLN I 183 19.62 -28.64 -25.94
C GLN I 183 19.02 -29.98 -26.30
N VAL I 184 19.79 -31.06 -26.08
CA VAL I 184 19.35 -32.41 -26.39
C VAL I 184 19.44 -33.26 -25.13
N GLN I 185 18.30 -33.71 -24.63
CA GLN I 185 18.25 -34.68 -23.54
C GLN I 185 17.97 -36.09 -24.08
N HIS I 186 18.68 -37.07 -23.53
CA HIS I 186 18.40 -38.49 -23.72
C HIS I 186 18.02 -39.09 -22.38
N TYR I 187 17.55 -40.34 -22.42
CA TYR I 187 17.20 -41.07 -21.21
C TYR I 187 17.78 -42.49 -21.30
N SER I 188 17.86 -43.15 -20.12
CA SER I 188 18.29 -44.53 -20.10
C SER I 188 17.43 -45.39 -21.03
N CYS I 189 16.13 -45.07 -21.17
CA CYS I 189 15.34 -45.86 -22.13
C CYS I 189 15.72 -45.34 -23.51
N CYS I 190 14.83 -45.62 -24.46
CA CYS I 190 14.22 -44.59 -25.27
C CYS I 190 15.28 -43.97 -26.15
N PRO I 191 15.44 -44.41 -27.40
CA PRO I 191 16.49 -43.80 -28.23
C PRO I 191 16.15 -42.42 -28.74
N GLU I 192 14.96 -41.93 -28.42
CA GLU I 192 14.45 -40.66 -28.90
C GLU I 192 15.15 -39.50 -28.20
N PRO I 193 15.79 -38.59 -28.92
CA PRO I 193 16.28 -37.37 -28.28
C PRO I 193 15.13 -36.44 -27.97
N TYR I 194 15.31 -35.61 -26.95
CA TYR I 194 14.34 -34.61 -26.59
C TYR I 194 15.03 -33.26 -26.68
N ILE I 195 14.44 -32.35 -27.46
CA ILE I 195 15.10 -31.16 -27.94
C ILE I 195 14.32 -29.97 -27.46
N ASP I 196 15.03 -28.97 -26.93
CA ASP I 196 14.42 -27.69 -26.62
C ASP I 196 15.40 -26.59 -27.00
N VAL I 197 14.90 -25.36 -26.99
CA VAL I 197 15.73 -24.16 -27.10
C VAL I 197 15.66 -23.44 -25.78
N ASN I 198 16.81 -23.23 -25.16
CA ASN I 198 16.88 -22.61 -23.86
C ASN I 198 17.11 -21.11 -24.04
N LEU I 199 16.14 -20.30 -23.64
CA LEU I 199 16.26 -18.84 -23.72
C LEU I 199 16.79 -18.35 -22.38
N VAL I 200 17.99 -17.76 -22.40
CA VAL I 200 18.66 -17.28 -21.19
C VAL I 200 18.89 -15.78 -21.32
N VAL I 201 18.24 -15.02 -20.46
CA VAL I 201 18.30 -13.58 -20.50
C VAL I 201 18.96 -13.09 -19.20
N LYS I 202 19.97 -12.22 -19.33
CA LYS I 202 20.60 -11.57 -18.17
C LYS I 202 20.27 -10.09 -18.17
N PHE I 203 19.82 -9.56 -17.04
CA PHE I 203 19.31 -8.20 -17.05
C PHE I 203 19.40 -7.57 -15.65
N ARG I 204 19.31 -6.23 -15.63
CA ARG I 204 19.32 -5.46 -14.39
C ARG I 204 18.46 -4.23 -14.57
N GLU I 205 18.17 -3.56 -13.45
CA GLU I 205 17.41 -2.31 -13.52
C GLU I 205 18.21 -1.25 -14.26
N ARG I 206 17.52 -0.49 -15.11
CA ARG I 206 18.14 0.59 -15.87
C ARG I 206 18.28 1.87 -15.04
N SER J 1 -36.03 -1.78 -51.30
CA SER J 1 -34.59 -1.92 -51.44
C SER J 1 -33.92 -2.45 -50.16
N GLN J 2 -34.72 -3.04 -49.25
CA GLN J 2 -34.19 -4.08 -48.36
C GLN J 2 -33.91 -5.34 -49.16
N ALA J 3 -34.80 -5.66 -50.11
CA ALA J 3 -34.52 -6.72 -51.06
C ALA J 3 -33.35 -6.35 -51.96
N ASN J 4 -33.27 -5.08 -52.39
CA ASN J 4 -32.13 -4.67 -53.19
C ASN J 4 -30.84 -4.79 -52.41
N LEU J 5 -30.88 -4.52 -51.12
CA LEU J 5 -29.66 -4.63 -50.32
C LEU J 5 -29.29 -6.09 -50.08
N MET J 6 -30.27 -6.95 -49.81
CA MET J 6 -29.96 -8.37 -49.65
C MET J 6 -29.34 -8.93 -50.92
N ARG J 7 -29.84 -8.50 -52.07
CA ARG J 7 -29.32 -8.95 -53.36
C ARG J 7 -27.89 -8.50 -53.58
N LEU J 8 -27.59 -7.23 -53.26
CA LEU J 8 -26.22 -6.74 -53.38
C LEU J 8 -25.27 -7.55 -52.52
N LYS J 9 -25.57 -7.68 -51.23
CA LYS J 9 -24.68 -8.40 -50.34
C LYS J 9 -24.46 -9.84 -50.81
N SER J 10 -25.52 -10.48 -51.30
CA SER J 10 -25.39 -11.82 -51.87
C SER J 10 -24.43 -11.85 -53.05
N ASP J 11 -24.57 -10.88 -53.96
CA ASP J 11 -23.70 -10.85 -55.13
C ASP J 11 -22.25 -10.54 -54.74
N LEU J 12 -22.04 -9.75 -53.69
CA LEU J 12 -20.66 -9.40 -53.32
C LEU J 12 -19.99 -10.50 -52.51
N PHE J 13 -20.74 -11.14 -51.61
CA PHE J 13 -20.17 -11.99 -50.58
C PHE J 13 -20.39 -13.49 -50.80
N ASN J 14 -21.62 -13.91 -51.14
CA ASN J 14 -21.89 -15.34 -51.26
C ASN J 14 -21.41 -15.90 -52.58
N ARG J 15 -21.30 -15.05 -53.58
CA ARG J 15 -21.22 -15.53 -54.93
C ARG J 15 -19.86 -15.25 -55.55
N SER J 16 -18.91 -14.79 -54.75
CA SER J 16 -17.60 -14.41 -55.23
C SER J 16 -16.53 -15.20 -54.49
N PRO J 17 -15.37 -15.40 -55.11
CA PRO J 17 -14.44 -16.46 -54.66
C PRO J 17 -13.52 -16.09 -53.51
N MET J 18 -13.77 -14.98 -52.80
CA MET J 18 -13.06 -14.56 -51.58
C MET J 18 -11.71 -13.91 -51.85
N TYR J 19 -11.59 -12.64 -51.47
CA TYR J 19 -10.39 -11.86 -51.69
C TYR J 19 -9.20 -12.46 -50.94
N PRO J 20 -8.05 -12.64 -51.60
CA PRO J 20 -6.92 -13.29 -50.94
C PRO J 20 -5.89 -12.32 -50.41
N GLY J 21 -6.25 -11.04 -50.25
CA GLY J 21 -5.33 -10.04 -49.78
C GLY J 21 -4.56 -9.40 -50.92
N PRO J 22 -3.88 -8.29 -50.65
CA PRO J 22 -3.15 -7.60 -51.72
C PRO J 22 -1.94 -8.41 -52.18
N THR J 23 -1.51 -8.14 -53.41
CA THR J 23 -0.27 -8.68 -53.97
C THR J 23 0.53 -7.56 -54.61
N LYS J 24 1.79 -7.88 -54.96
CA LYS J 24 2.69 -6.89 -55.55
C LYS J 24 2.13 -6.34 -56.86
N ASP J 25 1.51 -7.20 -57.67
CA ASP J 25 0.90 -6.78 -58.92
C ASP J 25 -0.51 -6.20 -58.73
N ASP J 26 -1.07 -6.33 -57.53
CA ASP J 26 -2.41 -5.84 -57.22
C ASP J 26 -2.36 -5.07 -55.89
N PRO J 27 -1.56 -3.99 -55.84
CA PRO J 27 -1.25 -3.38 -54.55
C PRO J 27 -2.44 -2.63 -53.98
N LEU J 28 -2.32 -2.27 -52.70
CA LEU J 28 -3.40 -1.64 -51.96
C LEU J 28 -2.83 -0.52 -51.09
N THR J 29 -3.57 0.59 -50.96
CA THR J 29 -3.18 1.67 -50.06
C THR J 29 -4.23 1.83 -48.96
N VAL J 30 -3.76 1.88 -47.71
CA VAL J 30 -4.61 2.05 -46.55
C VAL J 30 -4.34 3.43 -45.96
N THR J 31 -5.39 4.21 -45.75
CA THR J 31 -5.28 5.52 -45.14
C THR J 31 -5.66 5.42 -43.67
N LEU J 32 -4.80 5.92 -42.80
CA LEU J 32 -4.94 5.82 -41.36
C LEU J 32 -5.12 7.19 -40.74
N GLY J 33 -5.94 7.25 -39.70
CA GLY J 33 -6.13 8.45 -38.91
C GLY J 33 -6.53 8.12 -37.48
N PHE J 34 -6.02 8.87 -36.50
CA PHE J 34 -6.33 8.59 -35.11
C PHE J 34 -7.14 9.73 -34.51
N THR J 35 -8.16 9.37 -33.74
CA THR J 35 -8.94 10.30 -32.94
C THR J 35 -8.63 9.94 -31.49
N LEU J 36 -7.75 10.70 -30.87
CA LEU J 36 -7.28 10.39 -29.53
C LEU J 36 -8.34 10.79 -28.51
N GLN J 37 -8.80 9.85 -27.73
CA GLN J 37 -9.91 10.10 -26.82
C GLN J 37 -9.46 10.31 -25.39
N ASP J 38 -8.43 9.59 -24.96
CA ASP J 38 -8.05 9.66 -23.57
C ASP J 38 -6.71 8.97 -23.38
N ILE J 39 -5.85 9.54 -22.54
CA ILE J 39 -4.74 8.81 -21.95
C ILE J 39 -5.27 8.35 -20.61
N VAL J 40 -5.59 7.05 -20.51
CA VAL J 40 -6.34 6.55 -19.38
C VAL J 40 -5.45 6.34 -18.17
N LYS J 41 -4.25 5.78 -18.36
CA LYS J 41 -3.36 5.65 -17.23
C LYS J 41 -1.93 5.43 -17.68
N VAL J 42 -1.02 5.86 -16.82
CA VAL J 42 0.41 5.65 -16.96
C VAL J 42 0.82 4.71 -15.85
N ASP J 43 1.74 3.80 -16.11
CA ASP J 43 2.26 2.91 -15.08
C ASP J 43 3.78 3.05 -15.06
N SER J 44 4.30 3.77 -14.06
CA SER J 44 5.73 4.04 -14.00
C SER J 44 6.53 2.85 -13.49
N SER J 45 5.88 1.90 -12.84
CA SER J 45 6.58 0.71 -12.39
C SER J 45 6.92 -0.25 -13.53
N THR J 46 6.22 -0.16 -14.67
CA THR J 46 6.49 -1.01 -15.82
C THR J 46 6.75 -0.25 -17.09
N ASN J 47 6.52 1.06 -17.12
CA ASN J 47 6.68 1.89 -18.33
C ASN J 47 5.70 1.45 -19.42
N GLU J 48 4.43 1.44 -19.08
CA GLU J 48 3.35 1.21 -20.03
C GLU J 48 2.40 2.39 -19.94
N VAL J 49 1.86 2.82 -21.07
CA VAL J 49 0.78 3.79 -21.07
C VAL J 49 -0.41 3.19 -21.79
N ASP J 50 -1.63 3.53 -21.34
CA ASP J 50 -2.87 3.08 -21.94
C ASP J 50 -3.57 4.24 -22.67
N LEU J 51 -3.88 4.03 -23.94
CA LEU J 51 -4.57 5.00 -24.78
C LEU J 51 -5.92 4.45 -25.21
N VAL J 52 -6.91 5.34 -25.31
CA VAL J 52 -8.18 5.04 -25.96
C VAL J 52 -8.32 5.99 -27.14
N TYR J 53 -8.56 5.41 -28.31
CA TYR J 53 -8.62 6.17 -29.55
C TYR J 53 -9.54 5.43 -30.51
N TYR J 54 -10.00 6.15 -31.53
CA TYR J 54 -10.60 5.56 -32.72
C TYR J 54 -9.55 5.54 -33.81
N GLU J 55 -9.48 4.44 -34.54
CA GLU J 55 -8.52 4.28 -35.65
C GLU J 55 -9.31 4.22 -36.95
N GLN J 56 -9.30 5.31 -37.72
CA GLN J 56 -9.93 5.31 -39.03
C GLN J 56 -9.05 4.58 -40.04
N GLN J 57 -9.64 3.63 -40.76
CA GLN J 57 -8.96 2.92 -41.85
C GLN J 57 -9.82 3.00 -43.10
N ARG J 58 -9.21 3.39 -44.21
CA ARG J 58 -9.92 3.47 -45.48
C ARG J 58 -9.07 2.75 -46.53
N TRP J 59 -9.70 1.89 -47.32
CA TRP J 59 -9.03 1.25 -48.44
C TRP J 59 -10.06 1.01 -49.54
N LYS J 60 -9.58 0.56 -50.70
CA LYS J 60 -10.44 0.44 -51.86
C LYS J 60 -10.15 -0.87 -52.57
N LEU J 61 -11.18 -1.70 -52.74
CA LEU J 61 -11.07 -2.94 -53.48
C LEU J 61 -11.95 -2.87 -54.74
N ASN J 62 -11.39 -3.24 -55.89
CA ASN J 62 -12.19 -3.30 -57.10
C ASN J 62 -13.29 -4.35 -56.99
N SER J 63 -13.06 -5.40 -56.21
CA SER J 63 -14.02 -6.49 -56.07
C SER J 63 -15.26 -6.09 -55.27
N LEU J 64 -15.27 -4.92 -54.62
CA LEU J 64 -16.43 -4.43 -53.89
C LEU J 64 -17.23 -3.38 -54.65
N MET J 65 -16.85 -3.06 -55.88
CA MET J 65 -17.58 -2.10 -56.68
C MET J 65 -18.93 -2.67 -57.16
N TRP J 66 -19.89 -1.78 -57.35
CA TRP J 66 -21.18 -2.13 -57.94
C TRP J 66 -21.78 -0.87 -58.57
N ASP J 67 -22.69 -1.10 -59.48
CA ASP J 67 -23.39 0.01 -60.13
C ASP J 67 -24.71 0.23 -59.42
N PRO J 68 -24.96 1.41 -58.84
CA PRO J 68 -26.18 1.58 -58.04
C PRO J 68 -27.46 1.50 -58.85
N ASN J 69 -27.44 1.79 -60.16
CA ASN J 69 -28.63 1.58 -60.98
C ASN J 69 -29.10 0.13 -60.92
N GLU J 70 -28.18 -0.82 -60.81
CA GLU J 70 -28.55 -2.23 -60.76
C GLU J 70 -29.09 -2.68 -59.40
N TYR J 71 -28.96 -1.85 -58.37
CA TYR J 71 -29.36 -2.25 -57.02
C TYR J 71 -30.17 -1.16 -56.33
N GLY J 72 -31.17 -0.64 -57.05
CA GLY J 72 -32.11 0.29 -56.46
C GLY J 72 -31.48 1.54 -55.88
N ASN J 73 -30.45 2.07 -56.54
CA ASN J 73 -29.78 3.32 -56.20
C ASN J 73 -29.06 3.27 -54.85
N ILE J 74 -28.68 2.08 -54.38
CA ILE J 74 -27.86 1.96 -53.18
C ILE J 74 -26.45 2.45 -53.47
N THR J 75 -25.95 3.36 -52.64
CA THR J 75 -24.60 3.91 -52.80
C THR J 75 -23.61 3.40 -51.77
N ASP J 76 -24.10 2.94 -50.63
CA ASP J 76 -23.26 2.44 -49.55
C ASP J 76 -24.10 1.52 -48.68
N PHE J 77 -23.43 0.74 -47.83
CA PHE J 77 -24.15 -0.11 -46.89
C PHE J 77 -23.18 -0.48 -45.78
N ARG J 78 -23.75 -0.87 -44.65
CA ARG J 78 -22.97 -1.29 -43.49
C ARG J 78 -22.95 -2.81 -43.48
N THR J 79 -21.82 -3.37 -43.09
CA THR J 79 -21.71 -4.82 -43.02
C THR J 79 -20.69 -5.19 -41.96
N SER J 80 -20.91 -6.35 -41.37
CA SER J 80 -19.98 -6.91 -40.42
C SER J 80 -18.58 -6.95 -41.01
N ALA J 81 -17.61 -6.45 -40.26
CA ALA J 81 -16.22 -6.56 -40.69
C ALA J 81 -15.77 -8.00 -40.87
N ALA J 82 -16.58 -8.99 -40.47
CA ALA J 82 -16.24 -10.39 -40.72
C ALA J 82 -16.47 -10.79 -42.17
N ASP J 83 -17.40 -10.14 -42.87
CA ASP J 83 -17.72 -10.49 -44.25
C ASP J 83 -16.70 -9.98 -45.25
N ILE J 84 -15.70 -9.21 -44.83
CA ILE J 84 -14.79 -8.59 -45.77
C ILE J 84 -13.37 -8.77 -45.27
N TRP J 85 -12.43 -8.62 -46.20
CA TRP J 85 -11.02 -8.53 -45.87
C TRP J 85 -10.76 -7.22 -45.14
N THR J 86 -9.96 -7.28 -44.08
CA THR J 86 -9.49 -6.09 -43.38
C THR J 86 -7.98 -6.15 -43.26
N PRO J 87 -7.31 -4.99 -43.28
CA PRO J 87 -5.84 -5.00 -43.19
C PRO J 87 -5.38 -5.31 -41.78
N ASP J 88 -4.18 -5.85 -41.68
CA ASP J 88 -3.61 -6.28 -40.40
C ASP J 88 -2.77 -5.18 -39.75
N ILE J 89 -3.32 -3.96 -39.67
CA ILE J 89 -2.63 -2.86 -39.02
C ILE J 89 -2.41 -3.19 -37.55
N THR J 90 -1.15 -3.22 -37.13
CA THR J 90 -0.77 -3.57 -35.77
C THR J 90 0.03 -2.45 -35.14
N ALA J 91 -0.07 -2.33 -33.82
CA ALA J 91 0.86 -1.52 -33.06
C ALA J 91 2.12 -2.33 -32.83
N TYR J 92 3.27 -1.75 -33.20
CA TYR J 92 4.52 -2.51 -33.13
C TYR J 92 5.09 -2.60 -31.72
N SER J 93 4.53 -1.90 -30.73
CA SER J 93 5.15 -1.94 -29.41
C SER J 93 4.12 -2.08 -28.31
N SER J 94 3.04 -2.82 -28.57
CA SER J 94 2.05 -3.09 -27.55
C SER J 94 2.60 -4.07 -26.52
N THR J 95 1.98 -4.05 -25.33
CA THR J 95 2.38 -4.94 -24.25
C THR J 95 1.21 -5.78 -23.75
N ARG J 96 0.03 -5.60 -24.33
CA ARG J 96 -1.18 -6.36 -24.03
C ARG J 96 -1.98 -6.45 -25.32
N PRO J 97 -2.76 -7.51 -25.52
CA PRO J 97 -3.65 -7.54 -26.69
C PRO J 97 -4.58 -6.34 -26.62
N VAL J 98 -4.77 -5.70 -27.77
CA VAL J 98 -5.63 -4.52 -27.84
C VAL J 98 -7.07 -4.91 -27.46
N GLN J 99 -7.75 -4.03 -26.73
CA GLN J 99 -9.16 -4.24 -26.38
C GLN J 99 -10.03 -3.44 -27.34
N VAL J 100 -11.01 -4.11 -27.96
CA VAL J 100 -11.88 -3.46 -28.91
C VAL J 100 -13.09 -2.92 -28.17
N LEU J 101 -13.40 -1.64 -28.39
CA LEU J 101 -14.48 -0.98 -27.66
C LEU J 101 -15.73 -0.72 -28.50
N SER J 102 -15.69 -1.02 -29.79
CA SER J 102 -16.76 -0.66 -30.72
C SER J 102 -17.18 -1.88 -31.52
N PRO J 103 -18.38 -1.87 -32.09
CA PRO J 103 -18.79 -3.00 -32.94
C PRO J 103 -17.92 -3.10 -34.19
N GLN J 104 -17.64 -4.33 -34.59
CA GLN J 104 -16.78 -4.59 -35.74
C GLN J 104 -17.67 -4.56 -36.99
N ILE J 105 -17.99 -3.33 -37.40
CA ILE J 105 -18.86 -3.09 -38.55
C ILE J 105 -18.20 -2.04 -39.44
N ALA J 106 -18.23 -2.27 -40.75
CA ALA J 106 -17.60 -1.40 -41.72
C ALA J 106 -18.66 -0.72 -42.60
N VAL J 107 -18.23 0.29 -43.35
CA VAL J 107 -19.08 0.93 -44.32
C VAL J 107 -18.42 0.76 -45.67
N VAL J 108 -19.17 0.22 -46.64
CA VAL J 108 -18.69 -0.05 -47.99
C VAL J 108 -19.41 0.87 -48.95
N THR J 109 -18.68 1.45 -49.90
CA THR J 109 -19.24 2.39 -50.86
C THR J 109 -19.09 1.83 -52.27
N HIS J 110 -19.99 2.25 -53.17
CA HIS J 110 -20.15 1.59 -54.47
C HIS J 110 -18.89 1.66 -55.34
N ASP J 111 -18.00 2.63 -55.11
CA ASP J 111 -16.73 2.63 -55.83
C ASP J 111 -15.75 1.60 -55.29
N GLY J 112 -16.11 0.86 -54.24
CA GLY J 112 -15.24 -0.14 -53.65
C GLY J 112 -14.48 0.31 -52.43
N SER J 113 -14.74 1.51 -51.91
CA SER J 113 -14.01 2.00 -50.76
C SER J 113 -14.68 1.51 -49.48
N VAL J 114 -13.85 1.12 -48.52
CA VAL J 114 -14.28 0.62 -47.23
C VAL J 114 -13.81 1.59 -46.16
N MET J 115 -14.71 1.97 -45.26
CA MET J 115 -14.39 2.78 -44.09
C MET J 115 -14.61 1.92 -42.85
N PHE J 116 -13.58 1.82 -42.01
CA PHE J 116 -13.62 0.94 -40.85
C PHE J 116 -12.95 1.65 -39.68
N ILE J 117 -13.66 1.85 -38.59
CA ILE J 117 -13.17 2.69 -37.52
C ILE J 117 -13.25 1.99 -36.18
N PRO J 118 -12.32 1.08 -35.83
CA PRO J 118 -12.38 0.43 -34.51
C PRO J 118 -11.94 1.38 -33.40
N ALA J 119 -12.73 1.45 -32.34
CA ALA J 119 -12.33 2.10 -31.10
C ALA J 119 -11.56 1.09 -30.26
N GLN J 120 -10.36 1.46 -29.83
CA GLN J 120 -9.47 0.53 -29.15
C GLN J 120 -8.89 1.15 -27.89
N ARG J 121 -8.54 0.29 -26.94
CA ARG J 121 -7.69 0.65 -25.82
C ARG J 121 -6.38 -0.10 -25.96
N LEU J 122 -5.27 0.64 -25.98
CA LEU J 122 -3.95 0.11 -26.25
C LEU J 122 -3.00 0.35 -25.08
N SER J 123 -2.33 -0.71 -24.63
CA SER J 123 -1.19 -0.65 -23.73
C SER J 123 0.10 -0.71 -24.54
N PHE J 124 0.93 0.32 -24.45
CA PHE J 124 2.15 0.30 -25.23
C PHE J 124 3.32 0.84 -24.42
N MET J 125 4.52 0.57 -24.93
CA MET J 125 5.77 0.84 -24.22
C MET J 125 6.02 2.34 -24.17
N CYS J 126 6.12 2.88 -22.96
CA CYS J 126 6.28 4.31 -22.81
C CYS J 126 6.83 4.58 -21.42
N ASP J 127 7.84 5.43 -21.34
CA ASP J 127 8.37 5.82 -20.04
C ASP J 127 7.69 7.10 -19.60
N PRO J 128 6.84 7.07 -18.59
CA PRO J 128 6.09 8.26 -18.17
C PRO J 128 6.83 9.17 -17.18
N THR J 129 8.06 8.82 -16.80
CA THR J 129 8.87 9.65 -15.92
C THR J 129 8.93 11.08 -16.44
N GLY J 130 8.49 12.03 -15.59
CA GLY J 130 8.45 13.44 -15.94
C GLY J 130 7.10 13.95 -16.39
N VAL J 131 6.07 13.10 -16.44
CA VAL J 131 4.75 13.56 -16.89
C VAL J 131 4.21 14.65 -15.97
N ASP J 132 4.60 14.64 -14.69
CA ASP J 132 4.14 15.62 -13.71
C ASP J 132 4.93 16.93 -13.75
N SER J 133 5.54 17.27 -14.87
CA SER J 133 6.35 18.46 -15.02
C SER J 133 5.73 19.37 -16.07
N GLU J 134 6.25 20.58 -16.16
CA GLU J 134 5.71 21.51 -17.15
C GLU J 134 6.00 21.06 -18.57
N GLU J 135 7.16 20.44 -18.80
CA GLU J 135 7.49 20.07 -20.17
C GLU J 135 6.89 18.73 -20.59
N GLY J 136 6.51 17.88 -19.65
CA GLY J 136 5.82 16.65 -19.98
C GLY J 136 6.71 15.54 -20.50
N VAL J 137 6.04 14.55 -21.07
CA VAL J 137 6.69 13.36 -21.61
C VAL J 137 6.25 13.20 -23.06
N THR J 138 7.12 12.59 -23.86
CA THR J 138 6.77 12.23 -25.22
C THR J 138 6.75 10.72 -25.37
N CYS J 139 5.73 10.21 -26.06
CA CYS J 139 5.75 8.80 -26.36
C CYS J 139 5.35 8.57 -27.80
N ALA J 140 5.78 7.43 -28.33
CA ALA J 140 5.54 7.14 -29.72
C ALA J 140 5.25 5.65 -29.85
N VAL J 141 4.30 5.33 -30.73
CA VAL J 141 4.02 3.95 -31.06
C VAL J 141 3.81 3.90 -32.56
N LYS J 142 4.39 2.89 -33.21
CA LYS J 142 4.32 2.73 -34.65
C LYS J 142 3.21 1.75 -35.03
N PHE J 143 2.44 2.11 -36.05
CA PHE J 143 1.39 1.26 -36.58
C PHE J 143 1.72 0.87 -38.01
N GLY J 144 1.53 -0.42 -38.32
CA GLY J 144 1.68 -0.85 -39.70
C GLY J 144 1.25 -2.28 -39.88
N SER J 145 1.40 -2.74 -41.12
CA SER J 145 1.11 -4.13 -41.44
C SER J 145 2.08 -5.05 -40.72
N TRP J 146 1.59 -6.20 -40.29
CA TRP J 146 2.47 -7.17 -39.67
C TRP J 146 3.19 -8.05 -40.68
N VAL J 147 2.68 -8.22 -41.90
CA VAL J 147 3.25 -9.19 -42.82
C VAL J 147 3.47 -8.63 -44.22
N TYR J 148 2.90 -7.47 -44.52
CA TYR J 148 2.95 -6.91 -45.86
C TYR J 148 4.00 -5.81 -45.93
N SER J 149 4.83 -5.86 -46.97
CA SER J 149 5.74 -4.77 -47.28
C SER J 149 4.96 -3.62 -47.92
N GLY J 150 5.68 -2.58 -48.31
CA GLY J 150 5.08 -1.43 -48.95
C GLY J 150 4.81 -1.61 -50.41
N PHE J 151 5.15 -2.77 -50.97
CA PHE J 151 4.81 -3.15 -52.34
C PHE J 151 3.45 -3.83 -52.43
N GLU J 152 2.87 -4.24 -51.30
CA GLU J 152 1.54 -4.83 -51.26
C GLU J 152 0.54 -3.97 -50.49
N ILE J 153 0.95 -3.37 -49.37
CA ILE J 153 0.11 -2.48 -48.59
C ILE J 153 0.87 -1.18 -48.39
N ASP J 154 0.37 -0.10 -48.98
CA ASP J 154 0.89 1.22 -48.74
C ASP J 154 0.09 1.88 -47.62
N LEU J 155 0.79 2.61 -46.76
CA LEU J 155 0.16 3.37 -45.70
C LEU J 155 0.25 4.84 -46.05
N LYS J 156 -0.72 5.60 -45.58
CA LYS J 156 -0.85 7.01 -45.90
C LYS J 156 -1.76 7.64 -44.84
N THR J 157 -1.59 8.93 -44.59
CA THR J 157 -2.51 9.66 -43.73
C THR J 157 -3.02 10.87 -44.48
N ASP J 158 -4.17 11.38 -44.06
CA ASP J 158 -4.75 12.57 -44.67
C ASP J 158 -4.24 13.86 -44.05
N THR J 159 -3.44 13.76 -43.00
CA THR J 159 -2.99 14.90 -42.22
C THR J 159 -2.02 14.35 -41.20
N ASP J 160 -1.09 15.20 -40.76
CA ASP J 160 -0.16 14.82 -39.72
C ASP J 160 -0.69 15.15 -38.33
N GLN J 161 -1.85 15.79 -38.24
CA GLN J 161 -2.45 16.19 -36.97
C GLN J 161 -3.42 15.12 -36.49
N VAL J 162 -3.06 14.45 -35.40
CA VAL J 162 -4.02 13.61 -34.70
C VAL J 162 -5.25 14.44 -34.35
N ASP J 163 -6.42 13.87 -34.55
CA ASP J 163 -7.67 14.55 -34.24
C ASP J 163 -7.86 14.57 -32.72
N LEU J 164 -7.99 15.77 -32.16
CA LEU J 164 -8.03 15.98 -30.72
C LEU J 164 -9.36 16.59 -30.26
N SER J 165 -10.34 16.70 -31.15
CA SER J 165 -11.62 17.35 -30.84
C SER J 165 -12.54 16.50 -29.97
N SER J 166 -12.25 15.22 -29.79
CA SER J 166 -12.99 14.36 -28.89
C SER J 166 -12.22 14.06 -27.61
N TYR J 167 -11.09 14.73 -27.40
CA TYR J 167 -10.28 14.40 -26.25
C TYR J 167 -11.05 14.70 -24.96
N TYR J 168 -11.08 13.73 -24.04
CA TYR J 168 -11.80 13.87 -22.78
C TYR J 168 -11.28 15.06 -21.98
N ALA J 169 -12.14 16.04 -21.76
CA ALA J 169 -11.72 17.31 -21.16
C ALA J 169 -11.28 17.18 -19.71
N SER J 170 -11.72 16.15 -18.99
CA SER J 170 -11.25 15.96 -17.62
C SER J 170 -10.35 14.74 -17.47
N SER J 171 -9.60 14.40 -18.51
CA SER J 171 -8.57 13.40 -18.36
C SER J 171 -7.56 13.87 -17.31
N LYS J 172 -6.87 12.92 -16.69
CA LYS J 172 -5.76 13.28 -15.83
C LYS J 172 -4.61 13.89 -16.62
N TYR J 173 -4.57 13.64 -17.93
CA TYR J 173 -3.46 14.09 -18.76
C TYR J 173 -3.97 15.07 -19.79
N GLU J 174 -3.14 16.08 -20.09
CA GLU J 174 -3.42 17.05 -21.13
C GLU J 174 -2.45 16.82 -22.27
N ILE J 175 -2.93 16.94 -23.50
CA ILE J 175 -2.12 16.71 -24.68
C ILE J 175 -1.47 18.03 -25.09
N LEU J 176 -0.15 18.01 -25.27
CA LEU J 176 0.59 19.17 -25.77
C LEU J 176 0.85 19.13 -27.26
N SER J 177 0.92 17.94 -27.85
CA SER J 177 0.92 17.78 -29.29
C SER J 177 0.71 16.30 -29.62
N ALA J 178 0.05 16.03 -30.75
CA ALA J 178 -0.26 14.67 -31.15
C ALA J 178 -0.17 14.63 -32.66
N THR J 179 0.84 13.92 -33.15
CA THR J 179 1.06 13.80 -34.59
C THR J 179 0.99 12.36 -35.02
N GLN J 180 0.72 12.18 -36.30
CA GLN J 180 0.70 10.88 -36.96
C GLN J 180 1.44 11.05 -38.27
N THR J 181 2.61 10.43 -38.40
CA THR J 181 3.45 10.68 -39.56
C THR J 181 3.74 9.38 -40.30
N ARG J 182 3.45 9.39 -41.59
CA ARG J 182 3.90 8.31 -42.46
C ARG J 182 5.42 8.26 -42.48
N GLN J 183 5.97 7.07 -42.22
CA GLN J 183 7.41 6.85 -42.21
C GLN J 183 7.76 5.75 -43.20
N VAL J 184 8.70 6.04 -44.10
CA VAL J 184 9.21 5.05 -45.04
C VAL J 184 10.57 4.59 -44.58
N GLN J 185 10.75 3.29 -44.48
CA GLN J 185 12.05 2.71 -44.19
C GLN J 185 12.54 1.94 -45.41
N HIS J 186 13.85 1.99 -45.64
CA HIS J 186 14.47 1.25 -46.72
C HIS J 186 15.63 0.44 -46.18
N TYR J 187 15.85 -0.71 -46.81
CA TYR J 187 16.93 -1.61 -46.44
C TYR J 187 17.79 -1.87 -47.66
N SER J 188 19.11 -1.82 -47.48
CA SER J 188 20.01 -1.95 -48.63
C SER J 188 19.92 -3.32 -49.30
N CYS J 189 19.23 -4.28 -48.68
CA CYS J 189 18.98 -5.59 -49.28
C CYS J 189 17.90 -5.56 -50.34
N CYS J 190 16.98 -4.59 -50.24
CA CYS J 190 15.64 -4.77 -50.73
C CYS J 190 15.08 -3.51 -51.39
N PRO J 191 14.46 -3.64 -52.57
CA PRO J 191 13.81 -2.47 -53.19
C PRO J 191 12.45 -2.13 -52.58
N GLU J 192 11.88 -3.04 -51.79
CA GLU J 192 10.60 -2.82 -51.09
C GLU J 192 10.73 -1.71 -50.04
N PRO J 193 9.93 -0.65 -50.10
CA PRO J 193 9.83 0.25 -48.95
C PRO J 193 8.93 -0.35 -47.89
N TYR J 194 9.24 -0.08 -46.63
CA TYR J 194 8.44 -0.57 -45.51
C TYR J 194 7.85 0.64 -44.82
N ILE J 195 6.52 0.64 -44.69
CA ILE J 195 5.79 1.84 -44.29
C ILE J 195 5.10 1.58 -42.95
N ASP J 196 5.19 2.58 -42.09
CA ASP J 196 4.46 2.59 -40.84
C ASP J 196 3.97 4.01 -40.61
N VAL J 197 3.01 4.15 -39.70
CA VAL J 197 2.55 5.46 -39.26
C VAL J 197 2.96 5.61 -37.81
N ASN J 198 3.57 6.76 -37.49
CA ASN J 198 4.19 6.99 -36.19
C ASN J 198 3.31 7.95 -35.41
N LEU J 199 2.66 7.44 -34.37
CA LEU J 199 1.82 8.23 -33.48
C LEU J 199 2.71 8.74 -32.35
N VAL J 200 2.91 10.05 -32.30
CA VAL J 200 3.76 10.70 -31.31
C VAL J 200 2.86 11.61 -30.48
N VAL J 201 2.81 11.36 -29.17
CA VAL J 201 1.97 12.11 -28.26
C VAL J 201 2.87 12.72 -27.18
N LYS J 202 2.87 14.04 -27.08
CA LYS J 202 3.51 14.75 -25.98
C LYS J 202 2.41 15.19 -25.03
N PHE J 203 2.55 14.86 -23.74
CA PHE J 203 1.48 15.07 -22.78
C PHE J 203 2.06 15.28 -21.38
N ARG J 204 1.19 15.72 -20.46
CA ARG J 204 1.57 16.01 -19.08
C ARG J 204 0.31 16.01 -18.21
N GLU J 205 0.51 15.83 -16.90
CA GLU J 205 -0.62 15.93 -15.98
C GLU J 205 -1.24 17.33 -16.03
N ARG J 206 -2.54 17.40 -15.79
CA ARG J 206 -3.24 18.68 -15.90
C ARG J 206 -2.74 19.70 -14.87
N GLY K 1 -21.50 22.39 30.17
CA GLY K 1 -21.84 23.18 31.36
C GLY K 1 -20.60 23.80 32.01
N CYS K 2 -20.72 24.20 33.28
CA CYS K 2 -19.59 24.84 33.95
C CYS K 2 -18.58 23.80 34.43
N CYS K 3 -19.05 22.60 34.76
CA CYS K 3 -18.20 21.48 35.10
C CYS K 3 -17.58 20.77 33.88
N SER K 4 -17.92 21.16 32.64
CA SER K 4 -17.16 20.75 31.46
C SER K 4 -15.96 21.65 31.15
N ASP K 5 -15.89 22.83 31.79
CA ASP K 5 -14.93 23.89 31.48
C ASP K 5 -13.77 23.88 32.46
N PRO K 6 -12.53 23.69 32.00
CA PRO K 6 -11.37 23.76 32.92
C PRO K 6 -11.17 25.13 33.59
N ARG K 7 -11.82 26.19 33.12
CA ARG K 7 -11.72 27.51 33.75
C ARG K 7 -12.74 27.73 34.85
N CYS K 8 -13.90 27.06 34.76
CA CYS K 8 -15.01 27.20 35.71
C CYS K 8 -15.05 26.09 36.77
N ARG K 9 -14.36 24.97 36.52
CA ARG K 9 -14.64 23.73 37.23
C ARG K 9 -14.30 23.80 38.72
N TYR K 10 -13.30 24.61 39.10
CA TYR K 10 -12.96 24.76 40.52
C TYR K 10 -14.19 25.12 41.36
N ARG K 11 -15.19 25.78 40.75
CA ARG K 11 -16.39 26.19 41.49
C ARG K 11 -17.38 25.06 41.67
N CYS K 12 -17.56 24.18 40.67
CA CYS K 12 -18.60 23.15 40.85
C CYS K 12 -18.51 22.42 42.21
N ARG K 13 -17.29 22.18 42.70
CA ARG K 13 -17.13 21.66 44.09
C ARG K 13 -16.42 22.67 45.02
N GLY L 1 35.59 -13.13 25.41
CA GLY L 1 35.15 -11.85 24.90
C GLY L 1 35.03 -10.73 25.93
N CYS L 2 35.98 -10.67 26.87
CA CYS L 2 35.97 -9.58 27.84
C CYS L 2 36.13 -8.22 27.17
N CYS L 3 36.79 -8.16 26.02
CA CYS L 3 36.98 -6.83 25.48
C CYS L 3 35.75 -6.35 24.71
N SER L 4 34.74 -7.22 24.52
CA SER L 4 33.44 -6.85 23.97
C SER L 4 32.50 -6.29 25.03
N ASP L 5 32.67 -6.75 26.28
CA ASP L 5 31.75 -6.46 27.38
C ASP L 5 31.88 -5.02 27.86
N PRO L 6 30.82 -4.22 27.81
CA PRO L 6 30.91 -2.83 28.30
C PRO L 6 31.20 -2.68 29.80
N ARG L 7 31.20 -3.77 30.58
CA ARG L 7 31.57 -3.75 31.99
C ARG L 7 33.00 -4.20 32.25
N CYS L 8 33.66 -4.83 31.26
CA CYS L 8 35.02 -5.36 31.34
C CYS L 8 36.06 -4.47 30.71
N ARG L 9 35.68 -3.71 29.67
CA ARG L 9 36.66 -3.18 28.71
C ARG L 9 37.64 -2.18 29.34
N TYR L 10 37.26 -1.50 30.44
CA TYR L 10 38.20 -0.57 31.09
C TYR L 10 39.51 -1.26 31.46
N ARG L 11 39.51 -2.61 31.56
CA ARG L 11 40.70 -3.37 31.93
C ARG L 11 41.52 -3.84 30.72
N CYS L 12 40.94 -3.86 29.51
CA CYS L 12 41.80 -4.11 28.36
C CYS L 12 42.82 -2.99 28.13
N ARG L 13 42.93 -2.59 26.86
CA ARG L 13 43.86 -1.54 26.42
C ARG L 13 43.47 -0.18 27.01
N GLY M 1 37.15 21.90 1.04
CA GLY M 1 38.43 22.32 1.58
C GLY M 1 38.36 22.83 3.03
N CYS M 2 39.22 23.81 3.37
CA CYS M 2 39.17 24.40 4.71
C CYS M 2 37.77 24.76 5.16
N CYS M 3 37.11 25.68 4.47
CA CYS M 3 36.01 26.38 5.09
C CYS M 3 34.71 25.61 5.02
N SER M 4 34.80 24.36 4.61
CA SER M 4 33.72 23.39 4.74
C SER M 4 33.86 22.56 6.00
N ASP M 5 35.06 22.50 6.59
CA ASP M 5 35.34 21.66 7.75
C ASP M 5 34.96 22.39 9.03
N PRO M 6 34.05 21.83 9.84
CA PRO M 6 33.66 22.51 11.10
C PRO M 6 34.83 22.80 12.04
N ARG M 7 36.07 22.40 11.70
CA ARG M 7 37.24 22.64 12.55
C ARG M 7 38.33 23.51 11.92
N CYS M 8 38.39 23.61 10.57
CA CYS M 8 39.23 24.68 9.99
C CYS M 8 38.54 26.04 10.07
N ARG M 9 37.21 26.05 10.15
CA ARG M 9 36.38 27.21 9.81
C ARG M 9 36.67 28.45 10.68
N TYR M 10 37.06 28.28 11.96
CA TYR M 10 37.38 29.48 12.75
C TYR M 10 38.57 30.25 12.19
N ARG M 11 39.39 29.62 11.34
CA ARG M 11 40.55 30.25 10.72
C ARG M 11 40.25 30.91 9.38
N CYS M 12 39.02 30.78 8.87
CA CYS M 12 38.72 31.23 7.51
C CYS M 12 38.34 32.70 7.45
N ARG M 13 37.22 33.07 8.08
CA ARG M 13 36.78 34.46 8.11
C ARG M 13 37.40 35.23 9.28
N GLY N 1 -15.37 17.27 -35.79
CA GLY N 1 -16.49 17.57 -36.67
C GLY N 1 -17.08 16.38 -37.40
N CYS N 2 -17.26 16.38 -38.73
CA CYS N 2 -17.90 15.13 -39.14
C CYS N 2 -16.83 14.08 -39.43
N CYS N 3 -15.57 14.49 -39.48
CA CYS N 3 -14.45 13.62 -39.74
C CYS N 3 -13.98 12.94 -38.47
N SER N 4 -14.62 13.22 -37.32
CA SER N 4 -14.33 12.49 -36.08
C SER N 4 -15.53 11.67 -35.60
N ASP N 5 -16.68 11.83 -36.26
CA ASP N 5 -17.85 10.99 -35.98
C ASP N 5 -17.73 9.66 -36.70
N PRO N 6 -17.79 8.53 -35.99
CA PRO N 6 -17.70 7.23 -36.68
C PRO N 6 -18.85 6.97 -37.67
N ARG N 7 -19.88 7.85 -37.73
CA ARG N 7 -21.06 7.66 -38.59
C ARG N 7 -21.06 8.59 -39.83
N CYS N 8 -20.43 9.79 -39.73
CA CYS N 8 -20.27 10.64 -40.90
C CYS N 8 -19.17 10.19 -41.85
N ARG N 9 -18.14 9.53 -41.34
CA ARG N 9 -16.88 9.46 -42.03
C ARG N 9 -16.95 8.74 -43.38
N TYR N 10 -18.04 8.04 -43.69
CA TYR N 10 -18.24 7.50 -45.03
C TYR N 10 -18.53 8.62 -46.02
N ARG N 11 -18.19 9.88 -45.65
CA ARG N 11 -18.35 11.07 -46.47
C ARG N 11 -17.10 11.93 -46.54
N CYS N 12 -16.34 12.07 -45.44
CA CYS N 12 -14.97 12.59 -45.55
C CYS N 12 -14.12 11.86 -46.57
N ARG N 13 -13.82 12.51 -47.69
CA ARG N 13 -12.83 11.98 -48.63
C ARG N 13 -13.16 10.55 -49.05
N GLY O 1 -44.00 0.32 -12.97
CA GLY O 1 -44.12 -0.82 -12.07
C GLY O 1 -43.79 -2.10 -12.79
N CYS O 2 -44.62 -2.49 -13.77
CA CYS O 2 -44.20 -3.50 -14.75
C CYS O 2 -42.81 -3.27 -15.27
N CYS O 3 -42.54 -2.08 -15.78
CA CYS O 3 -41.50 -1.92 -16.79
C CYS O 3 -40.13 -1.76 -16.17
N SER O 4 -39.96 -2.27 -14.95
CA SER O 4 -38.69 -2.42 -14.27
C SER O 4 -38.08 -3.81 -14.43
N ASP O 5 -38.89 -4.79 -14.84
CA ASP O 5 -38.56 -6.21 -14.76
C ASP O 5 -38.24 -6.73 -16.15
N PRO O 6 -37.05 -7.30 -16.39
CA PRO O 6 -36.73 -7.81 -17.73
C PRO O 6 -37.76 -8.77 -18.30
N ARG O 7 -38.75 -9.23 -17.50
CA ARG O 7 -39.74 -10.23 -17.96
C ARG O 7 -41.15 -9.66 -18.17
N CYS O 8 -41.52 -8.58 -17.48
CA CYS O 8 -42.75 -7.91 -17.93
C CYS O 8 -42.51 -7.02 -19.16
N ARG O 9 -41.45 -6.21 -19.09
CA ARG O 9 -41.21 -5.01 -19.91
C ARG O 9 -41.70 -5.09 -21.36
N TYR O 10 -41.63 -6.28 -21.99
CA TYR O 10 -42.18 -6.41 -23.35
C TYR O 10 -43.69 -6.20 -23.41
N ARG O 11 -44.39 -6.36 -22.28
CA ARG O 11 -45.85 -6.15 -22.26
C ARG O 11 -46.23 -4.69 -22.12
N CYS O 12 -45.29 -3.81 -21.75
CA CYS O 12 -45.56 -2.39 -21.59
C CYS O 12 -45.64 -1.66 -22.92
N ARG O 13 -44.93 -2.15 -23.94
CA ARG O 13 -44.82 -1.52 -25.26
C ARG O 13 -44.51 -0.02 -25.14
N GLY P 1 -23.69 -35.49 1.53
CA GLY P 1 -24.29 -36.78 1.19
C GLY P 1 -24.36 -37.04 -0.30
N CYS P 2 -25.30 -37.91 -0.70
CA CYS P 2 -25.51 -38.13 -2.12
C CYS P 2 -26.05 -36.89 -2.82
N CYS P 3 -26.96 -36.14 -2.16
CA CYS P 3 -27.60 -34.99 -2.80
C CYS P 3 -26.73 -33.72 -2.79
N SER P 4 -25.42 -33.79 -2.53
CA SER P 4 -24.56 -32.66 -2.87
C SER P 4 -23.32 -33.08 -3.66
N ASP P 5 -23.19 -34.36 -3.97
CA ASP P 5 -22.18 -34.81 -4.91
C ASP P 5 -22.65 -34.51 -6.33
N PRO P 6 -21.95 -33.66 -7.09
CA PRO P 6 -22.36 -33.40 -8.48
C PRO P 6 -22.51 -34.65 -9.34
N ARG P 7 -22.12 -35.84 -8.85
CA ARG P 7 -22.23 -37.08 -9.60
C ARG P 7 -23.42 -37.95 -9.20
N CYS P 8 -23.87 -37.87 -7.94
CA CYS P 8 -24.93 -38.74 -7.41
C CYS P 8 -26.33 -38.14 -7.53
N ARG P 9 -26.45 -36.82 -7.66
CA ARG P 9 -27.74 -36.17 -7.49
C ARG P 9 -28.78 -36.54 -8.55
N TYR P 10 -28.37 -37.15 -9.68
CA TYR P 10 -29.31 -37.61 -10.71
C TYR P 10 -30.15 -38.79 -10.21
N ARG P 11 -29.96 -39.12 -8.94
CA ARG P 11 -30.74 -40.16 -8.29
C ARG P 11 -31.62 -39.62 -7.19
N CYS P 12 -31.50 -38.36 -6.82
CA CYS P 12 -32.27 -37.84 -5.70
C CYS P 12 -33.35 -36.91 -6.27
N ARG P 13 -34.29 -37.63 -6.91
CA ARG P 13 -35.40 -37.17 -7.74
C ARG P 13 -35.44 -35.67 -7.99
N GLY Q 1 12.91 -37.26 -15.21
CA GLY Q 1 13.33 -38.35 -16.09
C GLY Q 1 12.46 -38.52 -17.30
N CYS Q 2 12.19 -39.77 -17.71
CA CYS Q 2 11.39 -39.97 -18.91
C CYS Q 2 9.91 -39.69 -18.67
N CYS Q 3 9.33 -40.22 -17.60
CA CYS Q 3 7.91 -39.96 -17.35
C CYS Q 3 7.67 -38.79 -16.40
N SER Q 4 8.51 -37.75 -16.48
CA SER Q 4 8.13 -36.38 -16.18
C SER Q 4 7.97 -35.54 -17.44
N ASP Q 5 8.41 -36.07 -18.58
CA ASP Q 5 8.48 -35.36 -19.84
C ASP Q 5 7.19 -35.53 -20.63
N PRO Q 6 6.47 -34.44 -20.96
CA PRO Q 6 5.21 -34.57 -21.72
C PRO Q 6 5.36 -35.17 -23.12
N ARG Q 7 6.58 -35.42 -23.60
CA ARG Q 7 6.78 -36.08 -24.89
C ARG Q 7 7.27 -37.52 -24.79
N CYS Q 8 7.89 -37.89 -23.66
CA CYS Q 8 8.34 -39.27 -23.45
C CYS Q 8 7.24 -40.19 -22.94
N ARG Q 9 6.15 -39.64 -22.41
CA ARG Q 9 5.24 -40.43 -21.59
C ARG Q 9 4.24 -41.24 -22.40
N TYR Q 10 4.34 -41.36 -23.71
CA TYR Q 10 3.58 -42.46 -24.31
C TYR Q 10 4.27 -43.80 -24.07
N ARG Q 11 5.50 -43.79 -23.59
CA ARG Q 11 6.30 -45.00 -23.35
C ARG Q 11 6.08 -45.59 -21.96
N CYS Q 12 6.04 -44.74 -20.93
CA CYS Q 12 5.78 -45.24 -19.58
C CYS Q 12 4.35 -45.74 -19.45
N ARG Q 13 4.18 -46.79 -18.65
CA ARG Q 13 2.90 -47.21 -18.09
C ARG Q 13 1.91 -47.73 -19.14
N GLY R 1 17.43 -4.08 -38.90
CA GLY R 1 17.63 -4.54 -40.26
C GLY R 1 16.44 -5.28 -40.87
N CYS R 2 16.63 -5.82 -42.07
CA CYS R 2 15.54 -6.57 -42.70
C CYS R 2 15.20 -7.81 -41.89
N CYS R 3 16.20 -8.44 -41.28
CA CYS R 3 15.96 -9.69 -40.57
C CYS R 3 15.35 -9.48 -39.18
N SER R 4 15.13 -8.24 -38.77
CA SER R 4 14.40 -7.99 -37.52
C SER R 4 12.95 -7.56 -37.74
N ASP R 5 12.61 -7.08 -38.94
CA ASP R 5 11.25 -6.64 -39.25
C ASP R 5 10.37 -7.84 -39.59
N PRO R 6 9.19 -7.97 -38.97
CA PRO R 6 8.29 -9.07 -39.35
C PRO R 6 7.78 -8.98 -40.77
N ARG R 7 7.93 -7.81 -41.43
CA ARG R 7 7.49 -7.62 -42.81
C ARG R 7 8.51 -8.14 -43.81
N CYS R 8 9.81 -7.98 -43.52
CA CYS R 8 10.89 -8.34 -44.42
C CYS R 8 11.51 -9.71 -44.15
N ARG R 9 11.35 -10.24 -42.94
CA ARG R 9 12.18 -11.36 -42.48
C ARG R 9 12.00 -12.61 -43.37
N TYR R 10 10.84 -12.80 -44.00
CA TYR R 10 10.67 -14.00 -44.83
C TYR R 10 11.74 -14.09 -45.91
N ARG R 11 12.43 -12.98 -46.21
CA ARG R 11 13.54 -12.95 -47.15
C ARG R 11 14.83 -13.52 -46.57
N CYS R 12 14.89 -13.68 -45.24
CA CYS R 12 16.16 -13.89 -44.56
C CYS R 12 16.57 -15.37 -44.46
N ARG R 13 17.18 -15.83 -43.34
CA ARG R 13 17.69 -17.23 -43.26
C ARG R 13 16.50 -18.19 -43.26
#